data_8JYH
# 
_entry.id   8JYH 
# 
_audit_conform.dict_name       mmcif_pdbx.dic 
_audit_conform.dict_version    5.387 
_audit_conform.dict_location   http://mmcif.pdb.org/dictionaries/ascii/mmcif_pdbx.dic 
# 
loop_
_database_2.database_id 
_database_2.database_code 
_database_2.pdbx_database_accession 
_database_2.pdbx_DOI 
PDB   8JYH         pdb_00008jyh 10.2210/pdb8jyh/pdb 
WWPDB D_1300038653 ?            ?                   
# 
loop_
_pdbx_audit_revision_history.ordinal 
_pdbx_audit_revision_history.data_content_type 
_pdbx_audit_revision_history.major_revision 
_pdbx_audit_revision_history.minor_revision 
_pdbx_audit_revision_history.revision_date 
1 'Structure model' 1 0 2023-08-16 
2 'Structure model' 1 1 2024-02-28 
# 
_pdbx_audit_revision_details.ordinal             1 
_pdbx_audit_revision_details.revision_ordinal    1 
_pdbx_audit_revision_details.data_content_type   'Structure model' 
_pdbx_audit_revision_details.provider            repository 
_pdbx_audit_revision_details.type                'Initial release' 
_pdbx_audit_revision_details.description         ? 
_pdbx_audit_revision_details.details             ? 
# 
_pdbx_audit_revision_group.ordinal             1 
_pdbx_audit_revision_group.revision_ordinal    2 
_pdbx_audit_revision_group.data_content_type   'Structure model' 
_pdbx_audit_revision_group.group               'Database references' 
# 
loop_
_pdbx_audit_revision_category.ordinal 
_pdbx_audit_revision_category.revision_ordinal 
_pdbx_audit_revision_category.data_content_type 
_pdbx_audit_revision_category.category 
1 2 'Structure model' citation        
2 2 'Structure model' citation_author 
# 
loop_
_pdbx_audit_revision_item.ordinal 
_pdbx_audit_revision_item.revision_ordinal 
_pdbx_audit_revision_item.data_content_type 
_pdbx_audit_revision_item.item 
1  2 'Structure model' '_citation.country'                 
2  2 'Structure model' '_citation.journal_abbrev'          
3  2 'Structure model' '_citation.journal_id_CSD'          
4  2 'Structure model' '_citation.journal_id_ISSN'         
5  2 'Structure model' '_citation.journal_volume'          
6  2 'Structure model' '_citation.page_first'              
7  2 'Structure model' '_citation.page_last'               
8  2 'Structure model' '_citation.pdbx_database_id_DOI'    
9  2 'Structure model' '_citation.pdbx_database_id_PubMed' 
10 2 'Structure model' '_citation.title'                   
11 2 'Structure model' '_citation.year'                    
12 2 'Structure model' '_citation_author.identifier_ORCID' 
# 
_pdbx_database_status.status_code                     REL 
_pdbx_database_status.status_code_sf                  REL 
_pdbx_database_status.status_code_mr                  ? 
_pdbx_database_status.entry_id                        8JYH 
_pdbx_database_status.recvd_initial_deposition_date   2023-07-03 
_pdbx_database_status.SG_entry                        N 
_pdbx_database_status.deposit_site                    PDBJ 
_pdbx_database_status.process_site                    PDBJ 
_pdbx_database_status.status_code_cs                  ? 
_pdbx_database_status.status_code_nmr_data            ? 
_pdbx_database_status.methods_development_category    ? 
_pdbx_database_status.pdb_format_compatible           Y 
# 
_pdbx_contact_author.id                 2 
_pdbx_contact_author.email              hoshino@chiba-u.jp 
_pdbx_contact_author.name_first         Tyuji 
_pdbx_contact_author.name_last          Hoshino 
_pdbx_contact_author.name_mi            ? 
_pdbx_contact_author.role               'principal investigator/group leader' 
_pdbx_contact_author.identifier_ORCID   0000-0003-4705-4412 
# 
loop_
_audit_author.name 
_audit_author.pdbx_ordinal 
_audit_author.identifier_ORCID 
'Ito, Y.'      1 ?                   
'Lu, H.'       2 ?                   
'Kitajima, M.' 3 ?                   
'Ishikawa, H.' 4 ?                   
'Nakata, Y.'   5 ?                   
'Iwatani, Y.'  6 ?                   
'Hoshino, T.'  7 0000-0003-4705-4412 
# 
_citation.abstract                  ? 
_citation.abstract_id_CAS           ? 
_citation.book_id_ISBN              ? 
_citation.book_publisher            ? 
_citation.book_publisher_city       ? 
_citation.book_title                ? 
_citation.coordinate_linkage        ? 
_citation.country                   US 
_citation.database_id_Medline       ? 
_citation.details                   ? 
_citation.id                        primary 
_citation.journal_abbrev            J.Nat.Prod. 
_citation.journal_id_ASTM           ? 
_citation.journal_id_CSD            ? 
_citation.journal_id_ISSN           1520-6025 
_citation.journal_full              ? 
_citation.journal_issue             ? 
_citation.journal_volume            86 
_citation.language                  ? 
_citation.page_first                2487 
_citation.page_last                 2495 
_citation.title                     
'Sticklac-Derived Natural Compounds Inhibiting RNase H Activity of HIV-1 Reverse Transcriptase.' 
_citation.year                      2023 
_citation.database_id_CSD           ? 
_citation.pdbx_database_id_DOI      10.1021/acs.jnatprod.3c00662 
_citation.pdbx_database_id_PubMed   37874155 
_citation.pdbx_database_id_patent   ? 
_citation.unpublished_flag          ? 
# 
loop_
_citation_author.citation_id 
_citation_author.name 
_citation_author.ordinal 
_citation_author.identifier_ORCID 
primary 'Ito, Y.'      1 ?                   
primary 'Lu, H.'       2 ?                   
primary 'Kitajima, M.' 3 ?                   
primary 'Ishikawa, H.' 4 0000-0002-3884-2583 
primary 'Nakata, Y.'   5 ?                   
primary 'Iwatani, Y.'  6 ?                   
primary 'Hoshino, T.'  7 0000-0003-4705-4412 
# 
loop_
_entity.id 
_entity.type 
_entity.src_method 
_entity.pdbx_description 
_entity.formula_weight 
_entity.pdbx_number_of_molecules 
_entity.pdbx_ec 
_entity.pdbx_mutation 
_entity.pdbx_fragment 
_entity.details 
1 polymer     man 'Pol protein,Pol protein,HIV-1 Reverse Transcriptase RNase H active domain' 16832.285 1  3.1.26.13 ? ? ? 
2 non-polymer syn 'MANGANESE (II) ION' 54.938    2  ?         ? ? ? 
3 non-polymer syn 
;7-[5-[(2~{S})-2-azanyl-3-oxidanyl-3-oxidanylidene-propyl]-2-oxidanyl-phenyl]-3,5,6,8-tetrakis(oxidanyl)-9,10-bis(oxidanylidene)anthracene-1,2-dicarboxylic acid
;
539.401   1  ?         ? ? ? 
4 non-polymer syn 'ZINC ION' 65.409    2  ?         ? ? ? 
5 water       nat water 18.015    11 ?         ? ? ? 
# 
_entity_poly.entity_id                      1 
_entity_poly.type                           'polypeptide(L)' 
_entity_poly.nstd_linkage                   no 
_entity_poly.nstd_monomer                   no 
_entity_poly.pdbx_seq_one_letter_code       
;GPGGSMYQLEKEPIVGAETFYVDGAANRETKLGKAGYVTNRGRQKVVTLTDTTNQKTELQAIYLALQDSGLEVNIVTDSQ
YALGIITQWIHNWKKRGWKTPVKNVDLVNQIIEQLIKKEKVYLAWVPAHKGIGGNEQVDKLVSAGIRKVLF
;
_entity_poly.pdbx_seq_one_letter_code_can   
;GPGGSMYQLEKEPIVGAETFYVDGAANRETKLGKAGYVTNRGRQKVVTLTDTTNQKTELQAIYLALQDSGLEVNIVTDSQ
YALGIITQWIHNWKKRGWKTPVKNVDLVNQIIEQLIKKEKVYLAWVPAHKGIGGNEQVDKLVSAGIRKVLF
;
_entity_poly.pdbx_strand_id                 A 
_entity_poly.pdbx_target_identifier         ? 
# 
loop_
_pdbx_entity_nonpoly.entity_id 
_pdbx_entity_nonpoly.name 
_pdbx_entity_nonpoly.comp_id 
2 'MANGANESE (II) ION' MN  
3 
;7-[5-[(2~{S})-2-azanyl-3-oxidanyl-3-oxidanylidene-propyl]-2-oxidanyl-phenyl]-3,5,6,8-tetrakis(oxidanyl)-9,10-bis(oxidanylidene)anthracene-1,2-dicarboxylic acid
;
V96 
4 'ZINC ION' ZN  
5 water HOH 
# 
loop_
_entity_poly_seq.entity_id 
_entity_poly_seq.num 
_entity_poly_seq.mon_id 
_entity_poly_seq.hetero 
1 1   GLY n 
1 2   PRO n 
1 3   GLY n 
1 4   GLY n 
1 5   SER n 
1 6   MET n 
1 7   TYR n 
1 8   GLN n 
1 9   LEU n 
1 10  GLU n 
1 11  LYS n 
1 12  GLU n 
1 13  PRO n 
1 14  ILE n 
1 15  VAL n 
1 16  GLY n 
1 17  ALA n 
1 18  GLU n 
1 19  THR n 
1 20  PHE n 
1 21  TYR n 
1 22  VAL n 
1 23  ASP n 
1 24  GLY n 
1 25  ALA n 
1 26  ALA n 
1 27  ASN n 
1 28  ARG n 
1 29  GLU n 
1 30  THR n 
1 31  LYS n 
1 32  LEU n 
1 33  GLY n 
1 34  LYS n 
1 35  ALA n 
1 36  GLY n 
1 37  TYR n 
1 38  VAL n 
1 39  THR n 
1 40  ASN n 
1 41  ARG n 
1 42  GLY n 
1 43  ARG n 
1 44  GLN n 
1 45  LYS n 
1 46  VAL n 
1 47  VAL n 
1 48  THR n 
1 49  LEU n 
1 50  THR n 
1 51  ASP n 
1 52  THR n 
1 53  THR n 
1 54  ASN n 
1 55  GLN n 
1 56  LYS n 
1 57  THR n 
1 58  GLU n 
1 59  LEU n 
1 60  GLN n 
1 61  ALA n 
1 62  ILE n 
1 63  TYR n 
1 64  LEU n 
1 65  ALA n 
1 66  LEU n 
1 67  GLN n 
1 68  ASP n 
1 69  SER n 
1 70  GLY n 
1 71  LEU n 
1 72  GLU n 
1 73  VAL n 
1 74  ASN n 
1 75  ILE n 
1 76  VAL n 
1 77  THR n 
1 78  ASP n 
1 79  SER n 
1 80  GLN n 
1 81  TYR n 
1 82  ALA n 
1 83  LEU n 
1 84  GLY n 
1 85  ILE n 
1 86  ILE n 
1 87  THR n 
1 88  GLN n 
1 89  TRP n 
1 90  ILE n 
1 91  HIS n 
1 92  ASN n 
1 93  TRP n 
1 94  LYS n 
1 95  LYS n 
1 96  ARG n 
1 97  GLY n 
1 98  TRP n 
1 99  LYS n 
1 100 THR n 
1 101 PRO n 
1 102 VAL n 
1 103 LYS n 
1 104 ASN n 
1 105 VAL n 
1 106 ASP n 
1 107 LEU n 
1 108 VAL n 
1 109 ASN n 
1 110 GLN n 
1 111 ILE n 
1 112 ILE n 
1 113 GLU n 
1 114 GLN n 
1 115 LEU n 
1 116 ILE n 
1 117 LYS n 
1 118 LYS n 
1 119 GLU n 
1 120 LYS n 
1 121 VAL n 
1 122 TYR n 
1 123 LEU n 
1 124 ALA n 
1 125 TRP n 
1 126 VAL n 
1 127 PRO n 
1 128 ALA n 
1 129 HIS n 
1 130 LYS n 
1 131 GLY n 
1 132 ILE n 
1 133 GLY n 
1 134 GLY n 
1 135 ASN n 
1 136 GLU n 
1 137 GLN n 
1 138 VAL n 
1 139 ASP n 
1 140 LYS n 
1 141 LEU n 
1 142 VAL n 
1 143 SER n 
1 144 ALA n 
1 145 GLY n 
1 146 ILE n 
1 147 ARG n 
1 148 LYS n 
1 149 VAL n 
1 150 LEU n 
1 151 PHE n 
# 
loop_
_entity_src_gen.entity_id 
_entity_src_gen.pdbx_src_id 
_entity_src_gen.pdbx_alt_source_flag 
_entity_src_gen.pdbx_seq_type 
_entity_src_gen.pdbx_beg_seq_num 
_entity_src_gen.pdbx_end_seq_num 
_entity_src_gen.gene_src_common_name 
_entity_src_gen.gene_src_genus 
_entity_src_gen.pdbx_gene_src_gene 
_entity_src_gen.gene_src_species 
_entity_src_gen.gene_src_strain 
_entity_src_gen.gene_src_tissue 
_entity_src_gen.gene_src_tissue_fraction 
_entity_src_gen.gene_src_details 
_entity_src_gen.pdbx_gene_src_fragment 
_entity_src_gen.pdbx_gene_src_scientific_name 
_entity_src_gen.pdbx_gene_src_ncbi_taxonomy_id 
_entity_src_gen.pdbx_gene_src_variant 
_entity_src_gen.pdbx_gene_src_cell_line 
_entity_src_gen.pdbx_gene_src_atcc 
_entity_src_gen.pdbx_gene_src_organ 
_entity_src_gen.pdbx_gene_src_organelle 
_entity_src_gen.pdbx_gene_src_cell 
_entity_src_gen.pdbx_gene_src_cellular_location 
_entity_src_gen.host_org_common_name 
_entity_src_gen.pdbx_host_org_scientific_name 
_entity_src_gen.pdbx_host_org_ncbi_taxonomy_id 
_entity_src_gen.host_org_genus 
_entity_src_gen.pdbx_host_org_gene 
_entity_src_gen.pdbx_host_org_organ 
_entity_src_gen.host_org_species 
_entity_src_gen.pdbx_host_org_tissue 
_entity_src_gen.pdbx_host_org_tissue_fraction 
_entity_src_gen.pdbx_host_org_strain 
_entity_src_gen.pdbx_host_org_variant 
_entity_src_gen.pdbx_host_org_cell_line 
_entity_src_gen.pdbx_host_org_atcc 
_entity_src_gen.pdbx_host_org_culture_collection 
_entity_src_gen.pdbx_host_org_cell 
_entity_src_gen.pdbx_host_org_organelle 
_entity_src_gen.pdbx_host_org_cellular_location 
_entity_src_gen.pdbx_host_org_vector_type 
_entity_src_gen.pdbx_host_org_vector 
_entity_src_gen.host_org_details 
_entity_src_gen.expression_system_id 
_entity_src_gen.plasmid_name 
_entity_src_gen.plasmid_details 
_entity_src_gen.pdbx_description 
1 1 sample 'Biological sequence' 1   86  ? ? pol ? ? ? ? ? ? 'HIV-1 06TG.HT008' 587638 ? ? ? ? ? ? ? ? 
;Escherichia coli 'BL21-Gold(DE3)pLysS AG'
;
866768 ? ? ? ? ? ? ? ? ? ? ? ? ? ? ? ? ? ? ? ? ? 
1 2 sample 'Biological sequence' 87  106 ? ? ?   ? ? ? ? ? ? 'HIV-1 06TG.HT008' 587638 ? ? ? ? ? ? ? ? 
;Escherichia coli 'BL21-Gold(DE3)pLysS AG'
;
866768 ? ? ? ? ? ? ? ? ? ? ? ? ? ? ? ? ? ? ? ? ? 
1 3 sample 'Biological sequence' 107 151 ? ? pol ? ? ? ? ? ? 'HIV-1 06TG.HT008' 587638 ? ? ? ? ? ? ? ? 
;Escherichia coli 'BL21-Gold(DE3)pLysS AG'
;
866768 ? ? ? ? ? ? ? ? ? ? ? ? ? ? ? ? ? ? ? ? ? 
# 
loop_
_chem_comp.id 
_chem_comp.type 
_chem_comp.mon_nstd_flag 
_chem_comp.name 
_chem_comp.pdbx_synonyms 
_chem_comp.formula 
_chem_comp.formula_weight 
ALA 'L-peptide linking' y ALANINE ? 'C3 H7 N O2'     89.093  
ARG 'L-peptide linking' y ARGININE ? 'C6 H15 N4 O2 1' 175.209 
ASN 'L-peptide linking' y ASPARAGINE ? 'C4 H8 N2 O3'    132.118 
ASP 'L-peptide linking' y 'ASPARTIC ACID' ? 'C4 H7 N O4'     133.103 
GLN 'L-peptide linking' y GLUTAMINE ? 'C5 H10 N2 O3'   146.144 
GLU 'L-peptide linking' y 'GLUTAMIC ACID' ? 'C5 H9 N O4'     147.129 
GLY 'peptide linking'   y GLYCINE ? 'C2 H5 N O2'     75.067  
HIS 'L-peptide linking' y HISTIDINE ? 'C6 H10 N3 O2 1' 156.162 
HOH non-polymer         . WATER ? 'H2 O'           18.015  
ILE 'L-peptide linking' y ISOLEUCINE ? 'C6 H13 N O2'    131.173 
LEU 'L-peptide linking' y LEUCINE ? 'C6 H13 N O2'    131.173 
LYS 'L-peptide linking' y LYSINE ? 'C6 H15 N2 O2 1' 147.195 
MET 'L-peptide linking' y METHIONINE ? 'C5 H11 N O2 S'  149.211 
MN  non-polymer         . 'MANGANESE (II) ION' ? 'Mn 2'           54.938  
PHE 'L-peptide linking' y PHENYLALANINE ? 'C9 H11 N O2'    165.189 
PRO 'L-peptide linking' y PROLINE ? 'C5 H9 N O2'     115.130 
SER 'L-peptide linking' y SERINE ? 'C3 H7 N O3'     105.093 
THR 'L-peptide linking' y THREONINE ? 'C4 H9 N O3'     119.119 
TRP 'L-peptide linking' y TRYPTOPHAN ? 'C11 H12 N2 O2'  204.225 
TYR 'L-peptide linking' y TYROSINE ? 'C9 H11 N O3'    181.189 
V96 non-polymer         . 
;7-[5-[(2~{S})-2-azanyl-3-oxidanyl-3-oxidanylidene-propyl]-2-oxidanyl-phenyl]-3,5,6,8-tetrakis(oxidanyl)-9,10-bis(oxidanylidene)anthracene-1,2-dicarboxylic acid
;
? 'C25 H17 N O13'  539.401 
VAL 'L-peptide linking' y VALINE ? 'C5 H11 N O2'    117.146 
ZN  non-polymer         . 'ZINC ION' ? 'Zn 2'           65.409  
# 
loop_
_pdbx_poly_seq_scheme.asym_id 
_pdbx_poly_seq_scheme.entity_id 
_pdbx_poly_seq_scheme.seq_id 
_pdbx_poly_seq_scheme.mon_id 
_pdbx_poly_seq_scheme.ndb_seq_num 
_pdbx_poly_seq_scheme.pdb_seq_num 
_pdbx_poly_seq_scheme.auth_seq_num 
_pdbx_poly_seq_scheme.pdb_mon_id 
_pdbx_poly_seq_scheme.auth_mon_id 
_pdbx_poly_seq_scheme.pdb_strand_id 
_pdbx_poly_seq_scheme.pdb_ins_code 
_pdbx_poly_seq_scheme.hetero 
A 1 1   GLY 1   1   ?   ?   ?   A . n 
A 1 2   PRO 2   2   ?   ?   ?   A . n 
A 1 3   GLY 3   3   ?   ?   ?   A . n 
A 1 4   GLY 4   4   ?   ?   ?   A . n 
A 1 5   SER 5   5   ?   ?   ?   A . n 
A 1 6   MET 6   6   6   MET MET A . n 
A 1 7   TYR 7   7   7   TYR TYR A . n 
A 1 8   GLN 8   8   8   GLN GLN A . n 
A 1 9   LEU 9   9   9   LEU LEU A . n 
A 1 10  GLU 10  10  10  GLU GLU A . n 
A 1 11  LYS 11  11  11  LYS LYS A . n 
A 1 12  GLU 12  12  12  GLU GLU A . n 
A 1 13  PRO 13  13  13  PRO PRO A . n 
A 1 14  ILE 14  14  14  ILE ILE A . n 
A 1 15  VAL 15  15  15  VAL VAL A . n 
A 1 16  GLY 16  16  16  GLY GLY A . n 
A 1 17  ALA 17  17  17  ALA ALA A . n 
A 1 18  GLU 18  18  18  GLU GLU A . n 
A 1 19  THR 19  19  19  THR THR A . n 
A 1 20  PHE 20  20  20  PHE PHE A . n 
A 1 21  TYR 21  21  21  TYR TYR A . n 
A 1 22  VAL 22  22  22  VAL VAL A . n 
A 1 23  ASP 23  23  23  ASP ASP A . n 
A 1 24  GLY 24  24  24  GLY GLY A . n 
A 1 25  ALA 25  25  25  ALA ALA A . n 
A 1 26  ALA 26  26  26  ALA ALA A . n 
A 1 27  ASN 27  27  27  ASN ASN A . n 
A 1 28  ARG 28  28  28  ARG ARG A . n 
A 1 29  GLU 29  29  29  GLU GLU A . n 
A 1 30  THR 30  30  30  THR THR A . n 
A 1 31  LYS 31  31  31  LYS LYS A . n 
A 1 32  LEU 32  32  32  LEU LEU A . n 
A 1 33  GLY 33  33  33  GLY GLY A . n 
A 1 34  LYS 34  34  34  LYS LYS A . n 
A 1 35  ALA 35  35  35  ALA ALA A . n 
A 1 36  GLY 36  36  36  GLY GLY A . n 
A 1 37  TYR 37  37  37  TYR TYR A . n 
A 1 38  VAL 38  38  38  VAL VAL A . n 
A 1 39  THR 39  39  39  THR THR A . n 
A 1 40  ASN 40  40  40  ASN ASN A . n 
A 1 41  ARG 41  41  41  ARG ARG A . n 
A 1 42  GLY 42  42  42  GLY GLY A . n 
A 1 43  ARG 43  43  43  ARG ARG A . n 
A 1 44  GLN 44  44  44  GLN GLN A . n 
A 1 45  LYS 45  45  45  LYS LYS A . n 
A 1 46  VAL 46  46  46  VAL VAL A . n 
A 1 47  VAL 47  47  47  VAL VAL A . n 
A 1 48  THR 48  48  48  THR THR A . n 
A 1 49  LEU 49  49  49  LEU LEU A . n 
A 1 50  THR 50  50  50  THR THR A . n 
A 1 51  ASP 51  51  51  ASP ASP A . n 
A 1 52  THR 52  52  52  THR THR A . n 
A 1 53  THR 53  53  53  THR THR A . n 
A 1 54  ASN 54  54  54  ASN ASN A . n 
A 1 55  GLN 55  55  55  GLN GLN A . n 
A 1 56  LYS 56  56  56  LYS LYS A . n 
A 1 57  THR 57  57  57  THR THR A . n 
A 1 58  GLU 58  58  58  GLU GLU A . n 
A 1 59  LEU 59  59  59  LEU LEU A . n 
A 1 60  GLN 60  60  60  GLN GLN A . n 
A 1 61  ALA 61  61  61  ALA ALA A . n 
A 1 62  ILE 62  62  62  ILE ILE A . n 
A 1 63  TYR 63  63  63  TYR TYR A . n 
A 1 64  LEU 64  64  64  LEU LEU A . n 
A 1 65  ALA 65  65  65  ALA ALA A . n 
A 1 66  LEU 66  66  66  LEU LEU A . n 
A 1 67  GLN 67  67  67  GLN GLN A . n 
A 1 68  ASP 68  68  68  ASP ASP A . n 
A 1 69  SER 69  69  69  SER SER A . n 
A 1 70  GLY 70  70  70  GLY GLY A . n 
A 1 71  LEU 71  71  71  LEU LEU A . n 
A 1 72  GLU 72  72  72  GLU GLU A . n 
A 1 73  VAL 73  73  73  VAL VAL A . n 
A 1 74  ASN 74  74  74  ASN ASN A . n 
A 1 75  ILE 75  75  75  ILE ILE A . n 
A 1 76  VAL 76  76  76  VAL VAL A . n 
A 1 77  THR 77  77  77  THR THR A . n 
A 1 78  ASP 78  78  78  ASP ASP A . n 
A 1 79  SER 79  79  79  SER SER A . n 
A 1 80  GLN 80  80  80  GLN GLN A . n 
A 1 81  TYR 81  81  81  TYR TYR A . n 
A 1 82  ALA 82  82  82  ALA ALA A . n 
A 1 83  LEU 83  83  83  LEU LEU A . n 
A 1 84  GLY 84  84  84  GLY GLY A . n 
A 1 85  ILE 85  85  85  ILE ILE A . n 
A 1 86  ILE 86  86  86  ILE ILE A . n 
A 1 87  THR 87  87  87  THR THR A . n 
A 1 88  GLN 88  88  88  GLN GLN A . n 
A 1 89  TRP 89  89  89  TRP TRP A . n 
A 1 90  ILE 90  90  90  ILE ILE A . n 
A 1 91  HIS 91  91  91  HIS HIS A . n 
A 1 92  ASN 92  92  92  ASN ASN A . n 
A 1 93  TRP 93  93  93  TRP TRP A . n 
A 1 94  LYS 94  94  94  LYS LYS A . n 
A 1 95  LYS 95  95  95  LYS LYS A . n 
A 1 96  ARG 96  96  96  ARG ARG A . n 
A 1 97  GLY 97  97  97  GLY GLY A . n 
A 1 98  TRP 98  98  98  TRP TRP A . n 
A 1 99  LYS 99  99  99  LYS LYS A . n 
A 1 100 THR 100 100 100 THR THR A . n 
A 1 101 PRO 101 101 101 PRO PRO A . n 
A 1 102 VAL 102 102 102 VAL VAL A . n 
A 1 103 LYS 103 103 103 LYS LYS A . n 
A 1 104 ASN 104 104 104 ASN ASN A . n 
A 1 105 VAL 105 105 105 VAL VAL A . n 
A 1 106 ASP 106 106 106 ASP ASP A . n 
A 1 107 LEU 107 107 107 LEU LEU A . n 
A 1 108 VAL 108 108 108 VAL VAL A . n 
A 1 109 ASN 109 109 109 ASN ASN A . n 
A 1 110 GLN 110 110 110 GLN GLN A . n 
A 1 111 ILE 111 111 111 ILE ILE A . n 
A 1 112 ILE 112 112 112 ILE ILE A . n 
A 1 113 GLU 113 113 113 GLU GLU A . n 
A 1 114 GLN 114 114 114 GLN GLN A . n 
A 1 115 LEU 115 115 115 LEU LEU A . n 
A 1 116 ILE 116 116 116 ILE ILE A . n 
A 1 117 LYS 117 117 117 LYS LYS A . n 
A 1 118 LYS 118 118 118 LYS LYS A . n 
A 1 119 GLU 119 119 119 GLU GLU A . n 
A 1 120 LYS 120 120 120 LYS LYS A . n 
A 1 121 VAL 121 121 121 VAL VAL A . n 
A 1 122 TYR 122 122 122 TYR TYR A . n 
A 1 123 LEU 123 123 123 LEU LEU A . n 
A 1 124 ALA 124 124 124 ALA ALA A . n 
A 1 125 TRP 125 125 125 TRP TRP A . n 
A 1 126 VAL 126 126 126 VAL VAL A . n 
A 1 127 PRO 127 127 127 PRO PRO A . n 
A 1 128 ALA 128 128 128 ALA ALA A . n 
A 1 129 HIS 129 129 129 HIS HIS A . n 
A 1 130 LYS 130 130 130 LYS LYS A . n 
A 1 131 GLY 131 131 131 GLY GLY A . n 
A 1 132 ILE 132 132 132 ILE ILE A . n 
A 1 133 GLY 133 133 133 GLY GLY A . n 
A 1 134 GLY 134 134 134 GLY GLY A . n 
A 1 135 ASN 135 135 135 ASN ASN A . n 
A 1 136 GLU 136 136 136 GLU GLU A . n 
A 1 137 GLN 137 137 137 GLN GLN A . n 
A 1 138 VAL 138 138 138 VAL VAL A . n 
A 1 139 ASP 139 139 139 ASP ASP A . n 
A 1 140 LYS 140 140 140 LYS LYS A . n 
A 1 141 LEU 141 141 141 LEU LEU A . n 
A 1 142 VAL 142 142 142 VAL VAL A . n 
A 1 143 SER 143 143 143 SER SER A . n 
A 1 144 ALA 144 144 144 ALA ALA A . n 
A 1 145 GLY 145 145 145 GLY GLY A . n 
A 1 146 ILE 146 146 146 ILE ILE A . n 
A 1 147 ARG 147 147 147 ARG ARG A . n 
A 1 148 LYS 148 148 148 LYS LYS A . n 
A 1 149 VAL 149 149 149 VAL VAL A . n 
A 1 150 LEU 150 150 ?   ?   ?   A . n 
A 1 151 PHE 151 151 ?   ?   ?   A . n 
# 
loop_
_pdbx_nonpoly_scheme.asym_id 
_pdbx_nonpoly_scheme.entity_id 
_pdbx_nonpoly_scheme.mon_id 
_pdbx_nonpoly_scheme.ndb_seq_num 
_pdbx_nonpoly_scheme.pdb_seq_num 
_pdbx_nonpoly_scheme.auth_seq_num 
_pdbx_nonpoly_scheme.pdb_mon_id 
_pdbx_nonpoly_scheme.auth_mon_id 
_pdbx_nonpoly_scheme.pdb_strand_id 
_pdbx_nonpoly_scheme.pdb_ins_code 
B 2 MN  1  201 150 MN  MN  A . 
C 2 MN  1  202 151 MN  MN  A . 
D 3 V96 1  203 152 V96 V96 A . 
E 4 ZN  1  204 153 ZN  ZN  A . 
F 4 ZN  1  205 154 ZN  ZN  A . 
G 5 HOH 1  301 12  HOH HOH A . 
G 5 HOH 2  302 2   HOH HOH A . 
G 5 HOH 3  303 1   HOH HOH A . 
G 5 HOH 4  304 11  HOH HOH A . 
G 5 HOH 5  305 8   HOH HOH A . 
G 5 HOH 6  306 9   HOH HOH A . 
G 5 HOH 7  307 5   HOH HOH A . 
G 5 HOH 8  308 4   HOH HOH A . 
G 5 HOH 9  309 3   HOH HOH A . 
G 5 HOH 10 310 6   HOH HOH A . 
G 5 HOH 11 311 18  HOH HOH A . 
# 
loop_
_pdbx_unobs_or_zero_occ_atoms.id 
_pdbx_unobs_or_zero_occ_atoms.PDB_model_num 
_pdbx_unobs_or_zero_occ_atoms.polymer_flag 
_pdbx_unobs_or_zero_occ_atoms.occupancy_flag 
_pdbx_unobs_or_zero_occ_atoms.auth_asym_id 
_pdbx_unobs_or_zero_occ_atoms.auth_comp_id 
_pdbx_unobs_or_zero_occ_atoms.auth_seq_id 
_pdbx_unobs_or_zero_occ_atoms.PDB_ins_code 
_pdbx_unobs_or_zero_occ_atoms.auth_atom_id 
_pdbx_unobs_or_zero_occ_atoms.label_alt_id 
_pdbx_unobs_or_zero_occ_atoms.label_asym_id 
_pdbx_unobs_or_zero_occ_atoms.label_comp_id 
_pdbx_unobs_or_zero_occ_atoms.label_seq_id 
_pdbx_unobs_or_zero_occ_atoms.label_atom_id 
1  1 Y 1 A MET 6  ? CG ? A MET 6  CG 
2  1 Y 1 A MET 6  ? SD ? A MET 6  SD 
3  1 Y 1 A MET 6  ? CE ? A MET 6  CE 
4  1 Y 1 A LYS 94 ? CB ? A LYS 94 CB 
5  1 Y 1 A LYS 94 ? CG ? A LYS 94 CG 
6  1 Y 1 A LYS 94 ? CD ? A LYS 94 CD 
7  1 Y 1 A LYS 94 ? CE ? A LYS 94 CE 
8  1 Y 1 A LYS 94 ? NZ ? A LYS 94 NZ 
9  1 Y 1 A LYS 95 ? CB ? A LYS 95 CB 
10 1 Y 1 A LYS 95 ? CG ? A LYS 95 CG 
11 1 Y 1 A LYS 95 ? CD ? A LYS 95 CD 
12 1 Y 1 A LYS 95 ? CE ? A LYS 95 CE 
13 1 Y 1 A LYS 95 ? NZ ? A LYS 95 NZ 
14 1 Y 1 A LYS 99 ? CB ? A LYS 99 CB 
15 1 Y 1 A LYS 99 ? CG ? A LYS 99 CG 
16 1 Y 1 A LYS 99 ? CD ? A LYS 99 CD 
17 1 Y 1 A LYS 99 ? CE ? A LYS 99 CE 
18 1 Y 1 A LYS 99 ? NZ ? A LYS 99 NZ 
# 
loop_
_software.citation_id 
_software.classification 
_software.compiler_name 
_software.compiler_version 
_software.contact_author 
_software.contact_author_email 
_software.date 
_software.description 
_software.dependencies 
_software.hardware 
_software.language 
_software.location 
_software.mods 
_software.name 
_software.os 
_software.os_version 
_software.type 
_software.version 
_software.pdbx_ordinal 
? refinement       ? ? ? ? ? ? ? ? ? ? ? PHENIX  ? ? ? '(1.20.1_4487: ???)' 1 
? 'data scaling'   ? ? ? ? ? ? ? ? ? ? ? Aimless ? ? ? .                    2 
? 'data reduction' ? ? ? ? ? ? ? ? ? ? ? XDS     ? ? ? .                    3 
? phasing          ? ? ? ? ? ? ? ? ? ? ? PHASER  ? ? ? .                    4 
# 
_cell.angle_alpha                  90.00 
_cell.angle_alpha_esd              ? 
_cell.angle_beta                   90.00 
_cell.angle_beta_esd               ? 
_cell.angle_gamma                  90.00 
_cell.angle_gamma_esd              ? 
_cell.entry_id                     8JYH 
_cell.details                      ? 
_cell.formula_units_Z              ? 
_cell.length_a                     61.850 
_cell.length_a_esd                 ? 
_cell.length_b                     61.850 
_cell.length_b_esd                 ? 
_cell.length_c                     82.337 
_cell.length_c_esd                 ? 
_cell.volume                       ? 
_cell.volume_esd                   ? 
_cell.Z_PDB                        8 
_cell.reciprocal_angle_alpha       ? 
_cell.reciprocal_angle_beta        ? 
_cell.reciprocal_angle_gamma       ? 
_cell.reciprocal_angle_alpha_esd   ? 
_cell.reciprocal_angle_beta_esd    ? 
_cell.reciprocal_angle_gamma_esd   ? 
_cell.reciprocal_length_a          ? 
_cell.reciprocal_length_b          ? 
_cell.reciprocal_length_c          ? 
_cell.reciprocal_length_a_esd      ? 
_cell.reciprocal_length_b_esd      ? 
_cell.reciprocal_length_c_esd      ? 
_cell.pdbx_unique_axis             ? 
_cell.pdbx_esd_method              ? 
# 
_symmetry.entry_id                         8JYH 
_symmetry.cell_setting                     ? 
_symmetry.Int_Tables_number                92 
_symmetry.space_group_name_Hall            ? 
_symmetry.space_group_name_H-M             'P 41 21 2' 
_symmetry.pdbx_full_space_group_name_H-M   ? 
# 
_exptl.absorpt_coefficient_mu     ? 
_exptl.absorpt_correction_T_max   ? 
_exptl.absorpt_correction_T_min   ? 
_exptl.absorpt_correction_type    ? 
_exptl.absorpt_process_details    ? 
_exptl.entry_id                   8JYH 
_exptl.crystals_number            1 
_exptl.details                    ? 
_exptl.method                     'X-RAY DIFFRACTION' 
_exptl.method_details             ? 
# 
_exptl_crystal.colour                       ? 
_exptl_crystal.density_diffrn               ? 
_exptl_crystal.density_Matthews             2.34 
_exptl_crystal.density_method               ? 
_exptl_crystal.density_percent_sol          47.41 
_exptl_crystal.description                  ? 
_exptl_crystal.F_000                        ? 
_exptl_crystal.id                           1 
_exptl_crystal.preparation                  ? 
_exptl_crystal.size_max                     ? 
_exptl_crystal.size_mid                     ? 
_exptl_crystal.size_min                     ? 
_exptl_crystal.size_rad                     ? 
_exptl_crystal.colour_lustre                ? 
_exptl_crystal.colour_modifier              ? 
_exptl_crystal.colour_primary               ? 
_exptl_crystal.density_meas                 ? 
_exptl_crystal.density_meas_esd             ? 
_exptl_crystal.density_meas_gt              ? 
_exptl_crystal.density_meas_lt              ? 
_exptl_crystal.density_meas_temp            ? 
_exptl_crystal.density_meas_temp_esd        ? 
_exptl_crystal.density_meas_temp_gt         ? 
_exptl_crystal.density_meas_temp_lt         ? 
_exptl_crystal.pdbx_crystal_image_url       ? 
_exptl_crystal.pdbx_crystal_image_format    ? 
_exptl_crystal.pdbx_mosaicity               ? 
_exptl_crystal.pdbx_mosaicity_esd           ? 
_exptl_crystal.pdbx_mosaic_method           ? 
_exptl_crystal.pdbx_mosaic_block_size       ? 
_exptl_crystal.pdbx_mosaic_block_size_esd   ? 
# 
_exptl_crystal_grow.apparatus       ? 
_exptl_crystal_grow.atmosphere      ? 
_exptl_crystal_grow.crystal_id      1 
_exptl_crystal_grow.details         ? 
_exptl_crystal_grow.method          'VAPOR DIFFUSION, SITTING DROP' 
_exptl_crystal_grow.method_ref      ? 
_exptl_crystal_grow.pH              6.6 
_exptl_crystal_grow.pressure        ? 
_exptl_crystal_grow.pressure_esd    ? 
_exptl_crystal_grow.seeding         ? 
_exptl_crystal_grow.seeding_ref     ? 
_exptl_crystal_grow.temp_details    ? 
_exptl_crystal_grow.temp_esd        ? 
_exptl_crystal_grow.time            ? 
_exptl_crystal_grow.pdbx_details    '0.1M MES, 26%(v/v) PEG6000, 0.01 M Zinc Sulfate, 0.001 M MANGANESE CHLORIDE' 
_exptl_crystal_grow.pdbx_pH_range   ? 
_exptl_crystal_grow.temp            291 
# 
_diffrn.ambient_environment              ? 
_diffrn.ambient_temp                     100 
_diffrn.ambient_temp_details             ? 
_diffrn.ambient_temp_esd                 ? 
_diffrn.crystal_id                       1 
_diffrn.crystal_support                  ? 
_diffrn.crystal_treatment                ? 
_diffrn.details                          ? 
_diffrn.id                               1 
_diffrn.ambient_pressure                 ? 
_diffrn.ambient_pressure_esd             ? 
_diffrn.ambient_pressure_gt              ? 
_diffrn.ambient_pressure_lt              ? 
_diffrn.ambient_temp_gt                  ? 
_diffrn.ambient_temp_lt                  ? 
_diffrn.pdbx_serial_crystal_experiment   N 
# 
_diffrn_detector.details                      ? 
_diffrn_detector.detector                     PIXEL 
_diffrn_detector.diffrn_id                    1 
_diffrn_detector.type                         'DECTRIS EIGER X 4M' 
_diffrn_detector.area_resol_mean              ? 
_diffrn_detector.dtime                        ? 
_diffrn_detector.pdbx_frames_total            ? 
_diffrn_detector.pdbx_collection_time_total   ? 
_diffrn_detector.pdbx_collection_date         2022-06-27 
_diffrn_detector.pdbx_frequency               ? 
_diffrn_detector.id                           ? 
_diffrn_detector.number_of_axes               ? 
# 
_diffrn_radiation.collimation                      ? 
_diffrn_radiation.diffrn_id                        1 
_diffrn_radiation.filter_edge                      ? 
_diffrn_radiation.inhomogeneity                    ? 
_diffrn_radiation.monochromator                    'Si(111)' 
_diffrn_radiation.polarisn_norm                    ? 
_diffrn_radiation.polarisn_ratio                   ? 
_diffrn_radiation.probe                            ? 
_diffrn_radiation.type                             ? 
_diffrn_radiation.xray_symbol                      ? 
_diffrn_radiation.wavelength_id                    1 
_diffrn_radiation.pdbx_monochromatic_or_laue_m_l   M 
_diffrn_radiation.pdbx_wavelength_list             ? 
_diffrn_radiation.pdbx_wavelength                  ? 
_diffrn_radiation.pdbx_diffrn_protocol             'SINGLE WAVELENGTH' 
_diffrn_radiation.pdbx_analyzer                    ? 
_diffrn_radiation.pdbx_scattering_type             x-ray 
# 
_diffrn_radiation_wavelength.id           1 
_diffrn_radiation_wavelength.wavelength   1.0000 
_diffrn_radiation_wavelength.wt           1.0 
# 
_diffrn_source.current                     ? 
_diffrn_source.details                     ? 
_diffrn_source.diffrn_id                   1 
_diffrn_source.power                       ? 
_diffrn_source.size                        ? 
_diffrn_source.source                      SYNCHROTRON 
_diffrn_source.target                      ? 
_diffrn_source.type                        'PHOTON FACTORY BEAMLINE BL-17A' 
_diffrn_source.voltage                     ? 
_diffrn_source.take-off_angle              ? 
_diffrn_source.pdbx_wavelength_list        1.0000 
_diffrn_source.pdbx_wavelength             ? 
_diffrn_source.pdbx_synchrotron_beamline   BL-17A 
_diffrn_source.pdbx_synchrotron_site       'Photon Factory' 
# 
_reflns.B_iso_Wilson_estimate                          ? 
_reflns.entry_id                                       8JYH 
_reflns.data_reduction_details                         ? 
_reflns.data_reduction_method                          ? 
_reflns.d_resolution_high                              2.21 
_reflns.d_resolution_low                               43.73 
_reflns.details                                        ? 
_reflns.limit_h_max                                    ? 
_reflns.limit_h_min                                    ? 
_reflns.limit_k_max                                    ? 
_reflns.limit_k_min                                    ? 
_reflns.limit_l_max                                    ? 
_reflns.limit_l_min                                    ? 
_reflns.number_all                                     ? 
_reflns.number_obs                                     8440 
_reflns.observed_criterion                             ? 
_reflns.observed_criterion_F_max                       ? 
_reflns.observed_criterion_F_min                       ? 
_reflns.observed_criterion_I_max                       ? 
_reflns.observed_criterion_I_min                       ? 
_reflns.observed_criterion_sigma_F                     ? 
_reflns.observed_criterion_sigma_I                     ? 
_reflns.percent_possible_obs                           99.7 
_reflns.R_free_details                                 ? 
_reflns.Rmerge_F_all                                   ? 
_reflns.Rmerge_F_obs                                   ? 
_reflns.Friedel_coverage                               ? 
_reflns.number_gt                                      ? 
_reflns.threshold_expression                           ? 
_reflns.pdbx_redundancy                                12.7 
_reflns.pdbx_netI_over_av_sigmaI                       ? 
_reflns.pdbx_netI_over_sigmaI                          9.3 
_reflns.pdbx_res_netI_over_av_sigmaI_2                 ? 
_reflns.pdbx_res_netI_over_sigmaI_2                    ? 
_reflns.pdbx_chi_squared                               ? 
_reflns.pdbx_scaling_rejects                           ? 
_reflns.pdbx_d_res_high_opt                            ? 
_reflns.pdbx_d_res_low_opt                             ? 
_reflns.pdbx_d_res_opt_method                          ? 
_reflns.phase_calculation_details                      ? 
_reflns.pdbx_Rrim_I_all                                0.120 
_reflns.pdbx_Rpim_I_all                                0.035 
_reflns.pdbx_d_opt                                     ? 
_reflns.pdbx_number_measured_all                       106977 
_reflns.pdbx_diffrn_id                                 1 
_reflns.pdbx_ordinal                                   1 
_reflns.pdbx_CC_half                                   0.995 
_reflns.pdbx_CC_star                                   ? 
_reflns.pdbx_R_split                                   ? 
_reflns.pdbx_Rmerge_I_obs                              0.115 
_reflns.pdbx_Rmerge_I_all                              ? 
_reflns.pdbx_Rsym_value                                ? 
_reflns.pdbx_CC_split_method                           ? 
_reflns.pdbx_aniso_diffraction_limit_axis_1_ortho[1]   ? 
_reflns.pdbx_aniso_diffraction_limit_axis_1_ortho[2]   ? 
_reflns.pdbx_aniso_diffraction_limit_axis_1_ortho[3]   ? 
_reflns.pdbx_aniso_diffraction_limit_axis_2_ortho[1]   ? 
_reflns.pdbx_aniso_diffraction_limit_axis_2_ortho[2]   ? 
_reflns.pdbx_aniso_diffraction_limit_axis_2_ortho[3]   ? 
_reflns.pdbx_aniso_diffraction_limit_axis_3_ortho[1]   ? 
_reflns.pdbx_aniso_diffraction_limit_axis_3_ortho[2]   ? 
_reflns.pdbx_aniso_diffraction_limit_axis_3_ortho[3]   ? 
_reflns.pdbx_aniso_diffraction_limit_1                 ? 
_reflns.pdbx_aniso_diffraction_limit_2                 ? 
_reflns.pdbx_aniso_diffraction_limit_3                 ? 
_reflns.pdbx_aniso_B_tensor_eigenvector_1_ortho[1]     ? 
_reflns.pdbx_aniso_B_tensor_eigenvector_1_ortho[2]     ? 
_reflns.pdbx_aniso_B_tensor_eigenvector_1_ortho[3]     ? 
_reflns.pdbx_aniso_B_tensor_eigenvector_2_ortho[1]     ? 
_reflns.pdbx_aniso_B_tensor_eigenvector_2_ortho[2]     ? 
_reflns.pdbx_aniso_B_tensor_eigenvector_2_ortho[3]     ? 
_reflns.pdbx_aniso_B_tensor_eigenvector_3_ortho[1]     ? 
_reflns.pdbx_aniso_B_tensor_eigenvector_3_ortho[2]     ? 
_reflns.pdbx_aniso_B_tensor_eigenvector_3_ortho[3]     ? 
_reflns.pdbx_aniso_B_tensor_eigenvalue_1               ? 
_reflns.pdbx_aniso_B_tensor_eigenvalue_2               ? 
_reflns.pdbx_aniso_B_tensor_eigenvalue_3               ? 
_reflns.pdbx_orthogonalization_convention              ? 
_reflns.pdbx_percent_possible_ellipsoidal              ? 
_reflns.pdbx_percent_possible_spherical                ? 
_reflns.pdbx_percent_possible_ellipsoidal_anomalous    ? 
_reflns.pdbx_percent_possible_spherical_anomalous      ? 
_reflns.pdbx_redundancy_anomalous                      ? 
_reflns.pdbx_CC_half_anomalous                         ? 
_reflns.pdbx_absDiff_over_sigma_anomalous              ? 
_reflns.pdbx_percent_possible_anomalous                ? 
_reflns.pdbx_observed_signal_threshold                 ? 
_reflns.pdbx_signal_type                               ? 
_reflns.pdbx_signal_details                            ? 
_reflns.pdbx_signal_software_id                        ? 
# 
_reflns_shell.d_res_high                                    2.21 
_reflns_shell.d_res_low                                     2.29 
_reflns_shell.meanI_over_sigI_all                           ? 
_reflns_shell.meanI_over_sigI_obs                           ? 
_reflns_shell.number_measured_all                           9360 
_reflns_shell.number_measured_obs                           ? 
_reflns_shell.number_possible                               ? 
_reflns_shell.number_unique_all                             ? 
_reflns_shell.number_unique_obs                             730 
_reflns_shell.percent_possible_obs                          97.2 
_reflns_shell.Rmerge_F_all                                  ? 
_reflns_shell.Rmerge_F_obs                                  ? 
_reflns_shell.meanI_over_sigI_gt                            ? 
_reflns_shell.meanI_over_uI_all                             ? 
_reflns_shell.meanI_over_uI_gt                              ? 
_reflns_shell.number_measured_gt                            ? 
_reflns_shell.number_unique_gt                              ? 
_reflns_shell.percent_possible_gt                           ? 
_reflns_shell.Rmerge_F_gt                                   ? 
_reflns_shell.Rmerge_I_gt                                   ? 
_reflns_shell.pdbx_redundancy                               12.8 
_reflns_shell.pdbx_chi_squared                              ? 
_reflns_shell.pdbx_netI_over_sigmaI_all                     ? 
_reflns_shell.pdbx_netI_over_sigmaI_obs                     1.4 
_reflns_shell.pdbx_Rrim_I_all                               1.346 
_reflns_shell.pdbx_Rpim_I_all                               0.372 
_reflns_shell.pdbx_rejects                                  ? 
_reflns_shell.pdbx_ordinal                                  1 
_reflns_shell.pdbx_diffrn_id                                1 
_reflns_shell.pdbx_CC_half                                  0.735 
_reflns_shell.pdbx_CC_star                                  ? 
_reflns_shell.pdbx_R_split                                  ? 
_reflns_shell.percent_possible_all                          ? 
_reflns_shell.Rmerge_I_all                                  ? 
_reflns_shell.Rmerge_I_obs                                  1.293 
_reflns_shell.pdbx_Rsym_value                               ? 
_reflns_shell.pdbx_percent_possible_ellipsoidal             ? 
_reflns_shell.pdbx_percent_possible_spherical               ? 
_reflns_shell.pdbx_percent_possible_ellipsoidal_anomalous   ? 
_reflns_shell.pdbx_percent_possible_spherical_anomalous     ? 
_reflns_shell.pdbx_redundancy_anomalous                     ? 
_reflns_shell.pdbx_CC_half_anomalous                        ? 
_reflns_shell.pdbx_absDiff_over_sigma_anomalous             ? 
_reflns_shell.pdbx_percent_possible_anomalous               ? 
# 
_refine.aniso_B[1][1]                            ? 
_refine.aniso_B[1][2]                            ? 
_refine.aniso_B[1][3]                            ? 
_refine.aniso_B[2][2]                            ? 
_refine.aniso_B[2][3]                            ? 
_refine.aniso_B[3][3]                            ? 
_refine.B_iso_max                                ? 
_refine.B_iso_mean                               ? 
_refine.B_iso_min                                ? 
_refine.correlation_coeff_Fo_to_Fc               ? 
_refine.correlation_coeff_Fo_to_Fc_free          ? 
_refine.details                                  ? 
_refine.diff_density_max                         ? 
_refine.diff_density_max_esd                     ? 
_refine.diff_density_min                         ? 
_refine.diff_density_min_esd                     ? 
_refine.diff_density_rms                         ? 
_refine.diff_density_rms_esd                     ? 
_refine.entry_id                                 8JYH 
_refine.pdbx_refine_id                           'X-RAY DIFFRACTION' 
_refine.ls_abs_structure_details                 ? 
_refine.ls_abs_structure_Flack                   ? 
_refine.ls_abs_structure_Flack_esd               ? 
_refine.ls_abs_structure_Rogers                  ? 
_refine.ls_abs_structure_Rogers_esd              ? 
_refine.ls_d_res_high                            2.21 
_refine.ls_d_res_low                             43.73 
_refine.ls_extinction_coef                       ? 
_refine.ls_extinction_coef_esd                   ? 
_refine.ls_extinction_expression                 ? 
_refine.ls_extinction_method                     ? 
_refine.ls_goodness_of_fit_all                   ? 
_refine.ls_goodness_of_fit_all_esd               ? 
_refine.ls_goodness_of_fit_obs                   ? 
_refine.ls_goodness_of_fit_obs_esd               ? 
_refine.ls_hydrogen_treatment                    ? 
_refine.ls_matrix_type                           ? 
_refine.ls_number_constraints                    ? 
_refine.ls_number_parameters                     ? 
_refine.ls_number_reflns_all                     ? 
_refine.ls_number_reflns_obs                     7885 
_refine.ls_number_reflns_R_free                  787 
_refine.ls_number_reflns_R_work                  ? 
_refine.ls_number_restraints                     ? 
_refine.ls_percent_reflns_obs                    93.62 
_refine.ls_percent_reflns_R_free                 9.98 
_refine.ls_R_factor_all                          ? 
_refine.ls_R_factor_obs                          0.2335 
_refine.ls_R_factor_R_free                       0.2823 
_refine.ls_R_factor_R_free_error                 ? 
_refine.ls_R_factor_R_free_error_details         ? 
_refine.ls_R_factor_R_work                       0.2278 
_refine.ls_R_Fsqd_factor_obs                     ? 
_refine.ls_R_I_factor_obs                        ? 
_refine.ls_redundancy_reflns_all                 ? 
_refine.ls_redundancy_reflns_obs                 ? 
_refine.ls_restrained_S_all                      ? 
_refine.ls_restrained_S_obs                      ? 
_refine.ls_shift_over_esd_max                    ? 
_refine.ls_shift_over_esd_mean                   ? 
_refine.ls_structure_factor_coef                 ? 
_refine.ls_weighting_details                     ? 
_refine.ls_weighting_scheme                      ? 
_refine.ls_wR_factor_all                         ? 
_refine.ls_wR_factor_obs                         ? 
_refine.ls_wR_factor_R_free                      ? 
_refine.ls_wR_factor_R_work                      ? 
_refine.occupancy_max                            ? 
_refine.occupancy_min                            ? 
_refine.solvent_model_details                    'FLAT BULK SOLVENT MODEL' 
_refine.solvent_model_param_bsol                 ? 
_refine.solvent_model_param_ksol                 ? 
_refine.pdbx_R_complete                          ? 
_refine.ls_R_factor_gt                           ? 
_refine.ls_goodness_of_fit_gt                    ? 
_refine.ls_goodness_of_fit_ref                   ? 
_refine.ls_shift_over_su_max                     ? 
_refine.ls_shift_over_su_max_lt                  ? 
_refine.ls_shift_over_su_mean                    ? 
_refine.ls_shift_over_su_mean_lt                 ? 
_refine.pdbx_ls_sigma_I                          ? 
_refine.pdbx_ls_sigma_F                          0.02 
_refine.pdbx_ls_sigma_Fsqd                       ? 
_refine.pdbx_data_cutoff_high_absF               ? 
_refine.pdbx_data_cutoff_high_rms_absF           ? 
_refine.pdbx_data_cutoff_low_absF                ? 
_refine.pdbx_isotropic_thermal_model             ? 
_refine.pdbx_ls_cross_valid_method               'FREE R-VALUE' 
_refine.pdbx_method_to_determine_struct          'MOLECULAR REPLACEMENT' 
_refine.pdbx_starting_model                      ? 
_refine.pdbx_stereochemistry_target_values       ML 
_refine.pdbx_R_Free_selection_details            ? 
_refine.pdbx_stereochem_target_val_spec_case     ? 
_refine.pdbx_overall_ESU_R                       ? 
_refine.pdbx_overall_ESU_R_Free                  ? 
_refine.pdbx_solvent_vdw_probe_radii             1.10 
_refine.pdbx_solvent_ion_probe_radii             ? 
_refine.pdbx_solvent_shrinkage_radii             0.90 
_refine.pdbx_real_space_R                        ? 
_refine.pdbx_density_correlation                 ? 
_refine.pdbx_pd_number_of_powder_patterns        ? 
_refine.pdbx_pd_number_of_points                 ? 
_refine.pdbx_pd_meas_number_of_points            ? 
_refine.pdbx_pd_proc_ls_prof_R_factor            ? 
_refine.pdbx_pd_proc_ls_prof_wR_factor           ? 
_refine.pdbx_pd_Marquardt_correlation_coeff      ? 
_refine.pdbx_pd_Fsqrd_R_factor                   ? 
_refine.pdbx_pd_ls_matrix_band_width             ? 
_refine.pdbx_overall_phase_error                 34.00 
_refine.pdbx_overall_SU_R_free_Cruickshank_DPI   ? 
_refine.pdbx_overall_SU_R_free_Blow_DPI          ? 
_refine.pdbx_overall_SU_R_Blow_DPI               ? 
_refine.pdbx_TLS_residual_ADP_flag               ? 
_refine.pdbx_diffrn_id                           1 
_refine.overall_SU_B                             ? 
_refine.overall_SU_ML                            0.34 
_refine.overall_SU_R_Cruickshank_DPI             ? 
_refine.overall_SU_R_free                        ? 
_refine.overall_FOM_free_R_set                   ? 
_refine.overall_FOM_work_R_set                   ? 
_refine.pdbx_average_fsc_overall                 ? 
_refine.pdbx_average_fsc_work                    ? 
_refine.pdbx_average_fsc_free                    ? 
# 
_refine_hist.pdbx_refine_id                   'X-RAY DIFFRACTION' 
_refine_hist.cycle_id                         LAST 
_refine_hist.details                          ? 
_refine_hist.d_res_high                       2.21 
_refine_hist.d_res_low                        43.73 
_refine_hist.number_atoms_solvent             11 
_refine_hist.number_atoms_total               1179 
_refine_hist.number_reflns_all                ? 
_refine_hist.number_reflns_obs                ? 
_refine_hist.number_reflns_R_free             ? 
_refine_hist.number_reflns_R_work             ? 
_refine_hist.R_factor_all                     ? 
_refine_hist.R_factor_obs                     ? 
_refine_hist.R_factor_R_free                  ? 
_refine_hist.R_factor_R_work                  ? 
_refine_hist.pdbx_number_residues_total       ? 
_refine_hist.pdbx_B_iso_mean_ligand           ? 
_refine_hist.pdbx_B_iso_mean_solvent          ? 
_refine_hist.pdbx_number_atoms_protein        1125 
_refine_hist.pdbx_number_atoms_nucleic_acid   0 
_refine_hist.pdbx_number_atoms_ligand         43 
_refine_hist.pdbx_number_atoms_lipid          ? 
_refine_hist.pdbx_number_atoms_carb           ? 
_refine_hist.pdbx_pseudo_atom_details         ? 
# 
loop_
_refine_ls_restr.pdbx_refine_id 
_refine_ls_restr.criterion 
_refine_ls_restr.dev_ideal 
_refine_ls_restr.dev_ideal_target 
_refine_ls_restr.number 
_refine_ls_restr.rejects 
_refine_ls_restr.type 
_refine_ls_restr.weight 
_refine_ls_restr.pdbx_restraint_function 
'X-RAY DIFFRACTION' ? 0.010 ? ?   ? f_bond_d           ? ? 
'X-RAY DIFFRACTION' ? 1.382 ? ?   ? f_angle_d          ? ? 
'X-RAY DIFFRACTION' ? 6.258 ? 160 ? f_dihedral_angle_d ? ? 
'X-RAY DIFFRACTION' ? 0.058 ? 179 ? f_chiral_restr     ? ? 
'X-RAY DIFFRACTION' ? 0.007 ? 202 ? f_plane_restr      ? ? 
# 
loop_
_refine_ls_shell.pdbx_refine_id 
_refine_ls_shell.d_res_high 
_refine_ls_shell.d_res_low 
_refine_ls_shell.number_reflns_all 
_refine_ls_shell.number_reflns_obs 
_refine_ls_shell.number_reflns_R_free 
_refine_ls_shell.number_reflns_R_work 
_refine_ls_shell.percent_reflns_obs 
_refine_ls_shell.percent_reflns_R_free 
_refine_ls_shell.R_factor_all 
_refine_ls_shell.R_factor_obs 
_refine_ls_shell.R_factor_R_free_error 
_refine_ls_shell.R_factor_R_work 
_refine_ls_shell.redundancy_reflns_all 
_refine_ls_shell.redundancy_reflns_obs 
_refine_ls_shell.wR_factor_all 
_refine_ls_shell.wR_factor_obs 
_refine_ls_shell.wR_factor_R_free 
_refine_ls_shell.wR_factor_R_work 
_refine_ls_shell.pdbx_R_complete 
_refine_ls_shell.pdbx_total_number_of_bins_used 
_refine_ls_shell.pdbx_phase_error 
_refine_ls_shell.pdbx_fsc_work 
_refine_ls_shell.pdbx_fsc_free 
_refine_ls_shell.R_factor_R_free 
'X-RAY DIFFRACTION' 2.21 2.35  . . 118 1025 84.00  . . . . 0.3040 . . . . . . . . . . . 0.3760 
'X-RAY DIFFRACTION' 2.35 2.53  . . 121 1068 88.00  . . . . 0.3052 . . . . . . . . . . . 0.3817 
'X-RAY DIFFRACTION' 2.53 2.79  . . 128 1166 93.00  . . . . 0.2853 . . . . . . . . . . . 0.3759 
'X-RAY DIFFRACTION' 2.79 3.19  . . 128 1211 97.00  . . . . 0.2944 . . . . . . . . . . . 0.2719 
'X-RAY DIFFRACTION' 3.19 4.02  . . 138 1267 99.00  . . . . 0.2422 . . . . . . . . . . . 0.3499 
'X-RAY DIFFRACTION' 4.02 43.73 . . 154 1361 100.00 . . . . 0.1887 . . . . . . . . . . . 0.2315 
# 
_struct.entry_id                     8JYH 
_struct.title                        
'Crystal structure of engineered HIV-1 Reverse Transcriptase RNase H domain complexed with laccaic acid C' 
_struct.pdbx_model_details           ? 
_struct.pdbx_formula_weight          ? 
_struct.pdbx_formula_weight_method   ? 
_struct.pdbx_model_type_details      ? 
_struct.pdbx_CASP_flag               N 
# 
_struct_keywords.entry_id        8JYH 
_struct_keywords.text            'Inhibitor, VIRAL PROTEIN' 
_struct_keywords.pdbx_keywords   'VIRAL PROTEIN' 
# 
loop_
_struct_asym.id 
_struct_asym.pdbx_blank_PDB_chainid_flag 
_struct_asym.pdbx_modified 
_struct_asym.entity_id 
_struct_asym.details 
A N N 1 ? 
B N N 2 ? 
C N N 2 ? 
D N N 3 ? 
E N N 4 ? 
F N N 4 ? 
G N N 5 ? 
# 
loop_
_struct_ref.id 
_struct_ref.db_name 
_struct_ref.db_code 
_struct_ref.pdbx_db_accession 
_struct_ref.pdbx_db_isoform 
_struct_ref.entity_id 
_struct_ref.pdbx_seq_one_letter_code 
_struct_ref.pdbx_align_begin 
1 UNP A0A059PIR4_9HIV1 A0A059PIR4 ? 1 
;YQLEKEPIVGAETFYVDGAANRETKLGKAGYVTNRGRQKVVTLTDTTNQKTELQAIYLALQDSGLEVNIVTDSQYALGII

;
167 
2 PDB 8JYH             8JYH       ? 1 ?                                                                                   87  
3 UNP A0A1D9J5E8_9HIV1 A0A1D9J5E8 ? 1 LVNQIIEQLIKKEKVYLAWVPAHKGIGGNEQVDKLVSAGIRKVLF                                       60  
# 
loop_
_struct_ref_seq.align_id 
_struct_ref_seq.ref_id 
_struct_ref_seq.pdbx_PDB_id_code 
_struct_ref_seq.pdbx_strand_id 
_struct_ref_seq.seq_align_beg 
_struct_ref_seq.pdbx_seq_align_beg_ins_code 
_struct_ref_seq.seq_align_end 
_struct_ref_seq.pdbx_seq_align_end_ins_code 
_struct_ref_seq.pdbx_db_accession 
_struct_ref_seq.db_align_beg 
_struct_ref_seq.pdbx_db_align_beg_ins_code 
_struct_ref_seq.db_align_end 
_struct_ref_seq.pdbx_db_align_end_ins_code 
_struct_ref_seq.pdbx_auth_seq_align_beg 
_struct_ref_seq.pdbx_auth_seq_align_end 
1 1 8JYH A 7   ? 86  ? A0A059PIR4 167 ? 246 ? 7   86  
2 2 8JYH A 87  ? 106 ? 8JYH       87  ? 106 ? 87  106 
3 3 8JYH A 107 ? 151 ? A0A1D9J5E8 60  ? 104 ? 107 151 
# 
loop_
_struct_ref_seq_dif.align_id 
_struct_ref_seq_dif.pdbx_pdb_id_code 
_struct_ref_seq_dif.mon_id 
_struct_ref_seq_dif.pdbx_pdb_strand_id 
_struct_ref_seq_dif.seq_num 
_struct_ref_seq_dif.pdbx_pdb_ins_code 
_struct_ref_seq_dif.pdbx_seq_db_name 
_struct_ref_seq_dif.pdbx_seq_db_accession_code 
_struct_ref_seq_dif.db_mon_id 
_struct_ref_seq_dif.pdbx_seq_db_seq_num 
_struct_ref_seq_dif.details 
_struct_ref_seq_dif.pdbx_auth_seq_num 
_struct_ref_seq_dif.pdbx_ordinal 
1 8JYH GLY A 1 ? UNP A0A059PIR4 ? ? 'expression tag' 1 1 
1 8JYH PRO A 2 ? UNP A0A059PIR4 ? ? 'expression tag' 2 2 
1 8JYH GLY A 3 ? UNP A0A059PIR4 ? ? 'expression tag' 3 3 
1 8JYH GLY A 4 ? UNP A0A059PIR4 ? ? 'expression tag' 4 4 
1 8JYH SER A 5 ? UNP A0A059PIR4 ? ? 'expression tag' 5 5 
1 8JYH MET A 6 ? UNP A0A059PIR4 ? ? 'expression tag' 6 6 
# 
_pdbx_struct_assembly.id                   1 
_pdbx_struct_assembly.details              author_and_software_defined_assembly 
_pdbx_struct_assembly.method_details       PISA 
_pdbx_struct_assembly.oligomeric_details   monomeric 
_pdbx_struct_assembly.oligomeric_count     1 
# 
_pdbx_struct_assembly_gen.assembly_id       1 
_pdbx_struct_assembly_gen.oper_expression   1 
_pdbx_struct_assembly_gen.asym_id_list      A,B,C,D,E,F,G 
# 
_pdbx_struct_assembly_auth_evidence.id                     1 
_pdbx_struct_assembly_auth_evidence.assembly_id            1 
_pdbx_struct_assembly_auth_evidence.experimental_support   'gel filtration' 
_pdbx_struct_assembly_auth_evidence.details                ? 
# 
_pdbx_struct_oper_list.id                   1 
_pdbx_struct_oper_list.type                 'identity operation' 
_pdbx_struct_oper_list.name                 1_555 
_pdbx_struct_oper_list.symmetry_operation   x,y,z 
_pdbx_struct_oper_list.matrix[1][1]         1.0 
_pdbx_struct_oper_list.matrix[1][2]         0.0 
_pdbx_struct_oper_list.matrix[1][3]         0.0 
_pdbx_struct_oper_list.vector[1]            0.0 
_pdbx_struct_oper_list.matrix[2][1]         0.0 
_pdbx_struct_oper_list.matrix[2][2]         1.0 
_pdbx_struct_oper_list.matrix[2][3]         0.0 
_pdbx_struct_oper_list.vector[2]            0.0 
_pdbx_struct_oper_list.matrix[3][1]         0.0 
_pdbx_struct_oper_list.matrix[3][2]         0.0 
_pdbx_struct_oper_list.matrix[3][3]         1.0 
_pdbx_struct_oper_list.vector[3]            0.0 
# 
loop_
_struct_conf.conf_type_id 
_struct_conf.id 
_struct_conf.pdbx_PDB_helix_id 
_struct_conf.beg_label_comp_id 
_struct_conf.beg_label_asym_id 
_struct_conf.beg_label_seq_id 
_struct_conf.pdbx_beg_PDB_ins_code 
_struct_conf.end_label_comp_id 
_struct_conf.end_label_asym_id 
_struct_conf.end_label_seq_id 
_struct_conf.pdbx_end_PDB_ins_code 
_struct_conf.beg_auth_comp_id 
_struct_conf.beg_auth_asym_id 
_struct_conf.beg_auth_seq_id 
_struct_conf.end_auth_comp_id 
_struct_conf.end_auth_asym_id 
_struct_conf.end_auth_seq_id 
_struct_conf.pdbx_PDB_helix_class 
_struct_conf.details 
_struct_conf.pdbx_PDB_helix_length 
HELX_P HELX_P1 AA1 THR A 53  ? SER A 69  ? THR A 53  SER A 69  1 ? 17 
HELX_P HELX_P2 AA2 SER A 79  ? ASN A 92  ? SER A 79  ASN A 92  1 ? 14 
HELX_P HELX_P3 AA3 ASN A 104 ? LYS A 117 ? ASN A 104 LYS A 117 1 ? 14 
HELX_P HELX_P4 AA4 GLY A 133 ? ALA A 144 ? GLY A 133 ALA A 144 1 ? 12 
# 
_struct_conf_type.id          HELX_P 
_struct_conf_type.criteria    ? 
_struct_conf_type.reference   ? 
# 
loop_
_struct_conn.id 
_struct_conn.conn_type_id 
_struct_conn.pdbx_leaving_atom_flag 
_struct_conn.pdbx_PDB_id 
_struct_conn.ptnr1_label_asym_id 
_struct_conn.ptnr1_label_comp_id 
_struct_conn.ptnr1_label_seq_id 
_struct_conn.ptnr1_label_atom_id 
_struct_conn.pdbx_ptnr1_label_alt_id 
_struct_conn.pdbx_ptnr1_PDB_ins_code 
_struct_conn.pdbx_ptnr1_standard_comp_id 
_struct_conn.ptnr1_symmetry 
_struct_conn.ptnr2_label_asym_id 
_struct_conn.ptnr2_label_comp_id 
_struct_conn.ptnr2_label_seq_id 
_struct_conn.ptnr2_label_atom_id 
_struct_conn.pdbx_ptnr2_label_alt_id 
_struct_conn.pdbx_ptnr2_PDB_ins_code 
_struct_conn.ptnr1_auth_asym_id 
_struct_conn.ptnr1_auth_comp_id 
_struct_conn.ptnr1_auth_seq_id 
_struct_conn.ptnr2_auth_asym_id 
_struct_conn.ptnr2_auth_comp_id 
_struct_conn.ptnr2_auth_seq_id 
_struct_conn.ptnr2_symmetry 
_struct_conn.pdbx_ptnr3_label_atom_id 
_struct_conn.pdbx_ptnr3_label_seq_id 
_struct_conn.pdbx_ptnr3_label_comp_id 
_struct_conn.pdbx_ptnr3_label_asym_id 
_struct_conn.pdbx_ptnr3_label_alt_id 
_struct_conn.pdbx_ptnr3_PDB_ins_code 
_struct_conn.details 
_struct_conn.pdbx_dist_value 
_struct_conn.pdbx_value_order 
_struct_conn.pdbx_role 
metalc1  metalc ? ? A ASP 23  OD1 ? ? ? 1_555 B MN  . MN  ? ? A ASP 23  A MN  201 1_555 ? ? ? ? ? ? ? 2.050 ? ? 
metalc2  metalc ? ? A ASP 23  OD2 ? ? ? 1_555 C MN  . MN  ? ? A ASP 23  A MN  202 1_555 ? ? ? ? ? ? ? 2.010 ? ? 
metalc3  metalc ? ? A ASP 51  OD1 ? ? ? 1_555 E ZN  . ZN  ? ? A ASP 51  A ZN  204 5_545 ? ? ? ? ? ? ? 2.324 ? ? 
metalc4  metalc ? ? A ASP 51  OD2 ? ? ? 1_555 E ZN  . ZN  ? ? A ASP 51  A ZN  204 5_545 ? ? ? ? ? ? ? 2.680 ? ? 
metalc5  metalc ? ? A GLU 58  OE2 ? ? ? 1_555 B MN  . MN  ? ? A GLU 58  A MN  201 1_555 ? ? ? ? ? ? ? 2.055 ? ? 
metalc6  metalc ? ? A GLU 72  OE2 ? ? ? 1_555 F ZN  . ZN  ? ? A GLU 72  A ZN  205 1_555 ? ? ? ? ? ? ? 2.046 ? ? 
metalc7  metalc ? ? A ASP 78  OD1 ? ? ? 1_555 B MN  . MN  ? ? A ASP 78  A MN  201 1_555 ? ? ? ? ? ? ? 2.178 ? ? 
metalc8  metalc ? ? A ASP 78  OD2 ? ? ? 1_555 C MN  . MN  ? ? A ASP 78  A MN  202 1_555 ? ? ? ? ? ? ? 2.667 ? ? 
metalc9  metalc ? ? A HIS 91  ND1 ? ? ? 1_555 F ZN  . ZN  ? ? A HIS 91  A ZN  205 4_454 ? ? ? ? ? ? ? 2.310 ? ? 
metalc10 metalc ? ? A GLU 119 OE1 ? ? ? 1_555 F ZN  . ZN  ? ? A GLU 119 A ZN  205 1_555 ? ? ? ? ? ? ? 1.802 ? ? 
metalc11 metalc ? ? A HIS 129 NE2 ? ? ? 1_555 E ZN  . ZN  ? ? A HIS 129 A ZN  204 1_555 ? ? ? ? ? ? ? 2.285 ? ? 
metalc12 metalc ? ? A GLU 136 OE1 ? ? ? 1_555 E ZN  . ZN  ? ? A GLU 136 A ZN  204 1_555 ? ? ? ? ? ? ? 2.053 ? ? 
metalc13 metalc ? ? A ASP 139 OD1 ? ? ? 1_555 C MN  . MN  ? ? A ASP 139 A MN  202 1_555 ? ? ? ? ? ? ? 2.373 ? ? 
metalc14 metalc ? ? B MN  .   MN  ? ? ? 1_555 D V96 . OAX ? ? A MN  201 A V96 203 1_555 ? ? ? ? ? ? ? 1.782 ? ? 
metalc15 metalc ? ? B MN  .   MN  ? ? ? 1_555 D V96 . OAY ? ? A MN  201 A V96 203 1_555 ? ? ? ? ? ? ? 1.774 ? ? 
metalc16 metalc ? ? C MN  .   MN  ? ? ? 1_555 D V96 . OAZ ? ? A MN  202 A V96 203 1_555 ? ? ? ? ? ? ? 2.000 ? ? 
metalc17 metalc ? ? C MN  .   MN  ? ? ? 1_555 D V96 . OAY ? ? A MN  202 A V96 203 1_555 ? ? ? ? ? ? ? 1.845 ? ? 
metalc18 metalc ? ? E ZN  .   ZN  ? ? ? 1_555 G HOH . O   ? ? A ZN  204 A HOH 309 1_555 ? ? ? ? ? ? ? 2.241 ? ? 
metalc19 metalc ? ? F ZN  .   ZN  ? ? ? 1_555 G HOH . O   ? ? A ZN  205 A HOH 308 1_555 ? ? ? ? ? ? ? 2.232 ? ? 
# 
_struct_conn_type.id          metalc 
_struct_conn_type.criteria    ? 
_struct_conn_type.reference   ? 
# 
loop_
_pdbx_struct_conn_angle.id 
_pdbx_struct_conn_angle.ptnr1_label_atom_id 
_pdbx_struct_conn_angle.ptnr1_label_alt_id 
_pdbx_struct_conn_angle.ptnr1_label_asym_id 
_pdbx_struct_conn_angle.ptnr1_label_comp_id 
_pdbx_struct_conn_angle.ptnr1_label_seq_id 
_pdbx_struct_conn_angle.ptnr1_auth_atom_id 
_pdbx_struct_conn_angle.ptnr1_auth_asym_id 
_pdbx_struct_conn_angle.ptnr1_auth_comp_id 
_pdbx_struct_conn_angle.ptnr1_auth_seq_id 
_pdbx_struct_conn_angle.ptnr1_PDB_ins_code 
_pdbx_struct_conn_angle.ptnr1_symmetry 
_pdbx_struct_conn_angle.ptnr2_label_atom_id 
_pdbx_struct_conn_angle.ptnr2_label_alt_id 
_pdbx_struct_conn_angle.ptnr2_label_asym_id 
_pdbx_struct_conn_angle.ptnr2_label_comp_id 
_pdbx_struct_conn_angle.ptnr2_label_seq_id 
_pdbx_struct_conn_angle.ptnr2_auth_atom_id 
_pdbx_struct_conn_angle.ptnr2_auth_asym_id 
_pdbx_struct_conn_angle.ptnr2_auth_comp_id 
_pdbx_struct_conn_angle.ptnr2_auth_seq_id 
_pdbx_struct_conn_angle.ptnr2_PDB_ins_code 
_pdbx_struct_conn_angle.ptnr2_symmetry 
_pdbx_struct_conn_angle.ptnr3_label_atom_id 
_pdbx_struct_conn_angle.ptnr3_label_alt_id 
_pdbx_struct_conn_angle.ptnr3_label_asym_id 
_pdbx_struct_conn_angle.ptnr3_label_comp_id 
_pdbx_struct_conn_angle.ptnr3_label_seq_id 
_pdbx_struct_conn_angle.ptnr3_auth_atom_id 
_pdbx_struct_conn_angle.ptnr3_auth_asym_id 
_pdbx_struct_conn_angle.ptnr3_auth_comp_id 
_pdbx_struct_conn_angle.ptnr3_auth_seq_id 
_pdbx_struct_conn_angle.ptnr3_PDB_ins_code 
_pdbx_struct_conn_angle.ptnr3_symmetry 
_pdbx_struct_conn_angle.value 
_pdbx_struct_conn_angle.value_esd 
1  OD1 ? A ASP 23  ? A ASP 23  ? 1_555 MN ? B MN . ? A MN 201 ? 1_555 OE2 ? A GLU 58  ? A GLU 58  ? 1_555 95.4  ? 
2  OD1 ? A ASP 23  ? A ASP 23  ? 1_555 MN ? B MN . ? A MN 201 ? 1_555 OD1 ? A ASP 78  ? A ASP 78  ? 1_555 88.9  ? 
3  OE2 ? A GLU 58  ? A GLU 58  ? 1_555 MN ? B MN . ? A MN 201 ? 1_555 OD1 ? A ASP 78  ? A ASP 78  ? 1_555 110.0 ? 
4  OD1 ? A ASP 23  ? A ASP 23  ? 1_555 MN ? B MN . ? A MN 201 ? 1_555 OAX ? D V96 .   ? A V96 203 ? 1_555 163.7 ? 
5  OE2 ? A GLU 58  ? A GLU 58  ? 1_555 MN ? B MN . ? A MN 201 ? 1_555 OAX ? D V96 .   ? A V96 203 ? 1_555 78.0  ? 
6  OD1 ? A ASP 78  ? A ASP 78  ? 1_555 MN ? B MN . ? A MN 201 ? 1_555 OAX ? D V96 .   ? A V96 203 ? 1_555 79.6  ? 
7  OD1 ? A ASP 23  ? A ASP 23  ? 1_555 MN ? B MN . ? A MN 201 ? 1_555 OAY ? D V96 .   ? A V96 203 ? 1_555 105.3 ? 
8  OE2 ? A GLU 58  ? A GLU 58  ? 1_555 MN ? B MN . ? A MN 201 ? 1_555 OAY ? D V96 .   ? A V96 203 ? 1_555 141.2 ? 
9  OD1 ? A ASP 78  ? A ASP 78  ? 1_555 MN ? B MN . ? A MN 201 ? 1_555 OAY ? D V96 .   ? A V96 203 ? 1_555 102.9 ? 
10 OAX ? D V96 .   ? A V96 203 ? 1_555 MN ? B MN . ? A MN 201 ? 1_555 OAY ? D V96 .   ? A V96 203 ? 1_555 88.7  ? 
11 OD2 ? A ASP 23  ? A ASP 23  ? 1_555 MN ? C MN . ? A MN 202 ? 1_555 OD2 ? A ASP 78  ? A ASP 78  ? 1_555 92.2  ? 
12 OD2 ? A ASP 23  ? A ASP 23  ? 1_555 MN ? C MN . ? A MN 202 ? 1_555 OD1 ? A ASP 139 ? A ASP 139 ? 1_555 90.6  ? 
13 OD2 ? A ASP 78  ? A ASP 78  ? 1_555 MN ? C MN . ? A MN 202 ? 1_555 OD1 ? A ASP 139 ? A ASP 139 ? 1_555 154.6 ? 
14 OD2 ? A ASP 23  ? A ASP 23  ? 1_555 MN ? C MN . ? A MN 202 ? 1_555 OAZ ? D V96 .   ? A V96 203 ? 1_555 150.6 ? 
15 OD2 ? A ASP 78  ? A ASP 78  ? 1_555 MN ? C MN . ? A MN 202 ? 1_555 OAZ ? D V96 .   ? A V96 203 ? 1_555 116.9 ? 
16 OD1 ? A ASP 139 ? A ASP 139 ? 1_555 MN ? C MN . ? A MN 202 ? 1_555 OAZ ? D V96 .   ? A V96 203 ? 1_555 61.6  ? 
17 OD2 ? A ASP 23  ? A ASP 23  ? 1_555 MN ? C MN . ? A MN 202 ? 1_555 OAY ? D V96 .   ? A V96 203 ? 1_555 109.5 ? 
18 OD2 ? A ASP 78  ? A ASP 78  ? 1_555 MN ? C MN . ? A MN 202 ? 1_555 OAY ? D V96 .   ? A V96 203 ? 1_555 71.2  ? 
19 OD1 ? A ASP 139 ? A ASP 139 ? 1_555 MN ? C MN . ? A MN 202 ? 1_555 OAY ? D V96 .   ? A V96 203 ? 1_555 131.0 ? 
20 OAZ ? D V96 .   ? A V96 203 ? 1_555 MN ? C MN . ? A MN 202 ? 1_555 OAY ? D V96 .   ? A V96 203 ? 1_555 85.1  ? 
21 OD1 ? A ASP 51  ? A ASP 51  ? 1_555 ZN ? E ZN . ? A ZN 204 ? 5_545 OD2 ? A ASP 51  ? A ASP 51  ? 1_555 52.5  ? 
22 OD1 ? A ASP 51  ? A ASP 51  ? 1_555 ZN ? E ZN . ? A ZN 204 ? 5_545 NE2 ? A HIS 129 ? A HIS 129 ? 1_555 55.3  ? 
23 OD2 ? A ASP 51  ? A ASP 51  ? 1_555 ZN ? E ZN . ? A ZN 204 ? 5_545 NE2 ? A HIS 129 ? A HIS 129 ? 1_555 50.8  ? 
24 OD1 ? A ASP 51  ? A ASP 51  ? 1_555 ZN ? E ZN . ? A ZN 204 ? 5_545 OE1 ? A GLU 136 ? A GLU 136 ? 1_555 61.1  ? 
25 OD2 ? A ASP 51  ? A ASP 51  ? 1_555 ZN ? E ZN . ? A ZN 204 ? 5_545 OE1 ? A GLU 136 ? A GLU 136 ? 1_555 52.9  ? 
26 NE2 ? A HIS 129 ? A HIS 129 ? 1_555 ZN ? E ZN . ? A ZN 204 ? 5_545 OE1 ? A GLU 136 ? A GLU 136 ? 1_555 5.8   ? 
27 OD1 ? A ASP 51  ? A ASP 51  ? 1_555 ZN ? E ZN . ? A ZN 204 ? 5_545 O   ? G HOH .   ? A HOH 309 ? 1_555 58.0  ? 
28 OD2 ? A ASP 51  ? A ASP 51  ? 1_555 ZN ? E ZN . ? A ZN 204 ? 5_545 O   ? G HOH .   ? A HOH 309 ? 1_555 46.9  ? 
29 NE2 ? A HIS 129 ? A HIS 129 ? 1_555 ZN ? E ZN . ? A ZN 204 ? 5_545 O   ? G HOH .   ? A HOH 309 ? 1_555 6.1   ? 
30 OE1 ? A GLU 136 ? A GLU 136 ? 1_555 ZN ? E ZN . ? A ZN 204 ? 5_545 O   ? G HOH .   ? A HOH 309 ? 1_555 6.0   ? 
31 OE2 ? A GLU 72  ? A GLU 72  ? 1_555 ZN ? F ZN . ? A ZN 205 ? 1_555 ND1 ? A HIS 91  ? A HIS 91  ? 1_555 99.6  ? 
32 OE2 ? A GLU 72  ? A GLU 72  ? 1_555 ZN ? F ZN . ? A ZN 205 ? 1_555 OE1 ? A GLU 119 ? A GLU 119 ? 1_555 99.8  ? 
33 ND1 ? A HIS 91  ? A HIS 91  ? 1_555 ZN ? F ZN . ? A ZN 205 ? 1_555 OE1 ? A GLU 119 ? A GLU 119 ? 1_555 37.1  ? 
34 OE2 ? A GLU 72  ? A GLU 72  ? 1_555 ZN ? F ZN . ? A ZN 205 ? 1_555 O   ? G HOH .   ? A HOH 308 ? 1_555 99.2  ? 
35 ND1 ? A HIS 91  ? A HIS 91  ? 1_555 ZN ? F ZN . ? A ZN 205 ? 1_555 O   ? G HOH .   ? A HOH 308 ? 1_555 76.3  ? 
36 OE1 ? A GLU 119 ? A GLU 119 ? 1_555 ZN ? F ZN . ? A ZN 205 ? 1_555 O   ? G HOH .   ? A HOH 308 ? 1_555 112.8 ? 
# 
_struct_sheet.id               AA1 
_struct_sheet.type             ? 
_struct_sheet.number_strands   5 
_struct_sheet.details          ? 
# 
loop_
_struct_sheet_order.sheet_id 
_struct_sheet_order.range_id_1 
_struct_sheet_order.range_id_2 
_struct_sheet_order.offset 
_struct_sheet_order.sense 
AA1 1 2 ? anti-parallel 
AA1 2 3 ? anti-parallel 
AA1 3 4 ? parallel      
AA1 4 5 ? parallel      
# 
loop_
_struct_sheet_range.sheet_id 
_struct_sheet_range.id 
_struct_sheet_range.beg_label_comp_id 
_struct_sheet_range.beg_label_asym_id 
_struct_sheet_range.beg_label_seq_id 
_struct_sheet_range.pdbx_beg_PDB_ins_code 
_struct_sheet_range.end_label_comp_id 
_struct_sheet_range.end_label_asym_id 
_struct_sheet_range.end_label_seq_id 
_struct_sheet_range.pdbx_end_PDB_ins_code 
_struct_sheet_range.beg_auth_comp_id 
_struct_sheet_range.beg_auth_asym_id 
_struct_sheet_range.beg_auth_seq_id 
_struct_sheet_range.end_auth_comp_id 
_struct_sheet_range.end_auth_asym_id 
_struct_sheet_range.end_auth_seq_id 
AA1 1 GLN A 44  ? LEU A 49  ? GLN A 44  LEU A 49  
AA1 2 GLY A 33  ? THR A 39  ? GLY A 33  THR A 39  
AA1 3 THR A 19  ? ALA A 26  ? THR A 19  ALA A 26  
AA1 4 GLU A 72  ? THR A 77  ? GLU A 72  THR A 77  
AA1 5 LYS A 120 ? TRP A 125 ? LYS A 120 TRP A 125 
# 
loop_
_pdbx_struct_sheet_hbond.sheet_id 
_pdbx_struct_sheet_hbond.range_id_1 
_pdbx_struct_sheet_hbond.range_id_2 
_pdbx_struct_sheet_hbond.range_1_label_atom_id 
_pdbx_struct_sheet_hbond.range_1_label_comp_id 
_pdbx_struct_sheet_hbond.range_1_label_asym_id 
_pdbx_struct_sheet_hbond.range_1_label_seq_id 
_pdbx_struct_sheet_hbond.range_1_PDB_ins_code 
_pdbx_struct_sheet_hbond.range_1_auth_atom_id 
_pdbx_struct_sheet_hbond.range_1_auth_comp_id 
_pdbx_struct_sheet_hbond.range_1_auth_asym_id 
_pdbx_struct_sheet_hbond.range_1_auth_seq_id 
_pdbx_struct_sheet_hbond.range_2_label_atom_id 
_pdbx_struct_sheet_hbond.range_2_label_comp_id 
_pdbx_struct_sheet_hbond.range_2_label_asym_id 
_pdbx_struct_sheet_hbond.range_2_label_seq_id 
_pdbx_struct_sheet_hbond.range_2_PDB_ins_code 
_pdbx_struct_sheet_hbond.range_2_auth_atom_id 
_pdbx_struct_sheet_hbond.range_2_auth_comp_id 
_pdbx_struct_sheet_hbond.range_2_auth_asym_id 
_pdbx_struct_sheet_hbond.range_2_auth_seq_id 
AA1 1 2 O LEU A 49 ? O LEU A 49 N GLY A 33  ? N GLY A 33  
AA1 2 3 O VAL A 38 ? O VAL A 38 N TYR A 21  ? N TYR A 21  
AA1 3 4 N PHE A 20 ? N PHE A 20 O ASN A 74  ? O ASN A 74  
AA1 4 5 N ILE A 75 ? N ILE A 75 O TYR A 122 ? O TYR A 122 
# 
loop_
_pdbx_validate_torsion.id 
_pdbx_validate_torsion.PDB_model_num 
_pdbx_validate_torsion.auth_comp_id 
_pdbx_validate_torsion.auth_asym_id 
_pdbx_validate_torsion.auth_seq_id 
_pdbx_validate_torsion.PDB_ins_code 
_pdbx_validate_torsion.label_alt_id 
_pdbx_validate_torsion.phi 
_pdbx_validate_torsion.psi 
1 1 LYS A 31 ? ? 57.52  18.37 
2 1 ASN A 92 ? ? -94.14 50.67 
3 1 TRP A 93 ? ? -61.00 74.70 
4 1 LYS A 94 ? ? 80.74  99.81 
# 
_pdbx_entry_details.entry_id                   8JYH 
_pdbx_entry_details.nonpolymer_details         ? 
_pdbx_entry_details.sequence_details           ? 
_pdbx_entry_details.compound_details           ? 
_pdbx_entry_details.source_details             ? 
_pdbx_entry_details.has_ligand_of_interest     Y 
_pdbx_entry_details.has_protein_modification   ? 
# 
loop_
_pdbx_unobs_or_zero_occ_residues.id 
_pdbx_unobs_or_zero_occ_residues.PDB_model_num 
_pdbx_unobs_or_zero_occ_residues.polymer_flag 
_pdbx_unobs_or_zero_occ_residues.occupancy_flag 
_pdbx_unobs_or_zero_occ_residues.auth_asym_id 
_pdbx_unobs_or_zero_occ_residues.auth_comp_id 
_pdbx_unobs_or_zero_occ_residues.auth_seq_id 
_pdbx_unobs_or_zero_occ_residues.PDB_ins_code 
_pdbx_unobs_or_zero_occ_residues.label_asym_id 
_pdbx_unobs_or_zero_occ_residues.label_comp_id 
_pdbx_unobs_or_zero_occ_residues.label_seq_id 
1 1 Y 1 A GLY 1   ? A GLY 1   
2 1 Y 1 A PRO 2   ? A PRO 2   
3 1 Y 1 A GLY 3   ? A GLY 3   
4 1 Y 1 A GLY 4   ? A GLY 4   
5 1 Y 1 A SER 5   ? A SER 5   
6 1 Y 1 A LEU 150 ? A LEU 150 
7 1 Y 1 A PHE 151 ? A PHE 151 
# 
loop_
_chem_comp_atom.comp_id 
_chem_comp_atom.atom_id 
_chem_comp_atom.type_symbol 
_chem_comp_atom.pdbx_aromatic_flag 
_chem_comp_atom.pdbx_stereo_config 
_chem_comp_atom.pdbx_ordinal 
ALA N    N  N N 1   
ALA CA   C  N S 2   
ALA C    C  N N 3   
ALA O    O  N N 4   
ALA CB   C  N N 5   
ALA OXT  O  N N 6   
ALA H    H  N N 7   
ALA H2   H  N N 8   
ALA HA   H  N N 9   
ALA HB1  H  N N 10  
ALA HB2  H  N N 11  
ALA HB3  H  N N 12  
ALA HXT  H  N N 13  
ARG N    N  N N 14  
ARG CA   C  N S 15  
ARG C    C  N N 16  
ARG O    O  N N 17  
ARG CB   C  N N 18  
ARG CG   C  N N 19  
ARG CD   C  N N 20  
ARG NE   N  N N 21  
ARG CZ   C  N N 22  
ARG NH1  N  N N 23  
ARG NH2  N  N N 24  
ARG OXT  O  N N 25  
ARG H    H  N N 26  
ARG H2   H  N N 27  
ARG HA   H  N N 28  
ARG HB2  H  N N 29  
ARG HB3  H  N N 30  
ARG HG2  H  N N 31  
ARG HG3  H  N N 32  
ARG HD2  H  N N 33  
ARG HD3  H  N N 34  
ARG HE   H  N N 35  
ARG HH11 H  N N 36  
ARG HH12 H  N N 37  
ARG HH21 H  N N 38  
ARG HH22 H  N N 39  
ARG HXT  H  N N 40  
ASN N    N  N N 41  
ASN CA   C  N S 42  
ASN C    C  N N 43  
ASN O    O  N N 44  
ASN CB   C  N N 45  
ASN CG   C  N N 46  
ASN OD1  O  N N 47  
ASN ND2  N  N N 48  
ASN OXT  O  N N 49  
ASN H    H  N N 50  
ASN H2   H  N N 51  
ASN HA   H  N N 52  
ASN HB2  H  N N 53  
ASN HB3  H  N N 54  
ASN HD21 H  N N 55  
ASN HD22 H  N N 56  
ASN HXT  H  N N 57  
ASP N    N  N N 58  
ASP CA   C  N S 59  
ASP C    C  N N 60  
ASP O    O  N N 61  
ASP CB   C  N N 62  
ASP CG   C  N N 63  
ASP OD1  O  N N 64  
ASP OD2  O  N N 65  
ASP OXT  O  N N 66  
ASP H    H  N N 67  
ASP H2   H  N N 68  
ASP HA   H  N N 69  
ASP HB2  H  N N 70  
ASP HB3  H  N N 71  
ASP HD2  H  N N 72  
ASP HXT  H  N N 73  
GLN N    N  N N 74  
GLN CA   C  N S 75  
GLN C    C  N N 76  
GLN O    O  N N 77  
GLN CB   C  N N 78  
GLN CG   C  N N 79  
GLN CD   C  N N 80  
GLN OE1  O  N N 81  
GLN NE2  N  N N 82  
GLN OXT  O  N N 83  
GLN H    H  N N 84  
GLN H2   H  N N 85  
GLN HA   H  N N 86  
GLN HB2  H  N N 87  
GLN HB3  H  N N 88  
GLN HG2  H  N N 89  
GLN HG3  H  N N 90  
GLN HE21 H  N N 91  
GLN HE22 H  N N 92  
GLN HXT  H  N N 93  
GLU N    N  N N 94  
GLU CA   C  N S 95  
GLU C    C  N N 96  
GLU O    O  N N 97  
GLU CB   C  N N 98  
GLU CG   C  N N 99  
GLU CD   C  N N 100 
GLU OE1  O  N N 101 
GLU OE2  O  N N 102 
GLU OXT  O  N N 103 
GLU H    H  N N 104 
GLU H2   H  N N 105 
GLU HA   H  N N 106 
GLU HB2  H  N N 107 
GLU HB3  H  N N 108 
GLU HG2  H  N N 109 
GLU HG3  H  N N 110 
GLU HE2  H  N N 111 
GLU HXT  H  N N 112 
GLY N    N  N N 113 
GLY CA   C  N N 114 
GLY C    C  N N 115 
GLY O    O  N N 116 
GLY OXT  O  N N 117 
GLY H    H  N N 118 
GLY H2   H  N N 119 
GLY HA2  H  N N 120 
GLY HA3  H  N N 121 
GLY HXT  H  N N 122 
HIS N    N  N N 123 
HIS CA   C  N S 124 
HIS C    C  N N 125 
HIS O    O  N N 126 
HIS CB   C  N N 127 
HIS CG   C  Y N 128 
HIS ND1  N  Y N 129 
HIS CD2  C  Y N 130 
HIS CE1  C  Y N 131 
HIS NE2  N  Y N 132 
HIS OXT  O  N N 133 
HIS H    H  N N 134 
HIS H2   H  N N 135 
HIS HA   H  N N 136 
HIS HB2  H  N N 137 
HIS HB3  H  N N 138 
HIS HD1  H  N N 139 
HIS HD2  H  N N 140 
HIS HE1  H  N N 141 
HIS HE2  H  N N 142 
HIS HXT  H  N N 143 
HOH O    O  N N 144 
HOH H1   H  N N 145 
HOH H2   H  N N 146 
ILE N    N  N N 147 
ILE CA   C  N S 148 
ILE C    C  N N 149 
ILE O    O  N N 150 
ILE CB   C  N S 151 
ILE CG1  C  N N 152 
ILE CG2  C  N N 153 
ILE CD1  C  N N 154 
ILE OXT  O  N N 155 
ILE H    H  N N 156 
ILE H2   H  N N 157 
ILE HA   H  N N 158 
ILE HB   H  N N 159 
ILE HG12 H  N N 160 
ILE HG13 H  N N 161 
ILE HG21 H  N N 162 
ILE HG22 H  N N 163 
ILE HG23 H  N N 164 
ILE HD11 H  N N 165 
ILE HD12 H  N N 166 
ILE HD13 H  N N 167 
ILE HXT  H  N N 168 
LEU N    N  N N 169 
LEU CA   C  N S 170 
LEU C    C  N N 171 
LEU O    O  N N 172 
LEU CB   C  N N 173 
LEU CG   C  N N 174 
LEU CD1  C  N N 175 
LEU CD2  C  N N 176 
LEU OXT  O  N N 177 
LEU H    H  N N 178 
LEU H2   H  N N 179 
LEU HA   H  N N 180 
LEU HB2  H  N N 181 
LEU HB3  H  N N 182 
LEU HG   H  N N 183 
LEU HD11 H  N N 184 
LEU HD12 H  N N 185 
LEU HD13 H  N N 186 
LEU HD21 H  N N 187 
LEU HD22 H  N N 188 
LEU HD23 H  N N 189 
LEU HXT  H  N N 190 
LYS N    N  N N 191 
LYS CA   C  N S 192 
LYS C    C  N N 193 
LYS O    O  N N 194 
LYS CB   C  N N 195 
LYS CG   C  N N 196 
LYS CD   C  N N 197 
LYS CE   C  N N 198 
LYS NZ   N  N N 199 
LYS OXT  O  N N 200 
LYS H    H  N N 201 
LYS H2   H  N N 202 
LYS HA   H  N N 203 
LYS HB2  H  N N 204 
LYS HB3  H  N N 205 
LYS HG2  H  N N 206 
LYS HG3  H  N N 207 
LYS HD2  H  N N 208 
LYS HD3  H  N N 209 
LYS HE2  H  N N 210 
LYS HE3  H  N N 211 
LYS HZ1  H  N N 212 
LYS HZ2  H  N N 213 
LYS HZ3  H  N N 214 
LYS HXT  H  N N 215 
MET N    N  N N 216 
MET CA   C  N S 217 
MET C    C  N N 218 
MET O    O  N N 219 
MET CB   C  N N 220 
MET CG   C  N N 221 
MET SD   S  N N 222 
MET CE   C  N N 223 
MET OXT  O  N N 224 
MET H    H  N N 225 
MET H2   H  N N 226 
MET HA   H  N N 227 
MET HB2  H  N N 228 
MET HB3  H  N N 229 
MET HG2  H  N N 230 
MET HG3  H  N N 231 
MET HE1  H  N N 232 
MET HE2  H  N N 233 
MET HE3  H  N N 234 
MET HXT  H  N N 235 
MN  MN   MN N N 236 
PHE N    N  N N 237 
PHE CA   C  N S 238 
PHE C    C  N N 239 
PHE O    O  N N 240 
PHE CB   C  N N 241 
PHE CG   C  Y N 242 
PHE CD1  C  Y N 243 
PHE CD2  C  Y N 244 
PHE CE1  C  Y N 245 
PHE CE2  C  Y N 246 
PHE CZ   C  Y N 247 
PHE OXT  O  N N 248 
PHE H    H  N N 249 
PHE H2   H  N N 250 
PHE HA   H  N N 251 
PHE HB2  H  N N 252 
PHE HB3  H  N N 253 
PHE HD1  H  N N 254 
PHE HD2  H  N N 255 
PHE HE1  H  N N 256 
PHE HE2  H  N N 257 
PHE HZ   H  N N 258 
PHE HXT  H  N N 259 
PRO N    N  N N 260 
PRO CA   C  N S 261 
PRO C    C  N N 262 
PRO O    O  N N 263 
PRO CB   C  N N 264 
PRO CG   C  N N 265 
PRO CD   C  N N 266 
PRO OXT  O  N N 267 
PRO H    H  N N 268 
PRO HA   H  N N 269 
PRO HB2  H  N N 270 
PRO HB3  H  N N 271 
PRO HG2  H  N N 272 
PRO HG3  H  N N 273 
PRO HD2  H  N N 274 
PRO HD3  H  N N 275 
PRO HXT  H  N N 276 
SER N    N  N N 277 
SER CA   C  N S 278 
SER C    C  N N 279 
SER O    O  N N 280 
SER CB   C  N N 281 
SER OG   O  N N 282 
SER OXT  O  N N 283 
SER H    H  N N 284 
SER H2   H  N N 285 
SER HA   H  N N 286 
SER HB2  H  N N 287 
SER HB3  H  N N 288 
SER HG   H  N N 289 
SER HXT  H  N N 290 
THR N    N  N N 291 
THR CA   C  N S 292 
THR C    C  N N 293 
THR O    O  N N 294 
THR CB   C  N R 295 
THR OG1  O  N N 296 
THR CG2  C  N N 297 
THR OXT  O  N N 298 
THR H    H  N N 299 
THR H2   H  N N 300 
THR HA   H  N N 301 
THR HB   H  N N 302 
THR HG1  H  N N 303 
THR HG21 H  N N 304 
THR HG22 H  N N 305 
THR HG23 H  N N 306 
THR HXT  H  N N 307 
TRP N    N  N N 308 
TRP CA   C  N S 309 
TRP C    C  N N 310 
TRP O    O  N N 311 
TRP CB   C  N N 312 
TRP CG   C  Y N 313 
TRP CD1  C  Y N 314 
TRP CD2  C  Y N 315 
TRP NE1  N  Y N 316 
TRP CE2  C  Y N 317 
TRP CE3  C  Y N 318 
TRP CZ2  C  Y N 319 
TRP CZ3  C  Y N 320 
TRP CH2  C  Y N 321 
TRP OXT  O  N N 322 
TRP H    H  N N 323 
TRP H2   H  N N 324 
TRP HA   H  N N 325 
TRP HB2  H  N N 326 
TRP HB3  H  N N 327 
TRP HD1  H  N N 328 
TRP HE1  H  N N 329 
TRP HE3  H  N N 330 
TRP HZ2  H  N N 331 
TRP HZ3  H  N N 332 
TRP HH2  H  N N 333 
TRP HXT  H  N N 334 
TYR N    N  N N 335 
TYR CA   C  N S 336 
TYR C    C  N N 337 
TYR O    O  N N 338 
TYR CB   C  N N 339 
TYR CG   C  Y N 340 
TYR CD1  C  Y N 341 
TYR CD2  C  Y N 342 
TYR CE1  C  Y N 343 
TYR CE2  C  Y N 344 
TYR CZ   C  Y N 345 
TYR OH   O  N N 346 
TYR OXT  O  N N 347 
TYR H    H  N N 348 
TYR H2   H  N N 349 
TYR HA   H  N N 350 
TYR HB2  H  N N 351 
TYR HB3  H  N N 352 
TYR HD1  H  N N 353 
TYR HD2  H  N N 354 
TYR HE1  H  N N 355 
TYR HE2  H  N N 356 
TYR HH   H  N N 357 
TYR HXT  H  N N 358 
V96 N    N  N N 359 
V96 CA   C  N S 360 
V96 C    C  N N 361 
V96 O    O  N N 362 
V96 CB   C  N N 363 
V96 CG   C  Y N 364 
V96 CD1  C  Y N 365 
V96 CD2  C  Y N 366 
V96 OXT  O  N N 367 
V96 CAA  C  Y N 368 
V96 CAB  C  Y N 369 
V96 CAC  C  Y N 370 
V96 CAD  C  Y N 371 
V96 CAE  C  Y N 372 
V96 CAF  C  Y N 373 
V96 CAG  C  N N 374 
V96 CAH  C  Y N 375 
V96 CAI  C  Y N 376 
V96 CAJ  C  N N 377 
V96 CAK  C  Y N 378 
V96 CAL  C  Y N 379 
V96 CAM  C  Y N 380 
V96 CAN  C  Y N 381 
V96 CAQ  C  N N 382 
V96 CAT  C  N N 383 
V96 CBA  C  Y N 384 
V96 CBE  C  Y N 385 
V96 CBF  C  Y N 386 
V96 OAO  O  N N 387 
V96 OAP  O  N N 388 
V96 OAR  O  N N 389 
V96 OAS  O  N N 390 
V96 OAU  O  N N 391 
V96 OAV  O  N N 392 
V96 OAW  O  N N 393 
V96 OAX  O  N N 394 
V96 OAY  O  N N 395 
V96 OAZ  O  N N 396 
V96 OBM  O  N N 397 
V96 H1   H  N N 398 
V96 H2   H  N N 399 
V96 H4   H  N N 400 
V96 H5   H  N N 401 
V96 H6   H  N N 402 
V96 H7   H  N N 403 
V96 H8   H  N N 404 
V96 H9   H  N N 405 
V96 H10  H  N N 406 
V96 H11  H  N N 407 
V96 H12  H  N N 408 
V96 H13  H  N N 409 
V96 H14  H  N N 410 
V96 H15  H  N N 411 
V96 H16  H  N N 412 
V96 H17  H  N N 413 
V96 H18  H  N N 414 
VAL N    N  N N 415 
VAL CA   C  N S 416 
VAL C    C  N N 417 
VAL O    O  N N 418 
VAL CB   C  N N 419 
VAL CG1  C  N N 420 
VAL CG2  C  N N 421 
VAL OXT  O  N N 422 
VAL H    H  N N 423 
VAL H2   H  N N 424 
VAL HA   H  N N 425 
VAL HB   H  N N 426 
VAL HG11 H  N N 427 
VAL HG12 H  N N 428 
VAL HG13 H  N N 429 
VAL HG21 H  N N 430 
VAL HG22 H  N N 431 
VAL HG23 H  N N 432 
VAL HXT  H  N N 433 
ZN  ZN   ZN N N 434 
# 
loop_
_chem_comp_bond.comp_id 
_chem_comp_bond.atom_id_1 
_chem_comp_bond.atom_id_2 
_chem_comp_bond.value_order 
_chem_comp_bond.pdbx_aromatic_flag 
_chem_comp_bond.pdbx_stereo_config 
_chem_comp_bond.pdbx_ordinal 
ALA N   CA   sing N N 1   
ALA N   H    sing N N 2   
ALA N   H2   sing N N 3   
ALA CA  C    sing N N 4   
ALA CA  CB   sing N N 5   
ALA CA  HA   sing N N 6   
ALA C   O    doub N N 7   
ALA C   OXT  sing N N 8   
ALA CB  HB1  sing N N 9   
ALA CB  HB2  sing N N 10  
ALA CB  HB3  sing N N 11  
ALA OXT HXT  sing N N 12  
ARG N   CA   sing N N 13  
ARG N   H    sing N N 14  
ARG N   H2   sing N N 15  
ARG CA  C    sing N N 16  
ARG CA  CB   sing N N 17  
ARG CA  HA   sing N N 18  
ARG C   O    doub N N 19  
ARG C   OXT  sing N N 20  
ARG CB  CG   sing N N 21  
ARG CB  HB2  sing N N 22  
ARG CB  HB3  sing N N 23  
ARG CG  CD   sing N N 24  
ARG CG  HG2  sing N N 25  
ARG CG  HG3  sing N N 26  
ARG CD  NE   sing N N 27  
ARG CD  HD2  sing N N 28  
ARG CD  HD3  sing N N 29  
ARG NE  CZ   sing N N 30  
ARG NE  HE   sing N N 31  
ARG CZ  NH1  sing N N 32  
ARG CZ  NH2  doub N N 33  
ARG NH1 HH11 sing N N 34  
ARG NH1 HH12 sing N N 35  
ARG NH2 HH21 sing N N 36  
ARG NH2 HH22 sing N N 37  
ARG OXT HXT  sing N N 38  
ASN N   CA   sing N N 39  
ASN N   H    sing N N 40  
ASN N   H2   sing N N 41  
ASN CA  C    sing N N 42  
ASN CA  CB   sing N N 43  
ASN CA  HA   sing N N 44  
ASN C   O    doub N N 45  
ASN C   OXT  sing N N 46  
ASN CB  CG   sing N N 47  
ASN CB  HB2  sing N N 48  
ASN CB  HB3  sing N N 49  
ASN CG  OD1  doub N N 50  
ASN CG  ND2  sing N N 51  
ASN ND2 HD21 sing N N 52  
ASN ND2 HD22 sing N N 53  
ASN OXT HXT  sing N N 54  
ASP N   CA   sing N N 55  
ASP N   H    sing N N 56  
ASP N   H2   sing N N 57  
ASP CA  C    sing N N 58  
ASP CA  CB   sing N N 59  
ASP CA  HA   sing N N 60  
ASP C   O    doub N N 61  
ASP C   OXT  sing N N 62  
ASP CB  CG   sing N N 63  
ASP CB  HB2  sing N N 64  
ASP CB  HB3  sing N N 65  
ASP CG  OD1  doub N N 66  
ASP CG  OD2  sing N N 67  
ASP OD2 HD2  sing N N 68  
ASP OXT HXT  sing N N 69  
GLN N   CA   sing N N 70  
GLN N   H    sing N N 71  
GLN N   H2   sing N N 72  
GLN CA  C    sing N N 73  
GLN CA  CB   sing N N 74  
GLN CA  HA   sing N N 75  
GLN C   O    doub N N 76  
GLN C   OXT  sing N N 77  
GLN CB  CG   sing N N 78  
GLN CB  HB2  sing N N 79  
GLN CB  HB3  sing N N 80  
GLN CG  CD   sing N N 81  
GLN CG  HG2  sing N N 82  
GLN CG  HG3  sing N N 83  
GLN CD  OE1  doub N N 84  
GLN CD  NE2  sing N N 85  
GLN NE2 HE21 sing N N 86  
GLN NE2 HE22 sing N N 87  
GLN OXT HXT  sing N N 88  
GLU N   CA   sing N N 89  
GLU N   H    sing N N 90  
GLU N   H2   sing N N 91  
GLU CA  C    sing N N 92  
GLU CA  CB   sing N N 93  
GLU CA  HA   sing N N 94  
GLU C   O    doub N N 95  
GLU C   OXT  sing N N 96  
GLU CB  CG   sing N N 97  
GLU CB  HB2  sing N N 98  
GLU CB  HB3  sing N N 99  
GLU CG  CD   sing N N 100 
GLU CG  HG2  sing N N 101 
GLU CG  HG3  sing N N 102 
GLU CD  OE1  doub N N 103 
GLU CD  OE2  sing N N 104 
GLU OE2 HE2  sing N N 105 
GLU OXT HXT  sing N N 106 
GLY N   CA   sing N N 107 
GLY N   H    sing N N 108 
GLY N   H2   sing N N 109 
GLY CA  C    sing N N 110 
GLY CA  HA2  sing N N 111 
GLY CA  HA3  sing N N 112 
GLY C   O    doub N N 113 
GLY C   OXT  sing N N 114 
GLY OXT HXT  sing N N 115 
HIS N   CA   sing N N 116 
HIS N   H    sing N N 117 
HIS N   H2   sing N N 118 
HIS CA  C    sing N N 119 
HIS CA  CB   sing N N 120 
HIS CA  HA   sing N N 121 
HIS C   O    doub N N 122 
HIS C   OXT  sing N N 123 
HIS CB  CG   sing N N 124 
HIS CB  HB2  sing N N 125 
HIS CB  HB3  sing N N 126 
HIS CG  ND1  sing Y N 127 
HIS CG  CD2  doub Y N 128 
HIS ND1 CE1  doub Y N 129 
HIS ND1 HD1  sing N N 130 
HIS CD2 NE2  sing Y N 131 
HIS CD2 HD2  sing N N 132 
HIS CE1 NE2  sing Y N 133 
HIS CE1 HE1  sing N N 134 
HIS NE2 HE2  sing N N 135 
HIS OXT HXT  sing N N 136 
HOH O   H1   sing N N 137 
HOH O   H2   sing N N 138 
ILE N   CA   sing N N 139 
ILE N   H    sing N N 140 
ILE N   H2   sing N N 141 
ILE CA  C    sing N N 142 
ILE CA  CB   sing N N 143 
ILE CA  HA   sing N N 144 
ILE C   O    doub N N 145 
ILE C   OXT  sing N N 146 
ILE CB  CG1  sing N N 147 
ILE CB  CG2  sing N N 148 
ILE CB  HB   sing N N 149 
ILE CG1 CD1  sing N N 150 
ILE CG1 HG12 sing N N 151 
ILE CG1 HG13 sing N N 152 
ILE CG2 HG21 sing N N 153 
ILE CG2 HG22 sing N N 154 
ILE CG2 HG23 sing N N 155 
ILE CD1 HD11 sing N N 156 
ILE CD1 HD12 sing N N 157 
ILE CD1 HD13 sing N N 158 
ILE OXT HXT  sing N N 159 
LEU N   CA   sing N N 160 
LEU N   H    sing N N 161 
LEU N   H2   sing N N 162 
LEU CA  C    sing N N 163 
LEU CA  CB   sing N N 164 
LEU CA  HA   sing N N 165 
LEU C   O    doub N N 166 
LEU C   OXT  sing N N 167 
LEU CB  CG   sing N N 168 
LEU CB  HB2  sing N N 169 
LEU CB  HB3  sing N N 170 
LEU CG  CD1  sing N N 171 
LEU CG  CD2  sing N N 172 
LEU CG  HG   sing N N 173 
LEU CD1 HD11 sing N N 174 
LEU CD1 HD12 sing N N 175 
LEU CD1 HD13 sing N N 176 
LEU CD2 HD21 sing N N 177 
LEU CD2 HD22 sing N N 178 
LEU CD2 HD23 sing N N 179 
LEU OXT HXT  sing N N 180 
LYS N   CA   sing N N 181 
LYS N   H    sing N N 182 
LYS N   H2   sing N N 183 
LYS CA  C    sing N N 184 
LYS CA  CB   sing N N 185 
LYS CA  HA   sing N N 186 
LYS C   O    doub N N 187 
LYS C   OXT  sing N N 188 
LYS CB  CG   sing N N 189 
LYS CB  HB2  sing N N 190 
LYS CB  HB3  sing N N 191 
LYS CG  CD   sing N N 192 
LYS CG  HG2  sing N N 193 
LYS CG  HG3  sing N N 194 
LYS CD  CE   sing N N 195 
LYS CD  HD2  sing N N 196 
LYS CD  HD3  sing N N 197 
LYS CE  NZ   sing N N 198 
LYS CE  HE2  sing N N 199 
LYS CE  HE3  sing N N 200 
LYS NZ  HZ1  sing N N 201 
LYS NZ  HZ2  sing N N 202 
LYS NZ  HZ3  sing N N 203 
LYS OXT HXT  sing N N 204 
MET N   CA   sing N N 205 
MET N   H    sing N N 206 
MET N   H2   sing N N 207 
MET CA  C    sing N N 208 
MET CA  CB   sing N N 209 
MET CA  HA   sing N N 210 
MET C   O    doub N N 211 
MET C   OXT  sing N N 212 
MET CB  CG   sing N N 213 
MET CB  HB2  sing N N 214 
MET CB  HB3  sing N N 215 
MET CG  SD   sing N N 216 
MET CG  HG2  sing N N 217 
MET CG  HG3  sing N N 218 
MET SD  CE   sing N N 219 
MET CE  HE1  sing N N 220 
MET CE  HE2  sing N N 221 
MET CE  HE3  sing N N 222 
MET OXT HXT  sing N N 223 
PHE N   CA   sing N N 224 
PHE N   H    sing N N 225 
PHE N   H2   sing N N 226 
PHE CA  C    sing N N 227 
PHE CA  CB   sing N N 228 
PHE CA  HA   sing N N 229 
PHE C   O    doub N N 230 
PHE C   OXT  sing N N 231 
PHE CB  CG   sing N N 232 
PHE CB  HB2  sing N N 233 
PHE CB  HB3  sing N N 234 
PHE CG  CD1  doub Y N 235 
PHE CG  CD2  sing Y N 236 
PHE CD1 CE1  sing Y N 237 
PHE CD1 HD1  sing N N 238 
PHE CD2 CE2  doub Y N 239 
PHE CD2 HD2  sing N N 240 
PHE CE1 CZ   doub Y N 241 
PHE CE1 HE1  sing N N 242 
PHE CE2 CZ   sing Y N 243 
PHE CE2 HE2  sing N N 244 
PHE CZ  HZ   sing N N 245 
PHE OXT HXT  sing N N 246 
PRO N   CA   sing N N 247 
PRO N   CD   sing N N 248 
PRO N   H    sing N N 249 
PRO CA  C    sing N N 250 
PRO CA  CB   sing N N 251 
PRO CA  HA   sing N N 252 
PRO C   O    doub N N 253 
PRO C   OXT  sing N N 254 
PRO CB  CG   sing N N 255 
PRO CB  HB2  sing N N 256 
PRO CB  HB3  sing N N 257 
PRO CG  CD   sing N N 258 
PRO CG  HG2  sing N N 259 
PRO CG  HG3  sing N N 260 
PRO CD  HD2  sing N N 261 
PRO CD  HD3  sing N N 262 
PRO OXT HXT  sing N N 263 
SER N   CA   sing N N 264 
SER N   H    sing N N 265 
SER N   H2   sing N N 266 
SER CA  C    sing N N 267 
SER CA  CB   sing N N 268 
SER CA  HA   sing N N 269 
SER C   O    doub N N 270 
SER C   OXT  sing N N 271 
SER CB  OG   sing N N 272 
SER CB  HB2  sing N N 273 
SER CB  HB3  sing N N 274 
SER OG  HG   sing N N 275 
SER OXT HXT  sing N N 276 
THR N   CA   sing N N 277 
THR N   H    sing N N 278 
THR N   H2   sing N N 279 
THR CA  C    sing N N 280 
THR CA  CB   sing N N 281 
THR CA  HA   sing N N 282 
THR C   O    doub N N 283 
THR C   OXT  sing N N 284 
THR CB  OG1  sing N N 285 
THR CB  CG2  sing N N 286 
THR CB  HB   sing N N 287 
THR OG1 HG1  sing N N 288 
THR CG2 HG21 sing N N 289 
THR CG2 HG22 sing N N 290 
THR CG2 HG23 sing N N 291 
THR OXT HXT  sing N N 292 
TRP N   CA   sing N N 293 
TRP N   H    sing N N 294 
TRP N   H2   sing N N 295 
TRP CA  C    sing N N 296 
TRP CA  CB   sing N N 297 
TRP CA  HA   sing N N 298 
TRP C   O    doub N N 299 
TRP C   OXT  sing N N 300 
TRP CB  CG   sing N N 301 
TRP CB  HB2  sing N N 302 
TRP CB  HB3  sing N N 303 
TRP CG  CD1  doub Y N 304 
TRP CG  CD2  sing Y N 305 
TRP CD1 NE1  sing Y N 306 
TRP CD1 HD1  sing N N 307 
TRP CD2 CE2  doub Y N 308 
TRP CD2 CE3  sing Y N 309 
TRP NE1 CE2  sing Y N 310 
TRP NE1 HE1  sing N N 311 
TRP CE2 CZ2  sing Y N 312 
TRP CE3 CZ3  doub Y N 313 
TRP CE3 HE3  sing N N 314 
TRP CZ2 CH2  doub Y N 315 
TRP CZ2 HZ2  sing N N 316 
TRP CZ3 CH2  sing Y N 317 
TRP CZ3 HZ3  sing N N 318 
TRP CH2 HH2  sing N N 319 
TRP OXT HXT  sing N N 320 
TYR N   CA   sing N N 321 
TYR N   H    sing N N 322 
TYR N   H2   sing N N 323 
TYR CA  C    sing N N 324 
TYR CA  CB   sing N N 325 
TYR CA  HA   sing N N 326 
TYR C   O    doub N N 327 
TYR C   OXT  sing N N 328 
TYR CB  CG   sing N N 329 
TYR CB  HB2  sing N N 330 
TYR CB  HB3  sing N N 331 
TYR CG  CD1  doub Y N 332 
TYR CG  CD2  sing Y N 333 
TYR CD1 CE1  sing Y N 334 
TYR CD1 HD1  sing N N 335 
TYR CD2 CE2  doub Y N 336 
TYR CD2 HD2  sing N N 337 
TYR CE1 CZ   doub Y N 338 
TYR CE1 HE1  sing N N 339 
TYR CE2 CZ   sing Y N 340 
TYR CE2 HE2  sing N N 341 
TYR CZ  OH   sing N N 342 
TYR OH  HH   sing N N 343 
TYR OXT HXT  sing N N 344 
V96 CBE CD2  sing Y N 345 
V96 CBE CBF  doub Y N 346 
V96 OBM CBF  sing N N 347 
V96 CD2 CG   doub Y N 348 
V96 CBF CBA  sing Y N 349 
V96 OAO CAN  sing N N 350 
V96 OXT C    doub N N 351 
V96 CG  CB   sing N N 352 
V96 CG  CD1  sing Y N 353 
V96 OAR CAQ  doub N N 354 
V96 OAP CAJ  doub N N 355 
V96 OAS CAQ  sing N N 356 
V96 CBA CD1  doub Y N 357 
V96 CBA CAM  sing N N 358 
V96 CAQ CAF  sing N N 359 
V96 C   O    sing N N 360 
V96 C   CA   sing N N 361 
V96 CB  CA   sing N N 362 
V96 CAN CAM  doub Y N 363 
V96 CAN CAI  sing Y N 364 
V96 CAM CAL  sing Y N 365 
V96 CAJ CAI  sing N N 366 
V96 CAJ CAE  sing N N 367 
V96 CAI CAH  doub Y N 368 
V96 CAF CAE  sing Y N 369 
V96 CAF CAA  doub Y N 370 
V96 OAU CAT  doub N N 371 
V96 CA  N    sing N N 372 
V96 CAE CAD  doub Y N 373 
V96 CAL OAZ  sing N N 374 
V96 CAL CAK  doub Y N 375 
V96 CAA CAT  sing N N 376 
V96 CAA CAB  sing Y N 377 
V96 CAT OAV  sing N N 378 
V96 CAH CAK  sing Y N 379 
V96 CAH CAG  sing N N 380 
V96 CAK OAY  sing N N 381 
V96 CAD CAG  sing N N 382 
V96 CAD CAC  sing Y N 383 
V96 CAG OAX  doub N N 384 
V96 CAB CAC  doub Y N 385 
V96 CAB OAW  sing N N 386 
V96 N   H1   sing N N 387 
V96 N   H2   sing N N 388 
V96 CA  H4   sing N N 389 
V96 O   H5   sing N N 390 
V96 CB  H6   sing N N 391 
V96 CB  H7   sing N N 392 
V96 CD1 H8   sing N N 393 
V96 CD2 H9   sing N N 394 
V96 CAC H10  sing N N 395 
V96 CBE H11  sing N N 396 
V96 OAO H12  sing N N 397 
V96 OAS H13  sing N N 398 
V96 OAV H14  sing N N 399 
V96 OAW H15  sing N N 400 
V96 OAY H16  sing N N 401 
V96 OAZ H17  sing N N 402 
V96 OBM H18  sing N N 403 
VAL N   CA   sing N N 404 
VAL N   H    sing N N 405 
VAL N   H2   sing N N 406 
VAL CA  C    sing N N 407 
VAL CA  CB   sing N N 408 
VAL CA  HA   sing N N 409 
VAL C   O    doub N N 410 
VAL C   OXT  sing N N 411 
VAL CB  CG1  sing N N 412 
VAL CB  CG2  sing N N 413 
VAL CB  HB   sing N N 414 
VAL CG1 HG11 sing N N 415 
VAL CG1 HG12 sing N N 416 
VAL CG1 HG13 sing N N 417 
VAL CG2 HG21 sing N N 418 
VAL CG2 HG22 sing N N 419 
VAL CG2 HG23 sing N N 420 
VAL OXT HXT  sing N N 421 
# 
_pdbx_audit_support.funding_organization   'Not funded' 
_pdbx_audit_support.country                ? 
_pdbx_audit_support.grant_number           ? 
_pdbx_audit_support.ordinal                1 
# 
loop_
_pdbx_entity_instance_feature.ordinal 
_pdbx_entity_instance_feature.comp_id 
_pdbx_entity_instance_feature.asym_id 
_pdbx_entity_instance_feature.seq_num 
_pdbx_entity_instance_feature.auth_comp_id 
_pdbx_entity_instance_feature.auth_asym_id 
_pdbx_entity_instance_feature.auth_seq_num 
_pdbx_entity_instance_feature.feature_type 
_pdbx_entity_instance_feature.details 
1 MN  ? ? MN  ? ? 'SUBJECT OF INVESTIGATION' ? 
2 V96 ? ? V96 ? ? 'SUBJECT OF INVESTIGATION' ? 
# 
_pdbx_initial_refinement_model.id               1 
_pdbx_initial_refinement_model.entity_id_list   ? 
_pdbx_initial_refinement_model.type             'experimental model' 
_pdbx_initial_refinement_model.source_name      PDB 
_pdbx_initial_refinement_model.accession_code   7XIS 
_pdbx_initial_refinement_model.details          ? 
# 
_atom_sites.entry_id                    8JYH 
_atom_sites.Cartn_transf_matrix[1][1]   ? 
_atom_sites.Cartn_transf_matrix[1][2]   ? 
_atom_sites.Cartn_transf_matrix[1][3]   ? 
_atom_sites.Cartn_transf_matrix[2][1]   ? 
_atom_sites.Cartn_transf_matrix[2][2]   ? 
_atom_sites.Cartn_transf_matrix[2][3]   ? 
_atom_sites.Cartn_transf_matrix[3][1]   ? 
_atom_sites.Cartn_transf_matrix[3][2]   ? 
_atom_sites.Cartn_transf_matrix[3][3]   ? 
_atom_sites.Cartn_transf_vector[1]      ? 
_atom_sites.Cartn_transf_vector[2]      ? 
_atom_sites.Cartn_transf_vector[3]      ? 
_atom_sites.fract_transf_matrix[1][1]   -0.00353785 
_atom_sites.fract_transf_matrix[1][2]   -0.01311173 
_atom_sites.fract_transf_matrix[1][3]   -0.00877328 
_atom_sites.fract_transf_matrix[2][1]   0.01573576 
_atom_sites.fract_transf_matrix[2][2]   -0.00228958 
_atom_sites.fract_transf_matrix[2][3]   -0.00292370 
_atom_sites.fract_transf_matrix[3][1]   0.00084779 
_atom_sites.fract_transf_matrix[3][2]   -0.00689465 
_atom_sites.fract_transf_matrix[3][3]   0.00996223 
_atom_sites.fract_transf_vector[1]      0.150628 
_atom_sites.fract_transf_vector[2]      0.226344 
_atom_sites.fract_transf_vector[3]      0.182913 
_atom_sites.solution_primary            ? 
_atom_sites.solution_secondary          ? 
_atom_sites.solution_hydrogens          ? 
_atom_sites.special_details             ? 
# 
loop_
_atom_type.symbol 
C  
MN 
N  
O  
S  
ZN 
# 
loop_
_atom_site.group_PDB 
_atom_site.id 
_atom_site.type_symbol 
_atom_site.label_atom_id 
_atom_site.label_alt_id 
_atom_site.label_comp_id 
_atom_site.label_asym_id 
_atom_site.label_entity_id 
_atom_site.label_seq_id 
_atom_site.pdbx_PDB_ins_code 
_atom_site.Cartn_x 
_atom_site.Cartn_y 
_atom_site.Cartn_z 
_atom_site.occupancy 
_atom_site.B_iso_or_equiv 
_atom_site.pdbx_formal_charge 
_atom_site.auth_seq_id 
_atom_site.auth_comp_id 
_atom_site.auth_asym_id 
_atom_site.auth_atom_id 
_atom_site.pdbx_PDB_model_num 
ATOM   1    N  N   . MET A 1 6   ? 12.571  8.652   14.125  1.00 121.79 ? 6   MET A N   1 
ATOM   2    C  CA  . MET A 1 6   ? 13.189  7.593   14.923  1.00 120.19 ? 6   MET A CA  1 
ATOM   3    C  C   . MET A 1 6   ? 12.917  6.194   14.344  1.00 119.73 ? 6   MET A C   1 
ATOM   4    O  O   . MET A 1 6   ? 13.568  5.216   14.743  1.00 115.45 ? 6   MET A O   1 
ATOM   5    C  CB  . MET A 1 6   ? 12.711  7.666   16.378  1.00 117.20 ? 6   MET A CB  1 
ATOM   6    N  N   . TYR A 1 7   ? 11.955  6.096   13.414  1.00 117.95 ? 7   TYR A N   1 
ATOM   7    C  CA  . TYR A 1 7   ? 11.766  4.899   12.598  1.00 106.82 ? 7   TYR A CA  1 
ATOM   8    C  C   . TYR A 1 7   ? 12.321  5.133   11.197  1.00 96.32  ? 7   TYR A C   1 
ATOM   9    O  O   . TYR A 1 7   ? 12.222  6.239   10.658  1.00 95.72  ? 7   TYR A O   1 
ATOM   10   C  CB  . TYR A 1 7   ? 10.294  4.485   12.501  1.00 105.63 ? 7   TYR A CB  1 
ATOM   11   C  CG  . TYR A 1 7   ? 10.157  3.053   12.058  1.00 96.92  ? 7   TYR A CG  1 
ATOM   12   C  CD1 . TYR A 1 7   ? 10.163  2.016   12.986  1.00 92.45  ? 7   TYR A CD1 1 
ATOM   13   C  CD2 . TYR A 1 7   ? 10.078  2.732   10.705  1.00 90.55  ? 7   TYR A CD2 1 
ATOM   14   C  CE1 . TYR A 1 7   ? 10.065  0.700   12.581  1.00 86.31  ? 7   TYR A CE1 1 
ATOM   15   C  CE2 . TYR A 1 7   ? 9.990   1.416   10.283  1.00 82.20  ? 7   TYR A CE2 1 
ATOM   16   C  CZ  . TYR A 1 7   ? 9.978   0.403   11.224  1.00 82.74  ? 7   TYR A CZ  1 
ATOM   17   O  OH  . TYR A 1 7   ? 9.881   -0.911  10.803  1.00 73.40  ? 7   TYR A OH  1 
ATOM   18   N  N   . GLN A 1 8   ? 12.907  4.090   10.609  1.00 83.80  ? 8   GLN A N   1 
ATOM   19   C  CA  . GLN A 1 8   ? 13.584  4.214   9.322   1.00 82.62  ? 8   GLN A CA  1 
ATOM   20   C  C   . GLN A 1 8   ? 13.316  2.998   8.455   1.00 74.98  ? 8   GLN A C   1 
ATOM   21   O  O   . GLN A 1 8   ? 13.632  1.873   8.852   1.00 71.97  ? 8   GLN A O   1 
ATOM   22   C  CB  . GLN A 1 8   ? 15.100  4.392   9.503   1.00 89.19  ? 8   GLN A CB  1 
ATOM   23   C  CG  . GLN A 1 8   ? 15.523  5.843   9.733   1.00 94.36  ? 8   GLN A CG  1 
ATOM   24   C  CD  . GLN A 1 8   ? 16.816  5.972   10.518  1.00 96.90  ? 8   GLN A CD  1 
ATOM   25   O  OE1 . GLN A 1 8   ? 17.600  6.902   10.299  1.00 101.59 ? 8   GLN A OE1 1 
ATOM   26   N  NE2 . GLN A 1 8   ? 17.039  5.046   11.453  1.00 95.53  ? 8   GLN A NE2 1 
ATOM   27   N  N   . LEU A 1 9   ? 12.762  3.239   7.267   1.00 68.45  ? 9   LEU A N   1 
ATOM   28   C  CA  . LEU A 1 9   ? 12.487  2.181   6.309   1.00 62.50  ? 9   LEU A CA  1 
ATOM   29   C  C   . LEU A 1 9   ? 13.785  1.592   5.746   1.00 67.74  ? 9   LEU A C   1 
ATOM   30   O  O   . LEU A 1 9   ? 14.838  2.233   5.729   1.00 63.74  ? 9   LEU A O   1 
ATOM   31   C  CB  . LEU A 1 9   ? 11.628  2.715   5.163   1.00 64.91  ? 9   LEU A CB  1 
ATOM   32   C  CG  . LEU A 1 9   ? 10.227  3.207   5.553   1.00 62.53  ? 9   LEU A CG  1 
ATOM   33   C  CD1 . LEU A 1 9   ? 9.803   4.407   4.714   1.00 68.53  ? 9   LEU A CD1 1 
ATOM   34   C  CD2 . LEU A 1 9   ? 9.216   2.095   5.416   1.00 66.15  ? 9   LEU A CD2 1 
ATOM   35   N  N   . GLU A 1 10  ? 13.691  0.355   5.259   1.00 62.66  ? 10  GLU A N   1 
ATOM   36   C  CA  . GLU A 1 10  ? 14.868  -0.344  4.764   1.00 62.95  ? 10  GLU A CA  1 
ATOM   37   C  C   . GLU A 1 10  ? 15.296  0.224   3.425   1.00 59.41  ? 10  GLU A C   1 
ATOM   38   O  O   . GLU A 1 10  ? 14.462  0.585   2.595   1.00 58.32  ? 10  GLU A O   1 
ATOM   39   C  CB  . GLU A 1 10  ? 14.584  -1.836  4.620   1.00 60.97  ? 10  GLU A CB  1 
ATOM   40   C  CG  . GLU A 1 10  ? 14.329  -2.507  5.962   1.00 67.91  ? 10  GLU A CG  1 
ATOM   41   C  CD  . GLU A 1 10  ? 15.592  -2.604  6.807   1.00 63.44  ? 10  GLU A CD  1 
ATOM   42   O  OE1 . GLU A 1 10  ? 16.645  -3.001  6.268   1.00 69.59  ? 10  GLU A OE1 1 
ATOM   43   O  OE2 . GLU A 1 10  ? 15.542  -2.265  8.008   1.00 69.47  ? 10  GLU A OE2 1 
ATOM   44   N  N   . LYS A 1 11  ? 16.607  0.279   3.203   1.00 60.43  ? 11  LYS A N   1 
ATOM   45   C  CA  . LYS A 1 11  ? 17.107  0.820   1.944   1.00 60.62  ? 11  LYS A CA  1 
ATOM   46   C  C   . LYS A 1 11  ? 17.017  -0.183  0.803   1.00 61.29  ? 11  LYS A C   1 
ATOM   47   O  O   . LYS A 1 11  ? 17.017  0.229   -0.364  1.00 70.15  ? 11  LYS A O   1 
ATOM   48   C  CB  . LYS A 1 11  ? 18.560  1.306   2.108   1.00 66.98  ? 11  LYS A CB  1 
ATOM   49   C  CG  . LYS A 1 11  ? 18.936  1.788   3.514   1.00 65.04  ? 11  LYS A CG  1 
ATOM   50   C  CD  . LYS A 1 11  ? 18.882  3.323   3.618   1.00 76.98  ? 11  LYS A CD  1 
ATOM   51   C  CE  . LYS A 1 11  ? 19.930  3.893   4.580   1.00 76.81  ? 11  LYS A CE  1 
ATOM   52   N  NZ  . LYS A 1 11  ? 19.668  3.553   6.012   1.00 81.42  ? 11  LYS A NZ  1 
ATOM   53   N  N   . GLU A 1 12  ? 16.945  -1.477  1.110   1.00 62.19  ? 12  GLU A N   1 
ATOM   54   C  CA  . GLU A 1 12  ? 16.850  -2.555  0.143   1.00 59.66  ? 12  GLU A CA  1 
ATOM   55   C  C   . GLU A 1 12  ? 15.929  -3.641  0.696   1.00 60.10  ? 12  GLU A C   1 
ATOM   56   O  O   . GLU A 1 12  ? 15.628  -3.647  1.897   1.00 57.78  ? 12  GLU A O   1 
ATOM   57   C  CB  . GLU A 1 12  ? 18.239  -3.136  -0.176  1.00 68.75  ? 12  GLU A CB  1 
ATOM   58   C  CG  . GLU A 1 12  ? 18.875  -3.909  0.972   1.00 70.45  ? 12  GLU A CG  1 
ATOM   59   C  CD  . GLU A 1 12  ? 20.015  -3.137  1.636   1.00 77.51  ? 12  GLU A CD  1 
ATOM   60   O  OE1 . GLU A 1 12  ? 20.250  -1.968  1.241   1.00 63.31  ? 12  GLU A OE1 1 
ATOM   61   O  OE2 . GLU A 1 12  ? 20.662  -3.703  2.558   1.00 80.31  ? 12  GLU A OE2 1 
ATOM   62   N  N   . PRO A 1 13  ? 15.453  -4.553  -0.147  1.00 61.33  ? 13  PRO A N   1 
ATOM   63   C  CA  . PRO A 1 13  ? 14.505  -5.566  0.345   1.00 62.24  ? 13  PRO A CA  1 
ATOM   64   C  C   . PRO A 1 13  ? 15.122  -6.453  1.427   1.00 62.45  ? 13  PRO A C   1 
ATOM   65   O  O   . PRO A 1 13  ? 16.288  -6.856  1.351   1.00 58.75  ? 13  PRO A O   1 
ATOM   66   C  CB  . PRO A 1 13  ? 14.151  -6.369  -0.914  1.00 59.30  ? 13  PRO A CB  1 
ATOM   67   C  CG  . PRO A 1 13  ? 14.438  -5.440  -2.065  1.00 57.89  ? 13  PRO A CG  1 
ATOM   68   C  CD  . PRO A 1 13  ? 15.661  -4.664  -1.605  1.00 58.21  ? 13  PRO A CD  1 
ATOM   69   N  N   . ILE A 1 14  ? 14.326  -6.721  2.460   1.00 61.17  ? 14  ILE A N   1 
ATOM   70   C  CA  . ILE A 1 14  ? 14.727  -7.630  3.524   1.00 59.60  ? 14  ILE A CA  1 
ATOM   71   C  C   . ILE A 1 14  ? 14.798  -9.032  2.952   1.00 60.80  ? 14  ILE A C   1 
ATOM   72   O  O   . ILE A 1 14  ? 13.786  -9.573  2.492   1.00 59.64  ? 14  ILE A O   1 
ATOM   73   C  CB  . ILE A 1 14  ? 13.745  -7.578  4.697   1.00 60.38  ? 14  ILE A CB  1 
ATOM   74   C  CG1 . ILE A 1 14  ? 13.598  -6.132  5.195   1.00 51.48  ? 14  ILE A CG1 1 
ATOM   75   C  CG2 . ILE A 1 14  ? 14.206  -8.562  5.773   1.00 61.16  ? 14  ILE A CG2 1 
ATOM   76   C  CD1 . ILE A 1 14  ? 12.163  -5.759  5.638   1.00 56.61  ? 14  ILE A CD1 1 
ATOM   77   N  N   . VAL A 1 15  ? 15.993  -9.618  2.970   1.00 59.12  ? 15  VAL A N   1 
ATOM   78   C  CA  . VAL A 1 15  ? 16.201  -10.928 2.375   1.00 66.10  ? 15  VAL A CA  1 
ATOM   79   C  C   . VAL A 1 15  ? 15.586  -11.983 3.290   1.00 63.69  ? 15  VAL A C   1 
ATOM   80   O  O   . VAL A 1 15  ? 15.777  -11.955 4.514   1.00 58.98  ? 15  VAL A O   1 
ATOM   81   C  CB  . VAL A 1 15  ? 17.699  -11.167 2.115   1.00 61.96  ? 15  VAL A CB  1 
ATOM   82   C  CG1 . VAL A 1 15  ? 18.506  -10.889 3.359   1.00 67.42  ? 15  VAL A CG1 1 
ATOM   83   C  CG2 . VAL A 1 15  ? 17.929  -12.576 1.656   1.00 69.94  ? 15  VAL A CG2 1 
ATOM   84   N  N   . GLY A 1 16  ? 14.786  -12.880 2.698   1.00 63.37  ? 16  GLY A N   1 
ATOM   85   C  CA  . GLY A 1 16  ? 14.020  -13.883 3.413   1.00 58.94  ? 16  GLY A CA  1 
ATOM   86   C  C   . GLY A 1 16  ? 12.572  -13.497 3.698   1.00 64.76  ? 16  GLY A C   1 
ATOM   87   O  O   . GLY A 1 16  ? 11.718  -14.385 3.812   1.00 63.53  ? 16  GLY A O   1 
ATOM   88   N  N   . ALA A 1 17  ? 12.286  -12.200 3.853   1.00 65.20  ? 17  ALA A N   1 
ATOM   89   C  CA  . ALA A 1 17  ? 10.953  -11.756 4.251   1.00 58.87  ? 17  ALA A CA  1 
ATOM   90   C  C   . ALA A 1 17  ? 9.941   -12.008 3.139   1.00 62.49  ? 17  ALA A C   1 
ATOM   91   O  O   . ALA A 1 17  ? 10.278  -11.976 1.949   1.00 61.93  ? 17  ALA A O   1 
ATOM   92   C  CB  . ALA A 1 17  ? 10.966  -10.267 4.623   1.00 55.71  ? 17  ALA A CB  1 
ATOM   93   N  N   . GLU A 1 18  ? 8.698   -12.295 3.529   1.00 59.02  ? 18  GLU A N   1 
ATOM   94   C  CA  . GLU A 1 18  ? 7.660   -12.497 2.531   1.00 62.42  ? 18  GLU A CA  1 
ATOM   95   C  C   . GLU A 1 18  ? 7.308   -11.158 1.897   1.00 55.12  ? 18  GLU A C   1 
ATOM   96   O  O   . GLU A 1 18  ? 7.248   -10.121 2.575   1.00 49.74  ? 18  GLU A O   1 
ATOM   97   C  CB  . GLU A 1 18  ? 6.424   -13.142 3.165   1.00 63.66  ? 18  GLU A CB  1 
ATOM   98   C  CG  . GLU A 1 18  ? 5.161   -13.059 2.292   1.00 63.04  ? 18  GLU A CG  1 
ATOM   99   C  CD  . GLU A 1 18  ? 3.976   -13.865 2.847   1.00 68.80  ? 18  GLU A CD  1 
ATOM   100  O  OE1 . GLU A 1 18  ? 3.813   -13.966 4.092   1.00 63.77  ? 18  GLU A OE1 1 
ATOM   101  O  OE2 . GLU A 1 18  ? 3.191   -14.385 2.024   1.00 65.51  ? 18  GLU A OE2 1 
ATOM   102  N  N   . THR A 1 19  ? 7.079   -11.171 0.587   1.00 52.73  ? 19  THR A N   1 
ATOM   103  C  CA  . THR A 1 19  ? 6.804   -9.935  -0.133  1.00 59.24  ? 19  THR A CA  1 
ATOM   104  C  C   . THR A 1 19  ? 5.329   -9.837  -0.501  1.00 56.90  ? 19  THR A C   1 
ATOM   105  O  O   . THR A 1 19  ? 4.750   -10.785 -1.041  1.00 56.07  ? 19  THR A O   1 
ATOM   106  C  CB  . THR A 1 19  ? 7.670   -9.831  -1.391  1.00 54.01  ? 19  THR A CB  1 
ATOM   107  O  OG1 . THR A 1 19  ? 9.050   -9.858  -1.019  1.00 60.78  ? 19  THR A OG1 1 
ATOM   108  C  CG2 . THR A 1 19  ? 7.387   -8.539  -2.133  1.00 55.09  ? 19  THR A CG2 1 
ATOM   109  N  N   . PHE A 1 20  ? 4.747   -8.662  -0.258  1.00 56.14  ? 20  PHE A N   1 
ATOM   110  C  CA  . PHE A 1 20  ? 3.346   -8.361  -0.566  1.00 53.24  ? 20  PHE A CA  1 
ATOM   111  C  C   . PHE A 1 20  ? 3.280   -7.393  -1.741  1.00 48.49  ? 20  PHE A C   1 
ATOM   112  O  O   . PHE A 1 20  ? 3.772   -6.260  -1.638  1.00 51.28  ? 20  PHE A O   1 
ATOM   113  C  CB  . PHE A 1 20  ? 2.645   -7.730  0.640   1.00 53.07  ? 20  PHE A CB  1 
ATOM   114  C  CG  . PHE A 1 20  ? 2.363   -8.690  1.754   1.00 51.65  ? 20  PHE A CG  1 
ATOM   115  C  CD1 . PHE A 1 20  ? 3.402   -9.238  2.485   1.00 50.26  ? 20  PHE A CD1 1 
ATOM   116  C  CD2 . PHE A 1 20  ? 1.048   -9.022  2.096   1.00 60.45  ? 20  PHE A CD2 1 
ATOM   117  C  CE1 . PHE A 1 20  ? 3.149   -10.141 3.532   1.00 59.40  ? 20  PHE A CE1 1 
ATOM   118  C  CE2 . PHE A 1 20  ? 0.784   -9.917  3.159   1.00 60.63  ? 20  PHE A CE2 1 
ATOM   119  C  CZ  . PHE A 1 20  ? 1.844   -10.472 3.871   1.00 59.26  ? 20  PHE A CZ  1 
ATOM   120  N  N   . TYR A 1 21  ? 2.686   -7.832  -2.847  1.00 45.78  ? 21  TYR A N   1 
ATOM   121  C  CA  . TYR A 1 21  ? 2.409   -6.953  -3.981  1.00 58.14  ? 21  TYR A CA  1 
ATOM   122  C  C   . TYR A 1 21  ? 1.020   -6.375  -3.751  1.00 58.82  ? 21  TYR A C   1 
ATOM   123  O  O   . TYR A 1 21  ? 0.016   -7.068  -3.929  1.00 57.31  ? 21  TYR A O   1 
ATOM   124  C  CB  . TYR A 1 21  ? 2.480   -7.709  -5.306  1.00 58.72  ? 21  TYR A CB  1 
ATOM   125  C  CG  . TYR A 1 21  ? 3.858   -8.261  -5.623  1.00 60.96  ? 21  TYR A CG  1 
ATOM   126  C  CD1 . TYR A 1 21  ? 4.226   -9.537  -5.202  1.00 53.03  ? 21  TYR A CD1 1 
ATOM   127  C  CD2 . TYR A 1 21  ? 4.794   -7.492  -6.312  1.00 55.87  ? 21  TYR A CD2 1 
ATOM   128  C  CE1 . TYR A 1 21  ? 5.494   -10.039 -5.471  1.00 56.46  ? 21  TYR A CE1 1 
ATOM   129  C  CE2 . TYR A 1 21  ? 6.043   -7.987  -6.599  1.00 60.00  ? 21  TYR A CE2 1 
ATOM   130  C  CZ  . TYR A 1 21  ? 6.394   -9.256  -6.174  1.00 58.51  ? 21  TYR A CZ  1 
ATOM   131  O  OH  . TYR A 1 21  ? 7.658   -9.738  -6.455  1.00 65.46  ? 21  TYR A OH  1 
ATOM   132  N  N   . VAL A 1 22  ? 0.966   -5.114  -3.374  1.00 56.92  ? 22  VAL A N   1 
ATOM   133  C  CA  . VAL A 1 22  ? -0.293  -4.482  -3.009  1.00 54.03  ? 22  VAL A CA  1 
ATOM   134  C  C   . VAL A 1 22  ? -0.809  -3.677  -4.188  1.00 60.00  ? 22  VAL A C   1 
ATOM   135  O  O   . VAL A 1 22  ? -0.035  -3.149  -5.009  1.00 57.90  ? 22  VAL A O   1 
ATOM   136  C  CB  . VAL A 1 22  ? -0.137  -3.595  -1.752  1.00 51.21  ? 22  VAL A CB  1 
ATOM   137  C  CG1 . VAL A 1 22  ? 0.555   -4.377  -0.651  1.00 50.72  ? 22  VAL A CG1 1 
ATOM   138  C  CG2 . VAL A 1 22  ? 0.581   -2.270  -2.070  1.00 51.68  ? 22  VAL A CG2 1 
ATOM   139  N  N   . ASP A 1 23  ? -2.138  -3.598  -4.283  1.00 50.60  ? 23  ASP A N   1 
ATOM   140  C  CA  . ASP A 1 23  ? -2.753  -2.684  -5.230  1.00 52.22  ? 23  ASP A CA  1 
ATOM   141  C  C   . ASP A 1 23  ? -4.175  -2.357  -4.803  1.00 58.25  ? 23  ASP A C   1 
ATOM   142  O  O   . ASP A 1 23  ? -4.802  -3.062  -4.001  1.00 54.71  ? 23  ASP A O   1 
ATOM   143  C  CB  . ASP A 1 23  ? -2.765  -3.239  -6.651  1.00 56.83  ? 23  ASP A CB  1 
ATOM   144  C  CG  . ASP A 1 23  ? -2.699  -2.149  -7.689  1.00 62.96  ? 23  ASP A CG  1 
ATOM   145  O  OD1 . ASP A 1 23  ? -2.543  -0.973  -7.316  1.00 53.57  ? 23  ASP A OD1 1 
ATOM   146  O  OD2 . ASP A 1 23  ? -2.786  -2.469  -8.886  1.00 71.59  ? 23  ASP A OD2 1 
ATOM   147  N  N   . GLY A 1 24  ? -4.662  -1.272  -5.374  1.00 55.62  ? 24  GLY A N   1 
ATOM   148  C  CA  . GLY A 1 24  ? -6.039  -0.859  -5.231  1.00 53.32  ? 24  GLY A CA  1 
ATOM   149  C  C   . GLY A 1 24  ? -6.468  -0.181  -6.512  1.00 63.14  ? 24  GLY A C   1 
ATOM   150  O  O   . GLY A 1 24  ? -5.633  0.295   -7.299  1.00 69.25  ? 24  GLY A O   1 
ATOM   151  N  N   . ALA A 1 25  ? -7.780  -0.168  -6.735  1.00 48.27  ? 25  ALA A N   1 
ATOM   152  C  CA  . ALA A 1 25  ? -8.431  0.513   -7.844  1.00 63.43  ? 25  ALA A CA  1 
ATOM   153  C  C   . ALA A 1 25  ? -9.801  0.976   -7.367  1.00 58.86  ? 25  ALA A C   1 
ATOM   154  O  O   . ALA A 1 25  ? -10.449 0.290   -6.577  1.00 53.20  ? 25  ALA A O   1 
ATOM   155  C  CB  . ALA A 1 25  ? -8.600  -0.397  -9.074  1.00 63.87  ? 25  ALA A CB  1 
ATOM   156  N  N   . ALA A 1 26  ? -10.229 2.142   -7.845  1.00 62.25  ? 26  ALA A N   1 
ATOM   157  C  CA  . ALA A 1 26  ? -11.558 2.665   -7.571  1.00 58.52  ? 26  ALA A CA  1 
ATOM   158  C  C   . ALA A 1 26  ? -12.111 3.233   -8.867  1.00 64.88  ? 26  ALA A C   1 
ATOM   159  O  O   . ALA A 1 26  ? -11.351 3.533   -9.793  1.00 58.20  ? 26  ALA A O   1 
ATOM   160  C  CB  . ALA A 1 26  ? -11.536 3.750   -6.480  1.00 53.78  ? 26  ALA A CB  1 
ATOM   161  N  N   . ASN A 1 27  ? -13.442 3.354   -8.939  1.00 65.31  ? 27  ASN A N   1 
ATOM   162  C  CA  . ASN A 1 27  ? -14.119 4.000   -10.063 1.00 62.10  ? 27  ASN A CA  1 
ATOM   163  C  C   . ASN A 1 27  ? -14.758 5.304   -9.582  1.00 69.31  ? 27  ASN A C   1 
ATOM   164  O  O   . ASN A 1 27  ? -15.502 5.312   -8.589  1.00 65.23  ? 27  ASN A O   1 
ATOM   165  C  CB  . ASN A 1 27  ? -15.170 3.079   -10.688 1.00 64.81  ? 27  ASN A CB  1 
ATOM   166  C  CG  . ASN A 1 27  ? -16.034 3.799   -11.715 1.00 69.64  ? 27  ASN A CG  1 
ATOM   167  O  OD1 . ASN A 1 27  ? -15.646 3.944   -12.880 1.00 67.13  ? 27  ASN A OD1 1 
ATOM   168  N  ND2 . ASN A 1 27  ? -17.200 4.280   -11.280 1.00 70.97  ? 27  ASN A ND2 1 
ATOM   169  N  N   . ARG A 1 28  ? -14.475 6.398   -10.301 1.00 65.38  ? 28  ARG A N   1 
ATOM   170  C  CA  . ARG A 1 28  ? -14.807 7.751   -9.860  1.00 72.72  ? 28  ARG A CA  1 
ATOM   171  C  C   . ARG A 1 28  ? -16.308 8.056   -9.938  1.00 72.13  ? 28  ARG A C   1 
ATOM   172  O  O   . ARG A 1 28  ? -16.779 8.977   -9.255  1.00 69.77  ? 28  ARG A O   1 
ATOM   173  C  CB  . ARG A 1 28  ? -13.996 8.761   -10.692 1.00 74.35  ? 28  ARG A CB  1 
ATOM   174  C  CG  . ARG A 1 28  ? -12.641 9.134   -10.062 1.00 84.28  ? 28  ARG A CG  1 
ATOM   175  C  CD  . ARG A 1 28  ? -11.908 10.255  -10.809 1.00 83.24  ? 28  ARG A CD  1 
ATOM   176  N  NE  . ARG A 1 28  ? -11.950 11.471  -10.017 1.00 91.35  ? 28  ARG A NE  1 
ATOM   177  C  CZ  . ARG A 1 28  ? -12.873 12.406  -10.187 1.00 97.17  ? 28  ARG A CZ  1 
ATOM   178  N  NH1 . ARG A 1 28  ? -13.816 12.291  -11.131 1.00 98.31  ? 28  ARG A NH1 1 
ATOM   179  N  NH2 . ARG A 1 28  ? -12.868 13.469  -9.387  1.00 98.28  ? 28  ARG A NH2 1 
ATOM   180  N  N   . GLU A 1 29  ? -17.071 7.300   -10.729 1.00 69.77  ? 29  GLU A N   1 
ATOM   181  C  CA  . GLU A 1 29  ? -18.503 7.541   -10.874 1.00 72.61  ? 29  GLU A CA  1 
ATOM   182  C  C   . GLU A 1 29  ? -19.313 6.906   -9.754  1.00 70.17  ? 29  GLU A C   1 
ATOM   183  O  O   . GLU A 1 29  ? -20.328 7.469   -9.329  1.00 64.57  ? 29  GLU A O   1 
ATOM   184  C  CB  . GLU A 1 29  ? -18.991 6.998   -12.222 1.00 70.90  ? 29  GLU A CB  1 
ATOM   185  C  CG  . GLU A 1 29  ? -18.651 7.880   -13.416 1.00 67.53  ? 29  GLU A CG  1 
ATOM   186  C  CD  . GLU A 1 29  ? -17.238 7.615   -13.952 1.00 73.22  ? 29  GLU A CD  1 
ATOM   187  O  OE1 . GLU A 1 29  ? -16.486 6.816   -13.342 1.00 67.60  ? 29  GLU A OE1 1 
ATOM   188  O  OE2 . GLU A 1 29  ? -16.871 8.225   -14.976 1.00 73.77  ? 29  GLU A OE2 1 
ATOM   189  N  N   . THR A 1 30  ? -18.881 5.742   -9.277  1.00 65.54  ? 30  THR A N   1 
ATOM   190  C  CA  . THR A 1 30  ? -19.589 5.011   -8.243  1.00 64.18  ? 30  THR A CA  1 
ATOM   191  C  C   . THR A 1 30  ? -18.898 5.058   -6.891  1.00 59.18  ? 30  THR A C   1 
ATOM   192  O  O   . THR A 1 30  ? -19.519 4.699   -5.886  1.00 57.73  ? 30  THR A O   1 
ATOM   193  C  CB  . THR A 1 30  ? -19.780 3.541   -8.667  1.00 64.15  ? 30  THR A CB  1 
ATOM   194  O  OG1 . THR A 1 30  ? -18.500 2.910   -8.823  1.00 57.38  ? 30  THR A OG1 1 
ATOM   195  C  CG2 . THR A 1 30  ? -20.564 3.426   -9.986  1.00 58.46  ? 30  THR A CG2 1 
ATOM   196  N  N   . LYS A 1 31  ? -17.634 5.484   -6.834  1.00 65.78  ? 31  LYS A N   1 
ATOM   197  C  CA  . LYS A 1 31  ? -16.833 5.468   -5.609  1.00 57.84  ? 31  LYS A CA  1 
ATOM   198  C  C   . LYS A 1 31  ? -16.729 4.061   -5.019  1.00 55.30  ? 31  LYS A C   1 
ATOM   199  O  O   . LYS A 1 31  ? -16.415 3.887   -3.843  1.00 56.58  ? 31  LYS A O   1 
ATOM   200  C  CB  . LYS A 1 31  ? -17.389 6.462   -4.582  1.00 62.42  ? 31  LYS A CB  1 
ATOM   201  C  CG  . LYS A 1 31  ? -17.489 7.888   -5.111  1.00 60.42  ? 31  LYS A CG  1 
ATOM   202  C  CD  . LYS A 1 31  ? -16.726 8.859   -4.224  1.00 76.92  ? 31  LYS A CD  1 
ATOM   203  C  CE  . LYS A 1 31  ? -17.444 10.218  -4.087  1.00 79.95  ? 31  LYS A CE  1 
ATOM   204  N  NZ  . LYS A 1 31  ? -17.127 11.218  -5.181  1.00 79.21  ? 31  LYS A NZ  1 
ATOM   205  N  N   . LEU A 1 32  ? -17.013 3.051   -5.831  1.00 55.23  ? 32  LEU A N   1 
ATOM   206  C  CA  . LEU A 1 32  ? -16.708 1.666   -5.507  1.00 59.09  ? 32  LEU A CA  1 
ATOM   207  C  C   . LEU A 1 32  ? -15.252 1.364   -5.857  1.00 60.82  ? 32  LEU A C   1 
ATOM   208  O  O   . LEU A 1 32  ? -14.674 1.968   -6.770  1.00 56.55  ? 32  LEU A O   1 
ATOM   209  C  CB  . LEU A 1 32  ? -17.629 0.738   -6.289  1.00 54.25  ? 32  LEU A CB  1 
ATOM   210  C  CG  . LEU A 1 32  ? -19.124 0.997   -6.133  1.00 59.34  ? 32  LEU A CG  1 
ATOM   211  C  CD1 . LEU A 1 32  ? -19.919 0.137   -7.101  1.00 58.30  ? 32  LEU A CD1 1 
ATOM   212  C  CD2 . LEU A 1 32  ? -19.496 0.672   -4.709  1.00 63.05  ? 32  LEU A CD2 1 
ATOM   213  N  N   . GLY A 1 33  ? -14.669 0.410   -5.139  1.00 56.77  ? 33  GLY A N   1 
ATOM   214  C  CA  . GLY A 1 33  ? -13.308 0.016   -5.442  1.00 63.21  ? 33  GLY A CA  1 
ATOM   215  C  C   . GLY A 1 33  ? -12.932 -1.242  -4.695  1.00 65.05  ? 33  GLY A C   1 
ATOM   216  O  O   . GLY A 1 33  ? -13.723 -1.787  -3.919  1.00 57.67  ? 33  GLY A O   1 
ATOM   217  N  N   . LYS A 1 34  ? -11.689 -1.698  -4.946  1.00 61.83  ? 34  LYS A N   1 
ATOM   218  C  CA  . LYS A 1 34  ? -11.104 -2.848  -4.264  1.00 55.14  ? 34  LYS A CA  1 
ATOM   219  C  C   . LYS A 1 34  ? -9.655  -2.553  -3.878  1.00 65.99  ? 34  LYS A C   1 
ATOM   220  O  O   . LYS A 1 34  ? -8.940  -1.810  -4.568  1.00 57.66  ? 34  LYS A O   1 
ATOM   221  C  CB  . LYS A 1 34  ? -11.153 -4.104  -5.146  1.00 56.97  ? 34  LYS A CB  1 
ATOM   222  C  CG  . LYS A 1 34  ? -12.508 -4.348  -5.803  1.00 54.71  ? 34  LYS A CG  1 
ATOM   223  C  CD  . LYS A 1 34  ? -12.555 -5.662  -6.566  1.00 57.48  ? 34  LYS A CD  1 
ATOM   224  C  CE  . LYS A 1 34  ? -13.999 -6.032  -6.908  1.00 59.41  ? 34  LYS A CE  1 
ATOM   225  N  NZ  . LYS A 1 34  ? -14.133 -7.358  -7.550  1.00 63.05  ? 34  LYS A NZ  1 
ATOM   226  N  N   . ALA A 1 35  ? -9.224  -3.158  -2.770  1.00 61.59  ? 35  ALA A N   1 
ATOM   227  C  CA  . ALA A 1 35  ? -7.838  -3.123  -2.317  1.00 58.34  ? 35  ALA A CA  1 
ATOM   228  C  C   . ALA A 1 35  ? -7.395  -4.549  -2.010  1.00 65.49  ? 35  ALA A C   1 
ATOM   229  O  O   . ALA A 1 35  ? -8.198  -5.378  -1.569  1.00 63.98  ? 35  ALA A O   1 
ATOM   230  C  CB  . ALA A 1 35  ? -7.665  -2.237  -1.077  1.00 54.93  ? 35  ALA A CB  1 
ATOM   231  N  N   . GLY A 1 36  ? -6.127  -4.854  -2.269  1.00 53.69  ? 36  GLY A N   1 
ATOM   232  C  CA  . GLY A 1 36  ? -5.701  -6.198  -1.938  1.00 55.16  ? 36  GLY A CA  1 
ATOM   233  C  C   . GLY A 1 36  ? -4.219  -6.430  -2.149  1.00 57.18  ? 36  GLY A C   1 
ATOM   234  O  O   . GLY A 1 36  ? -3.430  -5.501  -2.383  1.00 56.01  ? 36  GLY A O   1 
ATOM   235  N  N   . TYR A 1 37  ? -3.853  -7.708  -2.029  1.00 54.60  ? 37  TYR A N   1 
ATOM   236  C  CA  . TYR A 1 37  ? -2.471  -8.117  -2.179  1.00 59.17  ? 37  TYR A CA  1 
ATOM   237  C  C   . TYR A 1 37  ? -2.410  -9.555  -2.667  1.00 59.32  ? 37  TYR A C   1 
ATOM   238  O  O   . TYR A 1 37  ? -3.369  -10.323 -2.547  1.00 54.19  ? 37  TYR A O   1 
ATOM   239  C  CB  . TYR A 1 37  ? -1.672  -7.952  -0.876  1.00 51.22  ? 37  TYR A CB  1 
ATOM   240  C  CG  . TYR A 1 37  ? -2.153  -8.764  0.307   1.00 60.10  ? 37  TYR A CG  1 
ATOM   241  C  CD1 . TYR A 1 37  ? -2.043  -10.166 0.315   1.00 50.28  ? 37  TYR A CD1 1 
ATOM   242  C  CD2 . TYR A 1 37  ? -2.626  -8.128  1.462   1.00 53.57  ? 37  TYR A CD2 1 
ATOM   243  C  CE1 . TYR A 1 37  ? -2.443  -10.914 1.401   1.00 50.85  ? 37  TYR A CE1 1 
ATOM   244  C  CE2 . TYR A 1 37  ? -3.016  -8.873  2.567   1.00 58.87  ? 37  TYR A CE2 1 
ATOM   245  C  CZ  . TYR A 1 37  ? -2.933  -10.273 2.525   1.00 61.07  ? 37  TYR A CZ  1 
ATOM   246  O  OH  . TYR A 1 37  ? -3.343  -11.035 3.611   1.00 70.37  ? 37  TYR A OH  1 
ATOM   247  N  N   . VAL A 1 38  ? -1.285  -9.870  -3.282  1.00 60.42  ? 38  VAL A N   1 
ATOM   248  C  CA  . VAL A 1 38  ? -0.816  -11.222 -3.541  1.00 58.13  ? 38  VAL A CA  1 
ATOM   249  C  C   . VAL A 1 38  ? 0.609   -11.258 -2.998  1.00 62.12  ? 38  VAL A C   1 
ATOM   250  O  O   . VAL A 1 38  ? 1.282   -10.221 -2.945  1.00 54.23  ? 38  VAL A O   1 
ATOM   251  C  CB  . VAL A 1 38  ? -0.902  -11.581 -5.044  1.00 57.22  ? 38  VAL A CB  1 
ATOM   252  C  CG1 . VAL A 1 38  ? -2.349  -11.408 -5.563  1.00 55.69  ? 38  VAL A CG1 1 
ATOM   253  C  CG2 . VAL A 1 38  ? 0.014   -10.703 -5.866  1.00 59.78  ? 38  VAL A CG2 1 
ATOM   254  N  N   . THR A 1 39  ? 1.049   -12.422 -2.516  1.00 61.77  ? 39  THR A N   1 
ATOM   255  C  CA  . THR A 1 39  ? 2.380   -12.510 -1.924  1.00 58.45  ? 39  THR A CA  1 
ATOM   256  C  C   . THR A 1 39  ? 3.175   -13.643 -2.555  1.00 65.83  ? 39  THR A C   1 
ATOM   257  O  O   . THR A 1 39  ? 2.619   -14.545 -3.190  1.00 52.76  ? 39  THR A O   1 
ATOM   258  C  CB  . THR A 1 39  ? 2.325   -12.716 -0.417  1.00 60.06  ? 39  THR A CB  1 
ATOM   259  O  OG1 . THR A 1 39  ? 2.292   -14.121 -0.146  1.00 58.07  ? 39  THR A OG1 1 
ATOM   260  C  CG2 . THR A 1 39  ? 1.084   -12.024 0.178   1.00 59.16  ? 39  THR A CG2 1 
ATOM   261  N  N   . ASN A 1 40  ? 4.511   -13.581 -2.372  1.00 66.83  ? 40  ASN A N   1 
ATOM   262  C  CA  . ASN A 1 40  ? 5.398   -14.566 -2.993  1.00 61.31  ? 40  ASN A CA  1 
ATOM   263  C  C   . ASN A 1 40  ? 5.331   -15.912 -2.296  1.00 67.76  ? 40  ASN A C   1 
ATOM   264  O  O   . ASN A 1 40  ? 5.885   -16.883 -2.812  1.00 66.34  ? 40  ASN A O   1 
ATOM   265  C  CB  . ASN A 1 40  ? 6.850   -14.050 -3.053  1.00 62.18  ? 40  ASN A CB  1 
ATOM   266  C  CG  . ASN A 1 40  ? 7.485   -13.814 -1.666  1.00 61.13  ? 40  ASN A CG  1 
ATOM   267  O  OD1 . ASN A 1 40  ? 6.814   -13.430 -0.702  1.00 61.64  ? 40  ASN A OD1 1 
ATOM   268  N  ND2 . ASN A 1 40  ? 8.813   -13.973 -1.595  1.00 61.44  ? 40  ASN A ND2 1 
ATOM   269  N  N   . ARG A 1 41  ? 4.643   -15.995 -1.158  1.00 68.48  ? 41  ARG A N   1 
ATOM   270  C  CA  . ARG A 1 41  ? 4.393   -17.253 -0.478  1.00 66.76  ? 41  ARG A CA  1 
ATOM   271  C  C   . ARG A 1 41  ? 2.973   -17.761 -0.714  1.00 66.55  ? 41  ARG A C   1 
ATOM   272  O  O   . ARG A 1 41  ? 2.466   -18.577 0.062   1.00 73.28  ? 41  ARG A O   1 
ATOM   273  C  CB  . ARG A 1 41  ? 4.669   -17.098 1.011   1.00 69.60  ? 41  ARG A CB  1 
ATOM   274  C  CG  . ARG A 1 41  ? 6.118   -16.877 1.346   1.00 68.96  ? 41  ARG A CG  1 
ATOM   275  C  CD  . ARG A 1 41  ? 6.279   -16.867 2.856   1.00 80.56  ? 41  ARG A CD  1 
ATOM   276  N  NE  . ARG A 1 41  ? 7.668   -16.724 3.266   1.00 82.80  ? 41  ARG A NE  1 
ATOM   277  C  CZ  . ARG A 1 41  ? 8.062   -16.162 4.399   1.00 82.61  ? 41  ARG A CZ  1 
ATOM   278  N  NH1 . ARG A 1 41  ? 7.194   -15.677 5.270   1.00 86.49  ? 41  ARG A NH1 1 
ATOM   279  N  NH2 . ARG A 1 41  ? 9.363   -16.077 4.660   1.00 81.26  ? 41  ARG A NH2 1 
ATOM   280  N  N   . GLY A 1 42  ? 2.312   -17.283 -1.765  1.00 66.16  ? 42  GLY A N   1 
ATOM   281  C  CA  . GLY A 1 42  ? 1.076   -17.884 -2.220  1.00 67.97  ? 42  GLY A CA  1 
ATOM   282  C  C   . GLY A 1 42  ? -0.190  -17.503 -1.480  1.00 72.87  ? 42  GLY A C   1 
ATOM   283  O  O   . GLY A 1 42  ? -1.200  -18.206 -1.625  1.00 70.26  ? 42  GLY A O   1 
ATOM   284  N  N   . ARG A 1 43  ? -0.188  -16.426 -0.701  1.00 61.72  ? 43  ARG A N   1 
ATOM   285  C  CA  . ARG A 1 43  ? -1.411  -15.976 -0.062  1.00 64.86  ? 43  ARG A CA  1 
ATOM   286  C  C   . ARG A 1 43  ? -1.885  -14.697 -0.741  1.00 66.50  ? 43  ARG A C   1 
ATOM   287  O  O   . ARG A 1 43  ? -1.081  -13.887 -1.213  1.00 63.13  ? 43  ARG A O   1 
ATOM   288  C  CB  . ARG A 1 43  ? -1.217  -15.779 1.444   1.00 61.61  ? 43  ARG A CB  1 
ATOM   289  C  CG  . ARG A 1 43  ? -0.225  -14.734 1.788   1.00 68.80  ? 43  ARG A CG  1 
ATOM   290  C  CD  . ARG A 1 43  ? 0.461   -14.953 3.142   1.00 76.03  ? 43  ARG A CD  1 
ATOM   291  N  NE  . ARG A 1 43  ? -0.332  -14.494 4.277   1.00 74.12  ? 43  ARG A NE  1 
ATOM   292  C  CZ  . ARG A 1 43  ? 0.174   -14.162 5.459   1.00 69.57  ? 43  ARG A CZ  1 
ATOM   293  N  NH1 . ARG A 1 43  ? 1.480   -14.162 5.679   1.00 71.98  ? 43  ARG A NH1 1 
ATOM   294  N  NH2 . ARG A 1 43  ? -0.651  -13.795 6.438   1.00 79.36  ? 43  ARG A NH2 1 
ATOM   295  N  N   . GLN A 1 44  ? -3.205  -14.552 -0.850  1.00 62.04  ? 44  GLN A N   1 
ATOM   296  C  CA  . GLN A 1 44  ? -3.783  -13.360 -1.449  1.00 62.74  ? 44  GLN A CA  1 
ATOM   297  C  C   . GLN A 1 44  ? -5.028  -12.965 -0.671  1.00 68.48  ? 44  GLN A C   1 
ATOM   298  O  O   . GLN A 1 44  ? -5.668  -13.791 -0.011  1.00 68.06  ? 44  GLN A O   1 
ATOM   299  C  CB  . GLN A 1 44  ? -4.149  -13.575 -2.921  1.00 60.39  ? 44  GLN A CB  1 
ATOM   300  C  CG  . GLN A 1 44  ? -5.374  -14.453 -3.095  1.00 64.03  ? 44  GLN A CG  1 
ATOM   301  C  CD  . GLN A 1 44  ? -6.056  -14.268 -4.441  1.00 71.96  ? 44  GLN A CD  1 
ATOM   302  O  OE1 . GLN A 1 44  ? -7.239  -13.894 -4.505  1.00 72.27  ? 44  GLN A OE1 1 
ATOM   303  N  NE2 . GLN A 1 44  ? -5.336  -14.586 -5.525  1.00 61.41  ? 44  GLN A NE2 1 
ATOM   304  N  N   . LYS A 1 45  ? -5.370  -11.681 -0.763  1.00 67.76  ? 45  LYS A N   1 
ATOM   305  C  CA  . LYS A 1 45  ? -6.581  -11.152 -0.154  1.00 62.64  ? 45  LYS A CA  1 
ATOM   306  C  C   . LYS A 1 45  ? -7.074  -10.016 -1.023  1.00 63.89  ? 45  LYS A C   1 
ATOM   307  O  O   . LYS A 1 45  ? -6.271  -9.215  -1.503  1.00 60.27  ? 45  LYS A O   1 
ATOM   308  C  CB  . LYS A 1 45  ? -6.335  -10.649 1.273   1.00 63.96  ? 45  LYS A CB  1 
ATOM   309  C  CG  . LYS A 1 45  ? -7.594  -10.189 2.016   1.00 56.63  ? 45  LYS A CG  1 
ATOM   310  C  CD  . LYS A 1 45  ? -7.221  -9.373  3.250   1.00 64.79  ? 45  LYS A CD  1 
ATOM   311  C  CE  . LYS A 1 45  ? -7.110  -10.245 4.500   1.00 60.78  ? 45  LYS A CE  1 
ATOM   312  N  NZ  . LYS A 1 45  ? -7.999  -9.808  5.599   1.00 69.68  ? 45  LYS A NZ  1 
ATOM   313  N  N   . VAL A 1 46  ? -8.388  -9.948  -1.214  1.00 63.42  ? 46  VAL A N   1 
ATOM   314  C  CA  . VAL A 1 46  ? -9.019  -8.811  -1.873  1.00 62.98  ? 46  VAL A CA  1 
ATOM   315  C  C   . VAL A 1 46  ? -10.309 -8.470  -1.126  1.00 71.15  ? 46  VAL A C   1 
ATOM   316  O  O   . VAL A 1 46  ? -11.077 -9.360  -0.739  1.00 75.00  ? 46  VAL A O   1 
ATOM   317  C  CB  . VAL A 1 46  ? -9.275  -9.095  -3.367  1.00 64.62  ? 46  VAL A CB  1 
ATOM   318  C  CG1 . VAL A 1 46  ? -9.909  -10.466 -3.541  1.00 72.73  ? 46  VAL A CG1 1 
ATOM   319  C  CG2 . VAL A 1 46  ? -10.144 -7.983  -3.985  1.00 68.32  ? 46  VAL A CG2 1 
ATOM   320  N  N   . VAL A 1 47  ? -10.519 -7.178  -0.880  1.00 66.33  ? 47  VAL A N   1 
ATOM   321  C  CA  . VAL A 1 47  ? -11.684 -6.676  -0.164  1.00 67.43  ? 47  VAL A CA  1 
ATOM   322  C  C   . VAL A 1 47  ? -12.322 -5.586  -1.020  1.00 74.27  ? 47  VAL A C   1 
ATOM   323  O  O   . VAL A 1 47  ? -11.637 -4.877  -1.770  1.00 67.59  ? 47  VAL A O   1 
ATOM   324  C  CB  . VAL A 1 47  ? -11.318 -6.122  1.235   1.00 63.27  ? 47  VAL A CB  1 
ATOM   325  C  CG1 . VAL A 1 47  ? -10.739 -7.217  2.126   1.00 60.49  ? 47  VAL A CG1 1 
ATOM   326  C  CG2 . VAL A 1 47  ? -10.354 -4.979  1.106   1.00 64.88  ? 47  VAL A CG2 1 
ATOM   327  N  N   . THR A 1 48  ? -13.648 -5.473  -0.932  1.00 68.02  ? 48  THR A N   1 
ATOM   328  C  CA  . THR A 1 48  ? -14.389 -4.481  -1.705  1.00 72.35  ? 48  THR A CA  1 
ATOM   329  C  C   . THR A 1 48  ? -14.855 -3.364  -0.783  1.00 68.81  ? 48  THR A C   1 
ATOM   330  O  O   . THR A 1 48  ? -15.210 -3.603  0.376   1.00 71.98  ? 48  THR A O   1 
ATOM   331  C  CB  . THR A 1 48  ? -15.582 -5.110  -2.447  1.00 75.46  ? 48  THR A CB  1 
ATOM   332  O  OG1 . THR A 1 48  ? -15.214 -6.409  -2.916  1.00 69.45  ? 48  THR A OG1 1 
ATOM   333  C  CG2 . THR A 1 48  ? -16.015 -4.248  -3.651  1.00 73.92  ? 48  THR A CG2 1 
ATOM   334  N  N   . LEU A 1 49  ? -14.832 -2.143  -1.305  1.00 65.98  ? 49  LEU A N   1 
ATOM   335  C  CA  . LEU A 1 49  ? -15.041 -0.951  -0.500  1.00 67.35  ? 49  LEU A CA  1 
ATOM   336  C  C   . LEU A 1 49  ? -16.004 -0.014  -1.208  1.00 63.39  ? 49  LEU A C   1 
ATOM   337  O  O   . LEU A 1 49  ? -16.197 -0.091  -2.422  1.00 62.31  ? 49  LEU A O   1 
ATOM   338  C  CB  . LEU A 1 49  ? -13.709 -0.229  -0.238  1.00 68.28  ? 49  LEU A CB  1 
ATOM   339  C  CG  . LEU A 1 49  ? -12.640 -1.099  0.424   1.00 66.67  ? 49  LEU A CG  1 
ATOM   340  C  CD1 . LEU A 1 49  ? -11.238 -0.817  -0.150  1.00 62.85  ? 49  LEU A CD1 1 
ATOM   341  C  CD2 . LEU A 1 49  ? -12.677 -0.875  1.923   1.00 62.75  ? 49  LEU A CD2 1 
ATOM   342  N  N   . THR A 1 50  ? -16.606 0.875   -0.438  1.00 61.93  ? 50  THR A N   1 
ATOM   343  C  CA  . THR A 1 50  ? -17.503 1.872   -0.994  1.00 57.93  ? 50  THR A CA  1 
ATOM   344  C  C   . THR A 1 50  ? -17.069 3.247   -0.521  1.00 59.79  ? 50  THR A C   1 
ATOM   345  O  O   . THR A 1 50  ? -16.404 3.388   0.514   1.00 57.60  ? 50  THR A O   1 
ATOM   346  C  CB  . THR A 1 50  ? -18.981 1.595   -0.612  1.00 62.77  ? 50  THR A CB  1 
ATOM   347  O  OG1 . THR A 1 50  ? -19.176 1.813   0.785   1.00 58.50  ? 50  THR A OG1 1 
ATOM   348  C  CG2 . THR A 1 50  ? -19.400 0.178   -0.994  1.00 56.87  ? 50  THR A CG2 1 
ATOM   349  N  N   . ASP A 1 51  ? -17.448 4.264   -1.306  1.00 63.26  ? 51  ASP A N   1 
ATOM   350  C  CA  . ASP A 1 51  ? -17.188 5.664   -0.966  1.00 63.06  ? 51  ASP A CA  1 
ATOM   351  C  C   . ASP A 1 51  ? -15.693 5.906   -0.820  1.00 63.55  ? 51  ASP A C   1 
ATOM   352  O  O   . ASP A 1 51  ? -15.223 6.516   0.145   1.00 66.83  ? 51  ASP A O   1 
ATOM   353  C  CB  . ASP A 1 51  ? -17.925 6.063   0.309   1.00 65.09  ? 51  ASP A CB  1 
ATOM   354  C  CG  . ASP A 1 51  ? -19.293 5.446   0.385   1.00 67.36  ? 51  ASP A CG  1 
ATOM   355  O  OD1 . ASP A 1 51  ? -20.156 5.937   -0.372  1.00 65.43  ? 51  ASP A OD1 1 
ATOM   356  O  OD2 . ASP A 1 51  ? -19.486 4.492   1.195   1.00 60.77  ? 51  ASP A OD2 1 
ATOM   357  N  N   . THR A 1 52  ? -14.943 5.401   -1.791  1.00 61.73  ? 52  THR A N   1 
ATOM   358  C  CA  . THR A 1 52  ? -13.497 5.397   -1.737  1.00 59.17  ? 52  THR A CA  1 
ATOM   359  C  C   . THR A 1 52  ? -12.960 6.066   -2.997  1.00 63.83  ? 52  THR A C   1 
ATOM   360  O  O   . THR A 1 52  ? -13.696 6.337   -3.950  1.00 60.64  ? 52  THR A O   1 
ATOM   361  C  CB  . THR A 1 52  ? -12.967 3.956   -1.597  1.00 62.24  ? 52  THR A CB  1 
ATOM   362  O  OG1 . THR A 1 52  ? -11.558 3.972   -1.315  1.00 61.71  ? 52  THR A OG1 1 
ATOM   363  C  CG2 . THR A 1 52  ? -13.217 3.167   -2.880  1.00 57.99  ? 52  THR A CG2 1 
ATOM   364  N  N   . THR A 1 53  ? -11.655 6.332   -2.999  1.00 66.17  ? 53  THR A N   1 
ATOM   365  C  CA  . THR A 1 53  ? -10.969 6.914   -4.142  1.00 59.16  ? 53  THR A CA  1 
ATOM   366  C  C   . THR A 1 53  ? -9.788  6.031   -4.529  1.00 64.41  ? 53  THR A C   1 
ATOM   367  O  O   . THR A 1 53  ? -9.442  5.056   -3.847  1.00 67.97  ? 53  THR A O   1 
ATOM   368  C  CB  . THR A 1 53  ? -10.469 8.336   -3.844  1.00 62.76  ? 53  THR A CB  1 
ATOM   369  O  OG1 . THR A 1 53  ? -9.387  8.245   -2.912  1.00 59.54  ? 53  THR A OG1 1 
ATOM   370  C  CG2 . THR A 1 53  ? -11.574 9.221   -3.260  1.00 57.27  ? 53  THR A CG2 1 
ATOM   371  N  N   . ASN A 1 54  ? -9.156  6.385   -5.638  1.00 55.44  ? 54  ASN A N   1 
ATOM   372  C  CA  . ASN A 1 54  ? -7.974  5.648   -6.055  1.00 63.57  ? 54  ASN A CA  1 
ATOM   373  C  C   . ASN A 1 54  ? -6.877  5.727   -4.993  1.00 62.17  ? 54  ASN A C   1 
ATOM   374  O  O   . ASN A 1 54  ? -6.322  4.707   -4.562  1.00 62.89  ? 54  ASN A O   1 
ATOM   375  C  CB  . ASN A 1 54  ? -7.500  6.211   -7.385  1.00 63.12  ? 54  ASN A CB  1 
ATOM   376  C  CG  . ASN A 1 54  ? -8.005  5.400   -8.553  1.00 72.26  ? 54  ASN A CG  1 
ATOM   377  O  OD1 . ASN A 1 54  ? -7.569  4.255   -8.775  1.00 72.16  ? 54  ASN A OD1 1 
ATOM   378  N  ND2 . ASN A 1 54  ? -8.989  5.964   -9.283  1.00 69.88  ? 54  ASN A ND2 1 
ATOM   379  N  N   . GLN A 1 55  ? -6.572  6.934   -4.541  1.00 56.45  ? 55  GLN A N   1 
ATOM   380  C  CA  . GLN A 1 55  ? -5.567  7.096   -3.505  1.00 61.73  ? 55  GLN A CA  1 
ATOM   381  C  C   . GLN A 1 55  ? -5.953  6.377   -2.215  1.00 58.37  ? 55  GLN A C   1 
ATOM   382  O  O   . GLN A 1 55  ? -5.082  5.859   -1.511  1.00 58.09  ? 55  GLN A O   1 
ATOM   383  C  CB  . GLN A 1 55  ? -5.341  8.583   -3.274  1.00 58.07  ? 55  GLN A CB  1 
ATOM   384  C  CG  . GLN A 1 55  ? -5.025  9.280   -4.580  1.00 62.85  ? 55  GLN A CG  1 
ATOM   385  C  CD  . GLN A 1 55  ? -4.432  10.649  -4.369  1.00 65.23  ? 55  GLN A CD  1 
ATOM   386  O  OE1 . GLN A 1 55  ? -4.911  11.411  -3.536  1.00 66.61  ? 55  GLN A OE1 1 
ATOM   387  N  NE2 . GLN A 1 55  ? -3.389  10.974  -5.127  1.00 69.45  ? 55  GLN A NE2 1 
ATOM   388  N  N   . LYS A 1 56  ? -7.245  6.348   -1.869  1.00 60.29  ? 56  LYS A N   1 
ATOM   389  C  CA  . LYS A 1 56  ? -7.634  5.661   -0.639  1.00 59.63  ? 56  LYS A CA  1 
ATOM   390  C  C   . LYS A 1 56  ? -7.389  4.158   -0.743  1.00 55.46  ? 56  LYS A C   1 
ATOM   391  O  O   . LYS A 1 56  ? -6.820  3.552   0.174   1.00 50.33  ? 56  LYS A O   1 
ATOM   392  C  CB  . LYS A 1 56  ? -9.098  5.931   -0.322  1.00 63.89  ? 56  LYS A CB  1 
ATOM   393  C  CG  . LYS A 1 56  ? -9.325  7.040   0.657   1.00 61.92  ? 56  LYS A CG  1 
ATOM   394  C  CD  . LYS A 1 56  ? -10.661 6.845   1.338   1.00 61.89  ? 56  LYS A CD  1 
ATOM   395  C  CE  . LYS A 1 56  ? -11.372 8.189   1.557   1.00 76.24  ? 56  LYS A CE  1 
ATOM   396  N  NZ  . LYS A 1 56  ? -12.828 8.105   1.170   1.00 69.11  ? 56  LYS A NZ  1 
ATOM   397  N  N   . THR A 1 57  ? -7.818  3.538   -1.856  1.00 50.99  ? 57  THR A N   1 
ATOM   398  C  CA  . THR A 1 57  ? -7.665  2.088   -2.029  1.00 59.66  ? 57  THR A CA  1 
ATOM   399  C  C   . THR A 1 57  ? -6.201  1.636   -2.044  1.00 56.31  ? 57  THR A C   1 
ATOM   400  O  O   . THR A 1 57  ? -5.916  0.501   -1.639  1.00 52.03  ? 57  THR A O   1 
ATOM   401  C  CB  . THR A 1 57  ? -8.349  1.602   -3.324  1.00 54.91  ? 57  THR A CB  1 
ATOM   402  O  OG1 . THR A 1 57  ? -7.667  2.158   -4.454  1.00 51.00  ? 57  THR A OG1 1 
ATOM   403  C  CG2 . THR A 1 57  ? -9.869  1.955   -3.379  1.00 57.07  ? 57  THR A CG2 1 
ATOM   404  N  N   . GLU A 1 58  ? -5.268  2.464   -2.541  1.00 59.69  ? 58  GLU A N   1 
ATOM   405  C  CA  . GLU A 1 58  ? -3.855  2.062   -2.497  1.00 53.71  ? 58  GLU A CA  1 
ATOM   406  C  C   . GLU A 1 58  ? -3.354  2.038   -1.064  1.00 57.26  ? 58  GLU A C   1 
ATOM   407  O  O   . GLU A 1 58  ? -2.675  1.088   -0.649  1.00 50.51  ? 58  GLU A O   1 
ATOM   408  C  CB  . GLU A 1 58  ? -2.981  3.006   -3.323  1.00 50.32  ? 58  GLU A CB  1 
ATOM   409  C  CG  . GLU A 1 58  ? -3.358  3.124   -4.772  1.00 58.67  ? 58  GLU A CG  1 
ATOM   410  C  CD  . GLU A 1 58  ? -2.813  1.979   -5.614  1.00 72.48  ? 58  GLU A CD  1 
ATOM   411  O  OE1 . GLU A 1 58  ? -2.135  1.079   -5.074  1.00 67.07  ? 58  GLU A OE1 1 
ATOM   412  O  OE2 . GLU A 1 58  ? -3.079  1.977   -6.828  1.00 84.09  ? 58  GLU A OE2 1 
ATOM   413  N  N   . LEU A 1 59  ? -3.687  3.086   -0.297  1.00 50.99  ? 59  LEU A N   1 
ATOM   414  C  CA  . LEU A 1 59  ? -3.367  3.110   1.124   1.00 59.40  ? 59  LEU A CA  1 
ATOM   415  C  C   . LEU A 1 59  ? -3.998  1.933   1.838   1.00 53.76  ? 59  LEU A C   1 
ATOM   416  O  O   . LEU A 1 59  ? -3.375  1.320   2.714   1.00 52.78  ? 59  LEU A O   1 
ATOM   417  C  CB  . LEU A 1 59  ? -3.846  4.422   1.748   1.00 47.97  ? 59  LEU A CB  1 
ATOM   418  C  CG  . LEU A 1 59  ? -2.998  5.592   1.270   1.00 56.77  ? 59  LEU A CG  1 
ATOM   419  C  CD1 . LEU A 1 59  ? -3.612  6.917   1.701   1.00 59.10  ? 59  LEU A CD1 1 
ATOM   420  C  CD2 . LEU A 1 59  ? -1.577  5.436   1.791   1.00 53.48  ? 59  LEU A CD2 1 
ATOM   421  N  N   . GLN A 1 60  ? -5.242  1.612   1.482   1.00 58.61  ? 60  GLN A N   1 
ATOM   422  C  CA  . GLN A 1 60  ? -5.926  0.490   2.114   1.00 57.37  ? 60  GLN A CA  1 
ATOM   423  C  C   . GLN A 1 60  ? -5.180  -0.816  1.871   1.00 54.15  ? 60  GLN A C   1 
ATOM   424  O  O   . GLN A 1 60  ? -5.056  -1.653  2.772   1.00 61.27  ? 60  GLN A O   1 
ATOM   425  C  CB  . GLN A 1 60  ? -7.374  0.393   1.602   1.00 57.15  ? 60  GLN A CB  1 
ATOM   426  C  CG  . GLN A 1 60  ? -8.421  0.830   2.643   1.00 67.21  ? 60  GLN A CG  1 
ATOM   427  C  CD  . GLN A 1 60  ? -8.217  0.134   4.007   1.00 67.02  ? 60  GLN A CD  1 
ATOM   428  O  OE1 . GLN A 1 60  ? -8.318  -1.094  4.129   1.00 68.26  ? 60  GLN A OE1 1 
ATOM   429  N  NE2 . GLN A 1 60  ? -7.944  0.929   5.037   1.00 62.03  ? 60  GLN A NE2 1 
ATOM   430  N  N   . ALA A 1 61  ? -4.705  -1.023  0.646   1.00 53.19  ? 61  ALA A N   1 
ATOM   431  C  CA  . ALA A 1 61  ? -3.899  -2.201  0.335   1.00 54.73  ? 61  ALA A CA  1 
ATOM   432  C  C   . ALA A 1 61  ? -2.660  -2.300  1.238   1.00 52.11  ? 61  ALA A C   1 
ATOM   433  O  O   . ALA A 1 61  ? -2.382  -3.346  1.838   1.00 56.59  ? 61  ALA A O   1 
ATOM   434  C  CB  . ALA A 1 61  ? -3.506  -2.149  -1.147  1.00 57.23  ? 61  ALA A CB  1 
ATOM   435  N  N   . ILE A 1 62  ? -1.897  -1.216  1.337   1.00 53.56  ? 62  ILE A N   1 
ATOM   436  C  CA  . ILE A 1 62  ? -0.726  -1.200  2.209   1.00 50.34  ? 62  ILE A CA  1 
ATOM   437  C  C   . ILE A 1 62  ? -1.114  -1.551  3.647   1.00 60.29  ? 62  ILE A C   1 
ATOM   438  O  O   . ILE A 1 62  ? -0.358  -2.222  4.371   1.00 53.74  ? 62  ILE A O   1 
ATOM   439  C  CB  . ILE A 1 62  ? -0.047  0.182   2.129   1.00 49.65  ? 62  ILE A CB  1 
ATOM   440  C  CG1 . ILE A 1 62  ? 0.603   0.387   0.750   1.00 50.83  ? 62  ILE A CG1 1 
ATOM   441  C  CG2 . ILE A 1 62  ? 0.916   0.405   3.335   1.00 48.80  ? 62  ILE A CG2 1 
ATOM   442  C  CD1 . ILE A 1 62  ? 1.063   1.843   0.521   1.00 48.23  ? 62  ILE A CD1 1 
ATOM   443  N  N   . TYR A 1 63  ? -2.283  -1.071  4.091   1.00 61.62  ? 63  TYR A N   1 
ATOM   444  C  CA  . TYR A 1 63  ? -2.757  -1.341  5.448   1.00 59.57  ? 63  TYR A CA  1 
ATOM   445  C  C   . TYR A 1 63  ? -2.987  -2.834  5.686   1.00 55.21  ? 63  TYR A C   1 
ATOM   446  O  O   . TYR A 1 63  ? -2.601  -3.371  6.734   1.00 57.94  ? 63  TYR A O   1 
ATOM   447  C  CB  . TYR A 1 63  ? -4.045  -0.559  5.712   1.00 63.49  ? 63  TYR A CB  1 
ATOM   448  C  CG  . TYR A 1 63  ? -4.569  -0.784  7.105   1.00 66.29  ? 63  TYR A CG  1 
ATOM   449  C  CD1 . TYR A 1 63  ? -4.130  0.016   8.160   1.00 62.29  ? 63  TYR A CD1 1 
ATOM   450  C  CD2 . TYR A 1 63  ? -5.486  -1.806  7.371   1.00 60.90  ? 63  TYR A CD2 1 
ATOM   451  C  CE1 . TYR A 1 63  ? -4.591  -0.181  9.435   1.00 66.91  ? 63  TYR A CE1 1 
ATOM   452  C  CE2 . TYR A 1 63  ? -5.953  -2.021  8.651   1.00 64.17  ? 63  TYR A CE2 1 
ATOM   453  C  CZ  . TYR A 1 63  ? -5.495  -1.206  9.679   1.00 72.08  ? 63  TYR A CZ  1 
ATOM   454  O  OH  . TYR A 1 63  ? -5.949  -1.387  10.964  1.00 77.33  ? 63  TYR A OH  1 
ATOM   455  N  N   . LEU A 1 64  ? -3.656  -3.518  4.744   1.00 50.48  ? 64  LEU A N   1 
ATOM   456  C  CA  . LEU A 1 64  ? -3.816  -4.959  4.897   1.00 57.78  ? 64  LEU A CA  1 
ATOM   457  C  C   . LEU A 1 64  ? -2.488  -5.693  4.828   1.00 60.46  ? 64  LEU A C   1 
ATOM   458  O  O   . LEU A 1 64  ? -2.304  -6.699  5.530   1.00 62.03  ? 64  LEU A O   1 
ATOM   459  C  CB  . LEU A 1 64  ? -4.788  -5.530  3.866   1.00 53.31  ? 64  LEU A CB  1 
ATOM   460  C  CG  . LEU A 1 64  ? -6.148  -4.866  3.790   1.00 63.28  ? 64  LEU A CG  1 
ATOM   461  C  CD1 . LEU A 1 64  ? -6.839  -5.187  2.482   1.00 50.39  ? 64  LEU A CD1 1 
ATOM   462  C  CD2 . LEU A 1 64  ? -6.929  -5.437  4.953   1.00 58.44  ? 64  LEU A CD2 1 
ATOM   463  N  N   . ALA A 1 65  ? -1.561  -5.216  3.992   1.00 59.71  ? 65  ALA A N   1 
ATOM   464  C  CA  . ALA A 1 65  ? -0.217  -5.770  3.980   1.00 57.54  ? 65  ALA A CA  1 
ATOM   465  C  C   . ALA A 1 65  ? 0.386   -5.756  5.378   1.00 52.05  ? 65  ALA A C   1 
ATOM   466  O  O   . ALA A 1 65  ? 0.902   -6.775  5.863   1.00 51.67  ? 65  ALA A O   1 
ATOM   467  C  CB  . ALA A 1 65  ? 0.666   -4.979  3.009   1.00 53.92  ? 65  ALA A CB  1 
ATOM   468  N  N   . LEU A 1 66  ? 0.341   -4.604  6.042   1.00 49.67  ? 66  LEU A N   1 
ATOM   469  C  CA  . LEU A 1 66  ? 0.943   -4.525  7.373   1.00 56.53  ? 66  LEU A CA  1 
ATOM   470  C  C   . LEU A 1 66  ? 0.121   -5.307  8.391   1.00 57.24  ? 66  LEU A C   1 
ATOM   471  O  O   . LEU A 1 66  ? 0.670   -5.964  9.285   1.00 57.66  ? 66  LEU A O   1 
ATOM   472  C  CB  . LEU A 1 66  ? 1.070   -3.062  7.798   1.00 54.47  ? 66  LEU A CB  1 
ATOM   473  C  CG  . LEU A 1 66  ? 1.921   -2.169  6.898   1.00 53.12  ? 66  LEU A CG  1 
ATOM   474  C  CD1 . LEU A 1 66  ? 1.567   -0.696  7.100   1.00 58.17  ? 66  LEU A CD1 1 
ATOM   475  C  CD2 . LEU A 1 66  ? 3.431   -2.407  7.154   1.00 50.71  ? 66  LEU A CD2 1 
ATOM   476  N  N   . GLN A 1 67  ? -1.198  -5.221  8.266   1.00 58.64  ? 67  GLN A N   1 
ATOM   477  C  CA  . GLN A 1 67  ? -2.106  -5.993  9.098   1.00 64.93  ? 67  GLN A CA  1 
ATOM   478  C  C   . GLN A 1 67  ? -1.742  -7.476  9.108   1.00 63.30  ? 67  GLN A C   1 
ATOM   479  O  O   . GLN A 1 67  ? -1.598  -8.083  10.177  1.00 64.56  ? 67  GLN A O   1 
ATOM   480  C  CB  . GLN A 1 67  ? -3.535  -5.792  8.586   1.00 61.40  ? 67  GLN A CB  1 
ATOM   481  C  CG  . GLN A 1 67  ? -4.590  -6.539  9.380   1.00 74.49  ? 67  GLN A CG  1 
ATOM   482  C  CD  . GLN A 1 67  ? -5.973  -5.985  9.142   1.00 68.20  ? 67  GLN A CD  1 
ATOM   483  O  OE1 . GLN A 1 67  ? -6.352  -4.963  9.729   1.00 76.99  ? 67  GLN A OE1 1 
ATOM   484  N  NE2 . GLN A 1 67  ? -6.735  -6.648  8.270   1.00 65.93  ? 67  GLN A NE2 1 
ATOM   485  N  N   . ASP A 1 68  ? -1.565  -8.074  7.935   1.00 56.00  ? 68  ASP A N   1 
ATOM   486  C  CA  . ASP A 1 68  ? -1.510  -9.521  7.849   1.00 57.93  ? 68  ASP A CA  1 
ATOM   487  C  C   . ASP A 1 68  ? -0.095  -10.082 7.805   1.00 63.09  ? 68  ASP A C   1 
ATOM   488  O  O   . ASP A 1 68  ? 0.059   -11.302 7.677   1.00 61.71  ? 68  ASP A O   1 
ATOM   489  C  CB  . ASP A 1 68  ? -2.270  -9.998  6.610   1.00 60.86  ? 68  ASP A CB  1 
ATOM   490  C  CG  . ASP A 1 68  ? -3.737  -9.613  6.649   1.00 63.88  ? 68  ASP A CG  1 
ATOM   491  O  OD1 . ASP A 1 68  ? -4.266  -9.358  7.752   1.00 67.00  ? 68  ASP A OD1 1 
ATOM   492  O  OD2 . ASP A 1 68  ? -4.371  -9.599  5.574   1.00 59.09  ? 68  ASP A OD2 1 
ATOM   493  N  N   . SER A 1 69  ? 0.935   -9.245  7.898   1.00 52.44  ? 69  SER A N   1 
ATOM   494  C  CA  . SER A 1 69  ? 2.293   -9.751  7.771   1.00 57.57  ? 69  SER A CA  1 
ATOM   495  C  C   . SER A 1 69  ? 2.979   -9.817  9.130   1.00 58.00  ? 69  SER A C   1 
ATOM   496  O  O   . SER A 1 69  ? 2.495   -9.275  10.128  1.00 61.49  ? 69  SER A O   1 
ATOM   497  C  CB  . SER A 1 69  ? 3.116   -8.866  6.834   1.00 56.04  ? 69  SER A CB  1 
ATOM   498  O  OG  . SER A 1 69  ? 3.150   -7.512  7.304   1.00 53.31  ? 69  SER A OG  1 
ATOM   499  N  N   . GLY A 1 70  ? 4.148   -10.460 9.147   1.00 59.15  ? 70  GLY A N   1 
ATOM   500  C  CA  . GLY A 1 70  ? 4.965   -10.559 10.339  1.00 56.78  ? 70  GLY A CA  1 
ATOM   501  C  C   . GLY A 1 70  ? 5.720   -9.274  10.650  1.00 58.99  ? 70  GLY A C   1 
ATOM   502  O  O   . GLY A 1 70  ? 5.395   -8.188  10.163  1.00 61.85  ? 70  GLY A O   1 
ATOM   503  N  N   . LEU A 1 71  ? 6.759   -9.415  11.481  1.00 57.54  ? 71  LEU A N   1 
ATOM   504  C  CA  . LEU A 1 71  ? 7.549   -8.262  11.920  1.00 60.90  ? 71  LEU A CA  1 
ATOM   505  C  C   . LEU A 1 71  ? 8.457   -7.681  10.836  1.00 58.39  ? 71  LEU A C   1 
ATOM   506  O  O   . LEU A 1 71  ? 8.899   -6.535  10.968  1.00 54.62  ? 71  LEU A O   1 
ATOM   507  C  CB  . LEU A 1 71  ? 8.393   -8.652  13.132  1.00 59.23  ? 71  LEU A CB  1 
ATOM   508  C  CG  . LEU A 1 71  ? 7.538   -9.038  14.335  1.00 69.49  ? 71  LEU A CG  1 
ATOM   509  C  CD1 . LEU A 1 71  ? 8.350   -9.807  15.375  1.00 65.04  ? 71  LEU A CD1 1 
ATOM   510  C  CD2 . LEU A 1 71  ? 6.919   -7.759  14.901  1.00 55.52  ? 71  LEU A CD2 1 
ATOM   511  N  N   . GLU A 1 72  ? 8.779   -8.455  9.800   1.00 60.15  ? 72  GLU A N   1 
ATOM   512  C  CA  . GLU A 1 72  ? 9.588   -7.990  8.682   1.00 59.61  ? 72  GLU A CA  1 
ATOM   513  C  C   . GLU A 1 72  ? 8.793   -8.228  7.407   1.00 62.43  ? 72  GLU A C   1 
ATOM   514  O  O   . GLU A 1 72  ? 8.457   -9.376  7.085   1.00 51.99  ? 72  GLU A O   1 
ATOM   515  C  CB  . GLU A 1 72  ? 10.943  -8.714  8.624   1.00 54.75  ? 72  GLU A CB  1 
ATOM   516  C  CG  . GLU A 1 72  ? 11.551  -9.002  9.990   1.00 61.35  ? 72  GLU A CG  1 
ATOM   517  C  CD  . GLU A 1 72  ? 11.160  -10.369 10.568  1.00 63.62  ? 72  GLU A CD  1 
ATOM   518  O  OE1 . GLU A 1 72  ? 10.221  -10.997 10.027  1.00 57.85  ? 72  GLU A OE1 1 
ATOM   519  O  OE2 . GLU A 1 72  ? 11.803  -10.809 11.557  1.00 61.72  ? 72  GLU A OE2 1 
ATOM   520  N  N   . VAL A 1 73  ? 8.507   -7.153  6.669   1.00 61.34  ? 73  VAL A N   1 
ATOM   521  C  CA  . VAL A 1 73  ? 7.664   -7.261  5.479   1.00 55.16  ? 73  VAL A CA  1 
ATOM   522  C  C   . VAL A 1 73  ? 8.265   -6.466  4.317   1.00 53.33  ? 73  VAL A C   1 
ATOM   523  O  O   . VAL A 1 73  ? 8.781   -5.350  4.489   1.00 48.89  ? 73  VAL A O   1 
ATOM   524  C  CB  . VAL A 1 73  ? 6.222   -6.811  5.803   1.00 49.99  ? 73  VAL A CB  1 
ATOM   525  C  CG1 . VAL A 1 73  ? 6.192   -5.335  6.195   1.00 48.12  ? 73  VAL A CG1 1 
ATOM   526  C  CG2 . VAL A 1 73  ? 5.289   -7.122  4.631   1.00 48.35  ? 73  VAL A CG2 1 
ATOM   527  N  N   . ASN A 1 74  ? 8.213   -7.055  3.130   1.00 52.23  ? 74  ASN A N   1 
ATOM   528  C  CA  . ASN A 1 74  ? 8.521   -6.341  1.904   1.00 50.25  ? 74  ASN A CA  1 
ATOM   529  C  C   . ASN A 1 74  ? 7.206   -5.968  1.222   1.00 53.12  ? 74  ASN A C   1 
ATOM   530  O  O   . ASN A 1 74  ? 6.360   -6.836  0.989   1.00 48.82  ? 74  ASN A O   1 
ATOM   531  C  CB  . ASN A 1 74  ? 9.385   -7.199  0.979   1.00 47.34  ? 74  ASN A CB  1 
ATOM   532  C  CG  . ASN A 1 74  ? 10.775  -7.449  1.544   1.00 54.31  ? 74  ASN A CG  1 
ATOM   533  O  OD1 . ASN A 1 74  ? 11.430  -6.521  2.008   1.00 59.46  ? 74  ASN A OD1 1 
ATOM   534  N  ND2 . ASN A 1 74  ? 11.257  -8.688  1.443   1.00 53.24  ? 74  ASN A ND2 1 
ATOM   535  N  N   . ILE A 1 75  ? 7.014   -4.684  0.921   1.00 50.91  ? 75  ILE A N   1 
ATOM   536  C  CA  . ILE A 1 75  ? 5.794   -4.262  0.240   1.00 54.07  ? 75  ILE A CA  1 
ATOM   537  C  C   . ILE A 1 75  ? 6.171   -3.529  -1.043  1.00 49.45  ? 75  ILE A C   1 
ATOM   538  O  O   . ILE A 1 75  ? 6.856   -2.503  -0.994  1.00 56.32  ? 75  ILE A O   1 
ATOM   539  C  CB  . ILE A 1 75  ? 4.898   -3.353  1.109   1.00 49.12  ? 75  ILE A CB  1 
ATOM   540  C  CG1 . ILE A 1 75  ? 4.239   -4.108  2.276   1.00 48.17  ? 75  ILE A CG1 1 
ATOM   541  C  CG2 . ILE A 1 75  ? 3.757   -2.787  0.251   1.00 54.40  ? 75  ILE A CG2 1 
ATOM   542  C  CD1 . ILE A 1 75  ? 4.210   -3.294  3.592   1.00 48.65  ? 75  ILE A CD1 1 
ATOM   543  N  N   . VAL A 1 76  ? 5.647   -3.997  -2.170  1.00 52.89  ? 76  VAL A N   1 
ATOM   544  C  CA  . VAL A 1 76  ? 5.827   -3.350  -3.470  1.00 52.41  ? 76  VAL A CA  1 
ATOM   545  C  C   . VAL A 1 76  ? 4.501   -2.720  -3.886  1.00 55.84  ? 76  VAL A C   1 
ATOM   546  O  O   . VAL A 1 76  ? 3.496   -3.423  -4.066  1.00 50.93  ? 76  VAL A O   1 
ATOM   547  C  CB  . VAL A 1 76  ? 6.327   -4.349  -4.524  1.00 51.43  ? 76  VAL A CB  1 
ATOM   548  C  CG1 . VAL A 1 76  ? 6.250   -3.756  -5.944  1.00 49.50  ? 76  VAL A CG1 1 
ATOM   549  C  CG2 . VAL A 1 76  ? 7.765   -4.774  -4.194  1.00 53.60  ? 76  VAL A CG2 1 
ATOM   550  N  N   . THR A 1 77  ? 4.507   -1.395  -4.065  1.00 55.24  ? 77  THR A N   1 
ATOM   551  C  CA  . THR A 1 77  ? 3.339   -0.636  -4.502  1.00 51.78  ? 77  THR A CA  1 
ATOM   552  C  C   . THR A 1 77  ? 3.598   0.014   -5.859  1.00 57.44  ? 77  THR A C   1 
ATOM   553  O  O   . THR A 1 77  ? 4.752   0.267   -6.226  1.00 54.32  ? 77  THR A O   1 
ATOM   554  C  CB  . THR A 1 77  ? 2.991   0.452   -3.475  1.00 50.97  ? 77  THR A CB  1 
ATOM   555  O  OG1 . THR A 1 77  ? 1.787   1.107   -3.862  1.00 48.18  ? 77  THR A OG1 1 
ATOM   556  C  CG2 . THR A 1 77  ? 4.112   1.514   -3.402  1.00 51.94  ? 77  THR A CG2 1 
ATOM   557  N  N   . ASP A 1 78  ? 2.531   0.294   -6.619  1.00 53.51  ? 78  ASP A N   1 
ATOM   558  C  CA  . ASP A 1 78  ? 2.678   1.143   -7.797  1.00 60.44  ? 78  ASP A CA  1 
ATOM   559  C  C   . ASP A 1 78  ? 2.169   2.554   -7.553  1.00 65.95  ? 78  ASP A C   1 
ATOM   560  O  O   . ASP A 1 78  ? 1.996   3.317   -8.506  1.00 69.75  ? 78  ASP A O   1 
ATOM   561  C  CB  . ASP A 1 78  ? 2.000   0.540   -9.041  1.00 74.04  ? 78  ASP A CB  1 
ATOM   562  C  CG  . ASP A 1 78  ? 0.563   0.091   -8.801  1.00 83.03  ? 78  ASP A CG  1 
ATOM   563  O  OD1 . ASP A 1 78  ? -0.077  0.576   -7.856  1.00 78.73  ? 78  ASP A OD1 1 
ATOM   564  O  OD2 . ASP A 1 78  ? 0.079   -0.768  -9.570  1.00 82.47  ? 78  ASP A OD2 1 
ATOM   565  N  N   . SER A 1 79  ? 1.971   2.925   -6.302  1.00 61.74  ? 79  SER A N   1 
ATOM   566  C  CA  . SER A 1 79  ? 1.402   4.215   -5.945  1.00 78.16  ? 79  SER A CA  1 
ATOM   567  C  C   . SER A 1 79  ? 2.512   5.115   -5.415  1.00 69.23  ? 79  SER A C   1 
ATOM   568  O  O   . SER A 1 79  ? 2.934   4.996   -4.262  1.00 59.55  ? 79  SER A O   1 
ATOM   569  C  CB  . SER A 1 79  ? 0.273   4.056   -4.930  1.00 72.03  ? 79  SER A CB  1 
ATOM   570  O  OG  . SER A 1 79  ? -0.088  5.313   -4.387  1.00 63.21  ? 79  SER A OG  1 
ATOM   571  N  N   . GLN A 1 80  ? 2.993   6.024   -6.253  1.00 74.72  ? 80  GLN A N   1 
ATOM   572  C  CA  . GLN A 1 80  ? 4.006   6.922   -5.730  1.00 72.67  ? 80  GLN A CA  1 
ATOM   573  C  C   . GLN A 1 80  ? 3.409   7.856   -4.675  1.00 70.97  ? 80  GLN A C   1 
ATOM   574  O  O   . GLN A 1 80  ? 4.107   8.232   -3.722  1.00 57.90  ? 80  GLN A O   1 
ATOM   575  C  CB  . GLN A 1 80  ? 4.709   7.653   -6.877  1.00 72.09  ? 80  GLN A CB  1 
ATOM   576  C  CG  . GLN A 1 80  ? 3.915   7.851   -8.157  1.00 87.11  ? 80  GLN A CG  1 
ATOM   577  C  CD  . GLN A 1 80  ? 4.812   8.327   -9.309  1.00 83.82  ? 80  GLN A CD  1 
ATOM   578  O  OE1 . GLN A 1 80  ? 6.034   8.195   -9.244  1.00 79.35  ? 80  GLN A OE1 1 
ATOM   579  N  NE2 . GLN A 1 80  ? 4.210   8.910   -10.345 1.00 95.01  ? 80  GLN A NE2 1 
ATOM   580  N  N   . TYR A 1 81  ? 2.106   8.150   -4.765  1.00 68.87  ? 81  TYR A N   1 
ATOM   581  C  CA  . TYR A 1 81  ? 1.447   8.918   -3.712  1.00 64.24  ? 81  TYR A CA  1 
ATOM   582  C  C   . TYR A 1 81  ? 1.510   8.211   -2.364  1.00 63.96  ? 81  TYR A C   1 
ATOM   583  O  O   . TYR A 1 81  ? 1.898   8.813   -1.352  1.00 57.26  ? 81  TYR A O   1 
ATOM   584  C  CB  . TYR A 1 81  ? -0.015  9.191   -4.059  1.00 64.11  ? 81  TYR A CB  1 
ATOM   585  C  CG  . TYR A 1 81  ? -0.827  9.642   -2.842  1.00 67.26  ? 81  TYR A CG  1 
ATOM   586  C  CD1 . TYR A 1 81  ? -0.627  10.904  -2.269  1.00 59.08  ? 81  TYR A CD1 1 
ATOM   587  C  CD2 . TYR A 1 81  ? -1.791  8.813   -2.270  1.00 66.18  ? 81  TYR A CD2 1 
ATOM   588  C  CE1 . TYR A 1 81  ? -1.369  11.324  -1.166  1.00 69.87  ? 81  TYR A CE1 1 
ATOM   589  C  CE2 . TYR A 1 81  ? -2.535  9.223   -1.174  1.00 63.63  ? 81  TYR A CE2 1 
ATOM   590  C  CZ  . TYR A 1 81  ? -2.322  10.476  -0.626  1.00 63.62  ? 81  TYR A CZ  1 
ATOM   591  O  OH  . TYR A 1 81  ? -3.061  10.884  0.463   1.00 71.05  ? 81  TYR A OH  1 
ATOM   592  N  N   . ALA A 1 82  ? 1.062   6.952   -2.312  1.00 57.86  ? 82  ALA A N   1 
ATOM   593  C  CA  . ALA A 1 82  ? 1.070   6.228   -1.045  1.00 58.01  ? 82  ALA A CA  1 
ATOM   594  C  C   . ALA A 1 82  ? 2.479   6.118   -0.491  1.00 59.27  ? 82  ALA A C   1 
ATOM   595  O  O   . ALA A 1 82  ? 2.693   6.329   0.707   1.00 54.65  ? 82  ALA A O   1 
ATOM   596  C  CB  . ALA A 1 82  ? 0.442   4.840   -1.214  1.00 59.44  ? 82  ALA A CB  1 
ATOM   597  N  N   . LEU A 1 83  ? 3.468   5.838   -1.355  1.00 53.19  ? 83  LEU A N   1 
ATOM   598  C  CA  . LEU A 1 83  ? 4.847   5.758   -0.889  1.00 47.34  ? 83  LEU A CA  1 
ATOM   599  C  C   . LEU A 1 83  ? 5.294   7.105   -0.336  1.00 54.25  ? 83  LEU A C   1 
ATOM   600  O  O   . LEU A 1 83  ? 5.854   7.193   0.761   1.00 54.65  ? 83  LEU A O   1 
ATOM   601  C  CB  . LEU A 1 83  ? 5.760   5.297   -2.032  1.00 52.12  ? 83  LEU A CB  1 
ATOM   602  C  CG  . LEU A 1 83  ? 7.260   5.254   -1.704  1.00 57.99  ? 83  LEU A CG  1 
ATOM   603  C  CD1 . LEU A 1 83  ? 7.578   4.079   -0.820  1.00 57.44  ? 83  LEU A CD1 1 
ATOM   604  C  CD2 . LEU A 1 83  ? 8.159   5.223   -2.936  1.00 54.75  ? 83  LEU A CD2 1 
ATOM   605  N  N   . GLY A 1 84  ? 5.010   8.184   -1.065  1.00 56.89  ? 84  GLY A N   1 
ATOM   606  C  CA  . GLY A 1 84  ? 5.483   9.490   -0.641  1.00 55.77  ? 84  GLY A CA  1 
ATOM   607  C  C   . GLY A 1 84  ? 4.842   9.945   0.657   1.00 62.20  ? 84  GLY A C   1 
ATOM   608  O  O   . GLY A 1 84  ? 5.528   10.406  1.575   1.00 62.02  ? 84  GLY A O   1 
ATOM   609  N  N   . ILE A 1 85  ? 3.518   9.797   0.761   1.00 57.75  ? 85  ILE A N   1 
ATOM   610  C  CA  . ILE A 1 85  ? 2.807   10.299  1.932   1.00 59.16  ? 85  ILE A CA  1 
ATOM   611  C  C   . ILE A 1 85  ? 3.214   9.524   3.181   1.00 62.17  ? 85  ILE A C   1 
ATOM   612  O  O   . ILE A 1 85  ? 3.352   10.105  4.264   1.00 63.23  ? 85  ILE A O   1 
ATOM   613  C  CB  . ILE A 1 85  ? 1.277   10.289  1.688   1.00 56.10  ? 85  ILE A CB  1 
ATOM   614  C  CG1 . ILE A 1 85  ? 0.650   11.467  2.419   1.00 61.11  ? 85  ILE A CG1 1 
ATOM   615  C  CG2 . ILE A 1 85  ? 0.618   8.996   2.141   1.00 56.52  ? 85  ILE A CG2 1 
ATOM   616  C  CD1 . ILE A 1 85  ? 1.052   12.841  1.824   1.00 60.80  ? 85  ILE A CD1 1 
ATOM   617  N  N   . ILE A 1 86  ? 3.451   8.214   3.055   1.00 53.29  ? 86  ILE A N   1 
ATOM   618  C  CA  . ILE A 1 86  ? 3.964   7.448   4.186   1.00 56.79  ? 86  ILE A CA  1 
ATOM   619  C  C   . ILE A 1 86  ? 5.399   7.872   4.519   1.00 66.34  ? 86  ILE A C   1 
ATOM   620  O  O   . ILE A 1 86  ? 5.747   8.124   5.683   1.00 60.98  ? 86  ILE A O   1 
ATOM   621  C  CB  . ILE A 1 86  ? 3.906   5.944   3.873   1.00 58.50  ? 86  ILE A CB  1 
ATOM   622  C  CG1 . ILE A 1 86  ? 2.473   5.421   3.783   1.00 46.59  ? 86  ILE A CG1 1 
ATOM   623  C  CG2 . ILE A 1 86  ? 4.720   5.166   4.881   1.00 58.96  ? 86  ILE A CG2 1 
ATOM   624  C  CD1 . ILE A 1 86  ? 2.402   4.114   2.953   1.00 49.09  ? 86  ILE A CD1 1 
ATOM   625  N  N   . THR A 1 87  ? 6.260   7.919   3.495   1.00 62.70  ? 87  THR A N   1 
ATOM   626  C  CA  . THR A 1 87  ? 7.678   8.209   3.695   1.00 63.51  ? 87  THR A CA  1 
ATOM   627  C  C   . THR A 1 87  ? 7.878   9.606   4.287   1.00 64.68  ? 87  THR A C   1 
ATOM   628  O  O   . THR A 1 87  ? 8.774   9.819   5.114   1.00 64.67  ? 87  THR A O   1 
ATOM   629  C  CB  . THR A 1 87  ? 8.409   8.084   2.352   1.00 60.45  ? 87  THR A CB  1 
ATOM   630  O  OG1 . THR A 1 87  ? 8.594   6.706   2.030   1.00 65.97  ? 87  THR A OG1 1 
ATOM   631  C  CG2 . THR A 1 87  ? 9.760   8.765   2.401   1.00 62.71  ? 87  THR A CG2 1 
ATOM   632  N  N   . GLN A 1 88  ? 7.046   10.571  3.866   1.00 65.21  ? 88  GLN A N   1 
ATOM   633  C  CA  . GLN A 1 88  ? 7.094   11.936  4.385   1.00 61.54  ? 88  GLN A CA  1 
ATOM   634  C  C   . GLN A 1 88  ? 6.670   12.017  5.839   1.00 70.59  ? 88  GLN A C   1 
ATOM   635  O  O   . GLN A 1 88  ? 7.071   12.949  6.556   1.00 67.50  ? 88  GLN A O   1 
ATOM   636  C  CB  . GLN A 1 88  ? 6.195   12.845  3.551   1.00 57.50  ? 88  GLN A CB  1 
ATOM   637  C  CG  . GLN A 1 88  ? 6.918   13.431  2.321   1.00 68.62  ? 88  GLN A CG  1 
ATOM   638  C  CD  . GLN A 1 88  ? 6.012   13.471  1.118   1.00 64.55  ? 88  GLN A CD  1 
ATOM   639  O  OE1 . GLN A 1 88  ? 6.423   13.155  -0.005  1.00 67.91  ? 88  GLN A OE1 1 
ATOM   640  N  NE2 . GLN A 1 88  ? 4.743   13.809  1.356   1.00 61.10  ? 88  GLN A NE2 1 
ATOM   641  N  N   . TRP A 1 89  ? 5.822   11.094  6.270   1.00 62.95  ? 89  TRP A N   1 
ATOM   642  C  CA  . TRP A 1 89  ? 5.394   11.054  7.660   1.00 70.85  ? 89  TRP A CA  1 
ATOM   643  C  C   . TRP A 1 89  ? 6.502   10.502  8.549   1.00 70.44  ? 89  TRP A C   1 
ATOM   644  O  O   . TRP A 1 89  ? 6.841   11.116  9.566   1.00 74.73  ? 89  TRP A O   1 
ATOM   645  C  CB  . TRP A 1 89  ? 4.118   10.220  7.747   1.00 72.07  ? 89  TRP A CB  1 
ATOM   646  C  CG  . TRP A 1 89  ? 3.144   10.469  8.867   1.00 72.24  ? 89  TRP A CG  1 
ATOM   647  C  CD1 . TRP A 1 89  ? 3.295   10.117  10.174  1.00 73.37  ? 89  TRP A CD1 1 
ATOM   648  C  CD2 . TRP A 1 89  ? 1.828   11.037  8.752   1.00 76.75  ? 89  TRP A CD2 1 
ATOM   649  N  NE1 . TRP A 1 89  ? 2.159   10.440  10.883  1.00 78.72  ? 89  TRP A NE1 1 
ATOM   650  C  CE2 . TRP A 1 89  ? 1.250   11.015  10.035  1.00 75.77  ? 89  TRP A CE2 1 
ATOM   651  C  CE3 . TRP A 1 89  ? 1.089   11.571  7.691   1.00 83.80  ? 89  TRP A CE3 1 
ATOM   652  C  CZ2 . TRP A 1 89  ? -0.030  11.515  10.288  1.00 80.19  ? 89  TRP A CZ2 1 
ATOM   653  C  CZ3 . TRP A 1 89  ? -0.191  12.060  7.948   1.00 78.74  ? 89  TRP A CZ3 1 
ATOM   654  C  CH2 . TRP A 1 89  ? -0.729  12.033  9.234   1.00 80.72  ? 89  TRP A CH2 1 
ATOM   655  N  N   . ILE A 1 90  ? 7.105   9.372   8.149   1.00 71.18  ? 90  ILE A N   1 
ATOM   656  C  CA  . ILE A 1 90  ? 8.270   8.829   8.852   1.00 67.17  ? 90  ILE A CA  1 
ATOM   657  C  C   . ILE A 1 90  ? 9.351   9.894   9.026   1.00 76.59  ? 90  ILE A C   1 
ATOM   658  O  O   . ILE A 1 90  ? 9.930   10.033  10.111  1.00 83.78  ? 90  ILE A O   1 
ATOM   659  C  CB  . ILE A 1 90  ? 8.819   7.594   8.108   1.00 67.69  ? 90  ILE A CB  1 
ATOM   660  C  CG1 . ILE A 1 90  ? 7.894   6.387   8.242   1.00 67.40  ? 90  ILE A CG1 1 
ATOM   661  C  CG2 . ILE A 1 90  ? 10.150  7.201   8.676   1.00 75.80  ? 90  ILE A CG2 1 
ATOM   662  C  CD1 . ILE A 1 90  ? 7.128   6.357   9.519   1.00 73.37  ? 90  ILE A CD1 1 
ATOM   663  N  N   . HIS A 1 91  ? 9.635   10.668  7.968   1.00 68.64  ? 91  HIS A N   1 
ATOM   664  C  CA  . HIS A 1 91  ? 10.828  11.520  7.950   1.00 73.22  ? 91  HIS A CA  1 
ATOM   665  C  C   . HIS A 1 91  ? 10.639  12.814  8.723   1.00 75.09  ? 91  HIS A C   1 
ATOM   666  O  O   . HIS A 1 91  ? 11.600  13.329  9.307   1.00 81.78  ? 91  HIS A O   1 
ATOM   667  C  CB  . HIS A 1 91  ? 11.245  11.840  6.510   1.00 68.57  ? 91  HIS A CB  1 
ATOM   668  C  CG  . HIS A 1 91  ? 11.695  10.642  5.739   1.00 67.82  ? 91  HIS A CG  1 
ATOM   669  N  ND1 . HIS A 1 91  ? 12.496  10.731  4.623   1.00 69.08  ? 91  HIS A ND1 1 
ATOM   670  C  CD2 . HIS A 1 91  ? 11.489  9.322   5.952   1.00 69.83  ? 91  HIS A CD2 1 
ATOM   671  C  CE1 . HIS A 1 91  ? 12.734  9.518   4.158   1.00 71.31  ? 91  HIS A CE1 1 
ATOM   672  N  NE2 . HIS A 1 91  ? 12.138  8.645   4.949   1.00 72.35  ? 91  HIS A NE2 1 
ATOM   673  N  N   . ASN A 1 92  ? 9.439   13.378  8.698   1.00 69.75  ? 92  ASN A N   1 
ATOM   674  C  CA  . ASN A 1 92  ? 9.129   14.568  9.481   1.00 84.88  ? 92  ASN A CA  1 
ATOM   675  C  C   . ASN A 1 92  ? 8.505   14.193  10.831  1.00 96.80  ? 92  ASN A C   1 
ATOM   676  O  O   . ASN A 1 92  ? 7.452   14.685  11.243  1.00 99.13  ? 92  ASN A O   1 
ATOM   677  C  CB  . ASN A 1 92  ? 8.240   15.490  8.650   1.00 86.28  ? 92  ASN A CB  1 
ATOM   678  C  CG  . ASN A 1 92  ? 8.854   15.805  7.260   1.00 79.91  ? 92  ASN A CG  1 
ATOM   679  O  OD1 . ASN A 1 92  ? 9.957   16.357  7.149   1.00 74.80  ? 92  ASN A OD1 1 
ATOM   680  N  ND2 . ASN A 1 92  ? 8.165   15.395  6.209   1.00 79.73  ? 92  ASN A ND2 1 
ATOM   681  N  N   . TRP A 1 93  ? 9.207   13.274  11.514  1.00 131.35 ? 93  TRP A N   1 
ATOM   682  C  CA  . TRP A 1 93  ? 8.931   12.751  12.851  1.00 130.45 ? 93  TRP A CA  1 
ATOM   683  C  C   . TRP A 1 93  ? 8.963   13.845  13.910  1.00 131.48 ? 93  TRP A C   1 
ATOM   684  O  O   . TRP A 1 93  ? 9.922   13.935  14.686  1.00 131.61 ? 93  TRP A O   1 
ATOM   685  C  CB  . TRP A 1 93  ? 9.966   11.663  13.186  1.00 129.36 ? 93  TRP A CB  1 
ATOM   686  C  CG  . TRP A 1 93  ? 9.658   10.762  14.363  1.00 140.84 ? 93  TRP A CG  1 
ATOM   687  C  CD1 . TRP A 1 93  ? 9.723   11.092  15.690  1.00 143.12 ? 93  TRP A CD1 1 
ATOM   688  C  CD2 . TRP A 1 93  ? 9.296   9.371   14.315  1.00 140.61 ? 93  TRP A CD2 1 
ATOM   689  N  NE1 . TRP A 1 93  ? 9.399   10.002  16.468  1.00 144.09 ? 93  TRP A NE1 1 
ATOM   690  C  CE2 . TRP A 1 93  ? 9.134   8.933   15.650  1.00 146.19 ? 93  TRP A CE2 1 
ATOM   691  C  CE3 . TRP A 1 93  ? 9.082   8.458   13.276  1.00 128.17 ? 93  TRP A CE3 1 
ATOM   692  C  CZ2 . TRP A 1 93  ? 8.766   7.620   15.969  1.00 142.03 ? 93  TRP A CZ2 1 
ATOM   693  C  CZ3 . TRP A 1 93  ? 8.713   7.161   13.596  1.00 131.07 ? 93  TRP A CZ3 1 
ATOM   694  C  CH2 . TRP A 1 93  ? 8.563   6.751   14.930  1.00 134.88 ? 93  TRP A CH2 1 
ATOM   695  N  N   . LYS A 1 94  ? 7.924   14.679  13.953  1.00 110.18 ? 94  LYS A N   1 
ATOM   696  C  CA  . LYS A 1 94  ? 7.877   15.787  14.898  1.00 103.19 ? 94  LYS A CA  1 
ATOM   697  C  C   . LYS A 1 94  ? 8.687   16.985  14.411  1.00 107.57 ? 94  LYS A C   1 
ATOM   698  O  O   . LYS A 1 94  ? 9.914   17.010  14.548  1.00 108.02 ? 94  LYS A O   1 
ATOM   699  N  N   . LYS A 1 95  ? 8.008   17.985  13.843  1.00 115.86 ? 95  LYS A N   1 
ATOM   700  C  CA  . LYS A 1 95  ? 8.619   19.257  13.469  1.00 117.26 ? 95  LYS A CA  1 
ATOM   701  C  C   . LYS A 1 95  ? 7.644   20.382  13.802  1.00 122.52 ? 95  LYS A C   1 
ATOM   702  O  O   . LYS A 1 95  ? 6.482   20.345  13.379  1.00 121.56 ? 95  LYS A O   1 
ATOM   703  N  N   . ARG A 1 96  ? 8.114   21.387  14.554  1.00 120.77 ? 96  ARG A N   1 
ATOM   704  C  CA  . ARG A 1 96  ? 7.298   22.567  14.840  1.00 122.23 ? 96  ARG A CA  1 
ATOM   705  C  C   . ARG A 1 96  ? 7.066   23.361  13.558  1.00 125.58 ? 96  ARG A C   1 
ATOM   706  O  O   . ARG A 1 96  ? 6.353   24.372  13.567  1.00 127.55 ? 96  ARG A O   1 
ATOM   707  C  CB  . ARG A 1 96  ? 7.950   23.461  15.908  1.00 120.89 ? 96  ARG A CB  1 
ATOM   708  C  CG  . ARG A 1 96  ? 6.960   24.281  16.752  1.00 116.55 ? 96  ARG A CG  1 
ATOM   709  C  CD  . ARG A 1 96  ? 7.679   25.177  17.759  1.00 114.42 ? 96  ARG A CD  1 
ATOM   710  N  NE  . ARG A 1 96  ? 8.068   26.457  17.174  1.00 119.51 ? 96  ARG A NE  1 
ATOM   711  C  CZ  . ARG A 1 96  ? 9.057   27.221  17.618  1.00 120.89 ? 96  ARG A CZ  1 
ATOM   712  N  NH1 . ARG A 1 96  ? 9.818   26.846  18.634  1.00 122.79 ? 96  ARG A NH1 1 
ATOM   713  N  NH2 . ARG A 1 96  ? 9.295   28.386  17.021  1.00 124.35 ? 96  ARG A NH2 1 
ATOM   714  N  N   . GLY A 1 97  ? 7.692   22.915  12.462  1.00 127.96 ? 97  GLY A N   1 
ATOM   715  C  CA  . GLY A 1 97  ? 7.460   23.425  11.122  1.00 121.78 ? 97  GLY A CA  1 
ATOM   716  C  C   . GLY A 1 97  ? 7.062   22.335  10.139  1.00 116.71 ? 97  GLY A C   1 
ATOM   717  O  O   . GLY A 1 97  ? 7.734   22.122  9.121   1.00 95.85  ? 97  GLY A O   1 
ATOM   718  N  N   . TRP A 1 98  ? 5.973   21.627  10.445  1.00 116.76 ? 98  TRP A N   1 
ATOM   719  C  CA  . TRP A 1 98  ? 5.410   20.641  9.524   1.00 113.62 ? 98  TRP A CA  1 
ATOM   720  C  C   . TRP A 1 98  ? 3.897   20.649  9.675   1.00 112.97 ? 98  TRP A C   1 
ATOM   721  O  O   . TRP A 1 98  ? 3.378   20.228  10.713  1.00 115.38 ? 98  TRP A O   1 
ATOM   722  C  CB  . TRP A 1 98  ? 5.960   19.240  9.779   1.00 117.85 ? 98  TRP A CB  1 
ATOM   723  C  CG  . TRP A 1 98  ? 5.457   18.212  8.764   1.00 117.95 ? 98  TRP A CG  1 
ATOM   724  C  CD1 . TRP A 1 98  ? 5.847   18.091  7.454   1.00 112.58 ? 98  TRP A CD1 1 
ATOM   725  C  CD2 . TRP A 1 98  ? 4.473   17.180  8.981   1.00 116.23 ? 98  TRP A CD2 1 
ATOM   726  N  NE1 . TRP A 1 98  ? 5.173   17.052  6.847   1.00 111.58 ? 98  TRP A NE1 1 
ATOM   727  C  CE2 . TRP A 1 98  ? 4.327   16.476  7.759   1.00 113.52 ? 98  TRP A CE2 1 
ATOM   728  C  CE3 . TRP A 1 98  ? 3.706   16.783  10.085  1.00 116.36 ? 98  TRP A CE3 1 
ATOM   729  C  CZ2 . TRP A 1 98  ? 3.446   15.400  7.611   1.00 107.53 ? 98  TRP A CZ2 1 
ATOM   730  C  CZ3 . TRP A 1 98  ? 2.827   15.710  9.935   1.00 115.83 ? 98  TRP A CZ3 1 
ATOM   731  C  CH2 . TRP A 1 98  ? 2.706   15.034  8.706   1.00 108.23 ? 98  TRP A CH2 1 
ATOM   732  N  N   . LYS A 1 99  ? 3.203   21.119  8.641   1.00 106.89 ? 99  LYS A N   1 
ATOM   733  C  CA  . LYS A 1 99  ? 1.758   20.970  8.561   1.00 104.69 ? 99  LYS A CA  1 
ATOM   734  C  C   . LYS A 1 99  ? 1.431   19.570  8.055   1.00 106.64 ? 99  LYS A C   1 
ATOM   735  O  O   . LYS A 1 99  ? 2.123   19.033  7.188   1.00 101.54 ? 99  LYS A O   1 
ATOM   736  N  N   . THR A 1 100 ? 0.339   18.959  8.623   1.00 111.28 ? 100 THR A N   1 
ATOM   737  C  CA  . THR A 1 100 ? -0.016  17.600  8.231   1.00 110.38 ? 100 THR A CA  1 
ATOM   738  C  C   . THR A 1 100 ? -1.017  17.613  7.073   1.00 106.27 ? 100 THR A C   1 
ATOM   739  O  O   . THR A 1 100 ? -1.778  18.574  6.911   1.00 105.88 ? 100 THR A O   1 
ATOM   740  C  CB  . THR A 1 100 ? -0.601  16.837  9.422   1.00 108.89 ? 100 THR A CB  1 
ATOM   741  O  OG1 . THR A 1 100 ? -0.827  15.473  9.055   1.00 106.51 ? 100 THR A OG1 1 
ATOM   742  C  CG2 . THR A 1 100 ? -1.920  17.461  9.882   1.00 109.92 ? 100 THR A CG2 1 
ATOM   743  N  N   . PRO A 1 101 ? -1.021  16.579  6.227   1.00 106.39 ? 101 PRO A N   1 
ATOM   744  C  CA  . PRO A 1 101 ? -1.943  16.572  5.080   1.00 106.61 ? 101 PRO A CA  1 
ATOM   745  C  C   . PRO A 1 101 ? -3.406  16.502  5.503   1.00 108.16 ? 101 PRO A C   1 
ATOM   746  O  O   . PRO A 1 101 ? -3.766  15.817  6.467   1.00 102.59 ? 101 PRO A O   1 
ATOM   747  C  CB  . PRO A 1 101 ? -1.527  15.321  4.291   1.00 99.74  ? 101 PRO A CB  1 
ATOM   748  C  CG  . PRO A 1 101 ? -0.661  14.524  5.220   1.00 95.10  ? 101 PRO A CG  1 
ATOM   749  C  CD  . PRO A 1 101 ? -0.007  15.516  6.120   1.00 100.77 ? 101 PRO A CD  1 
ATOM   750  N  N   . VAL A 1 102 ? -4.249  17.230  4.756   1.00 108.70 ? 102 VAL A N   1 
ATOM   751  C  CA  . VAL A 1 102 ? -5.691  17.249  4.993   1.00 110.60 ? 102 VAL A CA  1 
ATOM   752  C  C   . VAL A 1 102 ? -6.389  16.081  4.321   1.00 108.08 ? 102 VAL A C   1 
ATOM   753  O  O   . VAL A 1 102 ? -7.576  15.830  4.586   1.00 110.44 ? 102 VAL A O   1 
ATOM   754  C  CB  . VAL A 1 102 ? -6.325  18.567  4.497   1.00 113.61 ? 102 VAL A CB  1 
ATOM   755  C  CG1 . VAL A 1 102 ? -6.531  18.541  2.983   1.00 113.04 ? 102 VAL A CG1 1 
ATOM   756  C  CG2 . VAL A 1 102 ? -7.632  18.839  5.224   1.00 114.42 ? 102 VAL A CG2 1 
ATOM   757  N  N   . LYS A 1 103 ? -5.690  15.335  3.483   1.00 102.47 ? 103 LYS A N   1 
ATOM   758  C  CA  . LYS A 1 103 ? -6.302  14.236  2.765   1.00 95.72  ? 103 LYS A CA  1 
ATOM   759  C  C   . LYS A 1 103 ? -6.008  12.900  3.414   1.00 88.91  ? 103 LYS A C   1 
ATOM   760  O  O   . LYS A 1 103 ? -4.860  12.602  3.759   1.00 88.48  ? 103 LYS A O   1 
ATOM   761  C  CB  . LYS A 1 103 ? -5.801  14.196  1.342   1.00 93.10  ? 103 LYS A CB  1 
ATOM   762  C  CG  . LYS A 1 103 ? -6.862  14.301  0.351   1.00 93.40  ? 103 LYS A CG  1 
ATOM   763  C  CD  . LYS A 1 103 ? -6.184  14.199  -0.951  1.00 94.42  ? 103 LYS A CD  1 
ATOM   764  C  CE  . LYS A 1 103 ? -6.683  15.291  -1.805  1.00 95.94  ? 103 LYS A CE  1 
ATOM   765  N  NZ  . LYS A 1 103 ? -5.828  15.359  -2.985  1.00 97.44  ? 103 LYS A NZ  1 
ATOM   766  N  N   . ASN A 1 104 ? -7.055  12.082  3.523   1.00 81.60  ? 104 ASN A N   1 
ATOM   767  C  CA  . ASN A 1 104 ? -6.950  10.709  4.001   1.00 80.28  ? 104 ASN A CA  1 
ATOM   768  C  C   . ASN A 1 104 ? -6.241  10.649  5.347   1.00 80.32  ? 104 ASN A C   1 
ATOM   769  O  O   . ASN A 1 104 ? -5.599  9.649   5.672   1.00 79.99  ? 104 ASN A O   1 
ATOM   770  C  CB  . ASN A 1 104 ? -6.237  9.819   2.978   1.00 76.48  ? 104 ASN A CB  1 
ATOM   771  C  CG  . ASN A 1 104 ? -6.675  10.098  1.548   1.00 78.06  ? 104 ASN A CG  1 
ATOM   772  O  OD1 . ASN A 1 104 ? -5.845  10.378  0.676   1.00 71.65  ? 104 ASN A OD1 1 
ATOM   773  N  ND2 . ASN A 1 104 ? -7.984  10.002  1.297   1.00 72.78  ? 104 ASN A ND2 1 
ATOM   774  N  N   . VAL A 1 105 ? -6.360  11.729  6.128   1.00 80.42  ? 105 VAL A N   1 
ATOM   775  C  CA  . VAL A 1 105 ? -5.593  11.863  7.365   1.00 83.31  ? 105 VAL A CA  1 
ATOM   776  C  C   . VAL A 1 105 ? -5.784  10.638  8.251   1.00 75.62  ? 105 VAL A C   1 
ATOM   777  O  O   . VAL A 1 105 ? -4.821  10.096  8.810   1.00 79.58  ? 105 VAL A O   1 
ATOM   778  C  CB  . VAL A 1 105 ? -5.992  13.158  8.103   1.00 85.46  ? 105 VAL A CB  1 
ATOM   779  C  CG1 . VAL A 1 105 ? -4.886  13.589  9.053   1.00 80.30  ? 105 VAL A CG1 1 
ATOM   780  C  CG2 . VAL A 1 105 ? -6.360  14.254  7.117   1.00 89.62  ? 105 VAL A CG2 1 
ATOM   781  N  N   . ASP A 1 106 ? -7.020  10.161  8.363   1.00 77.09  ? 106 ASP A N   1 
ATOM   782  C  CA  . ASP A 1 106 ? -7.309  9.045   9.256   1.00 80.15  ? 106 ASP A CA  1 
ATOM   783  C  C   . ASP A 1 106 ? -6.673  7.748   8.755   1.00 76.17  ? 106 ASP A C   1 
ATOM   784  O  O   . ASP A 1 106 ? -6.079  6.995   9.535   1.00 74.24  ? 106 ASP A O   1 
ATOM   785  C  CB  . ASP A 1 106 ? -8.827  8.905   9.407   1.00 83.41  ? 106 ASP A CB  1 
ATOM   786  C  CG  . ASP A 1 106 ? -9.424  9.964   10.337  1.00 89.73  ? 106 ASP A CG  1 
ATOM   787  O  OD1 . ASP A 1 106 ? -8.642  10.711  10.968  1.00 89.91  ? 106 ASP A OD1 1 
ATOM   788  O  OD2 . ASP A 1 106 ? -10.676 10.065  10.427  1.00 89.33  ? 106 ASP A OD2 1 
ATOM   789  N  N   . LEU A 1 107 ? -6.798  7.468   7.453   1.00 75.18  ? 107 LEU A N   1 
ATOM   790  C  CA  . LEU A 1 107 ? -6.213  6.259   6.877   1.00 71.67  ? 107 LEU A CA  1 
ATOM   791  C  C   . LEU A 1 107 ? -4.695  6.258   7.024   1.00 69.56  ? 107 LEU A C   1 
ATOM   792  O  O   . LEU A 1 107 ? -4.095  5.267   7.465   1.00 64.98  ? 107 LEU A O   1 
ATOM   793  C  CB  . LEU A 1 107 ? -6.612  6.141   5.400   1.00 64.88  ? 107 LEU A CB  1 
ATOM   794  C  CG  . LEU A 1 107 ? -6.297  4.861   4.611   1.00 66.91  ? 107 LEU A CG  1 
ATOM   795  C  CD1 . LEU A 1 107 ? -6.355  3.584   5.471   1.00 62.15  ? 107 LEU A CD1 1 
ATOM   796  C  CD2 . LEU A 1 107 ? -7.173  4.757   3.354   1.00 57.91  ? 107 LEU A CD2 1 
ATOM   797  N  N   . VAL A 1 108 ? -4.054  7.364   6.644   1.00 70.62  ? 108 VAL A N   1 
ATOM   798  C  CA  . VAL A 1 108 ? -2.600  7.428   6.730   1.00 70.02  ? 108 VAL A CA  1 
ATOM   799  C  C   . VAL A 1 108 ? -2.152  7.265   8.178   1.00 68.19  ? 108 VAL A C   1 
ATOM   800  O  O   . VAL A 1 108 ? -1.070  6.737   8.449   1.00 61.04  ? 108 VAL A O   1 
ATOM   801  C  CB  . VAL A 1 108 ? -2.111  8.744   6.087   1.00 70.88  ? 108 VAL A CB  1 
ATOM   802  C  CG1 . VAL A 1 108 ? -0.641  8.986   6.353   1.00 63.69  ? 108 VAL A CG1 1 
ATOM   803  C  CG2 . VAL A 1 108 ? -2.386  8.714   4.586   1.00 54.40  ? 108 VAL A CG2 1 
ATOM   804  N  N   . ASN A 1 109 ? -3.010  7.635   9.130   1.00 75.46  ? 109 ASN A N   1 
ATOM   805  C  CA  . ASN A 1 109 ? -2.660  7.531   10.538  1.00 68.99  ? 109 ASN A CA  1 
ATOM   806  C  C   . ASN A 1 109 ? -2.727  6.099   11.065  1.00 70.92  ? 109 ASN A C   1 
ATOM   807  O  O   . ASN A 1 109 ? -1.860  5.699   11.853  1.00 70.44  ? 109 ASN A O   1 
ATOM   808  C  CB  . ASN A 1 109 ? -3.568  8.426   11.354  1.00 76.20  ? 109 ASN A CB  1 
ATOM   809  C  CG  . ASN A 1 109 ? -2.805  9.234   12.343  1.00 83.63  ? 109 ASN A CG  1 
ATOM   810  O  OD1 . ASN A 1 109 ? -1.706  8.842   12.763  1.00 88.20  ? 109 ASN A OD1 1 
ATOM   811  N  ND2 . ASN A 1 109 ? -3.358  10.378  12.725  1.00 85.23  ? 109 ASN A ND2 1 
ATOM   812  N  N   . GLN A 1 110 ? -3.722  5.308   10.652  1.00 67.23  ? 110 GLN A N   1 
ATOM   813  C  CA  . GLN A 1 110 ? -3.732  3.914   11.083  1.00 72.72  ? 110 GLN A CA  1 
ATOM   814  C  C   . GLN A 1 110 ? -2.606  3.110   10.448  1.00 69.51  ? 110 GLN A C   1 
ATOM   815  O  O   . GLN A 1 110 ? -2.122  2.155   11.067  1.00 65.61  ? 110 GLN A O   1 
ATOM   816  C  CB  . GLN A 1 110 ? -5.066  3.241   10.763  1.00 73.63  ? 110 GLN A CB  1 
ATOM   817  C  CG  . GLN A 1 110 ? -6.261  4.157   10.649  1.00 72.39  ? 110 GLN A CG  1 
ATOM   818  C  CD  . GLN A 1 110 ? -7.468  3.424   10.065  1.00 85.13  ? 110 GLN A CD  1 
ATOM   819  O  OE1 . GLN A 1 110 ? -7.322  2.547   9.195   1.00 86.37  ? 110 GLN A OE1 1 
ATOM   820  N  NE2 . GLN A 1 110 ? -8.664  3.775   10.539  1.00 81.30  ? 110 GLN A NE2 1 
ATOM   821  N  N   . ILE A 1 111 ? -2.189  3.464   9.226   1.00 65.64  ? 111 ILE A N   1 
ATOM   822  C  CA  . ILE A 1 111 ? -1.048  2.776   8.615   1.00 68.23  ? 111 ILE A CA  1 
ATOM   823  C  C   . ILE A 1 111 ? 0.202   3.020   9.444   1.00 64.33  ? 111 ILE A C   1 
ATOM   824  O  O   . ILE A 1 111 ? 0.970   2.093   9.743   1.00 69.39  ? 111 ILE A O   1 
ATOM   825  C  CB  . ILE A 1 111 ? -0.837  3.228   7.152   1.00 63.10  ? 111 ILE A CB  1 
ATOM   826  C  CG1 . ILE A 1 111 ? -1.902  2.687   6.219   1.00 60.30  ? 111 ILE A CG1 1 
ATOM   827  C  CG2 . ILE A 1 111 ? 0.548   2.794   6.631   1.00 62.47  ? 111 ILE A CG2 1 
ATOM   828  C  CD1 . ILE A 1 111 ? -1.792  3.246   4.809   1.00 55.76  ? 111 ILE A CD1 1 
ATOM   829  N  N   . ILE A 1 112 ? 0.413   4.280   9.839   1.00 62.01  ? 112 ILE A N   1 
ATOM   830  C  CA  . ILE A 1 112 ? 1.588   4.651   10.625  1.00 63.84  ? 112 ILE A CA  1 
ATOM   831  C  C   . ILE A 1 112 ? 1.633   3.856   11.914  1.00 66.55  ? 112 ILE A C   1 
ATOM   832  O  O   . ILE A 1 112 ? 2.671   3.290   12.282  1.00 72.64  ? 112 ILE A O   1 
ATOM   833  C  CB  . ILE A 1 112 ? 1.582   6.159   10.918  1.00 70.17  ? 112 ILE A CB  1 
ATOM   834  C  CG1 . ILE A 1 112 ? 2.169   6.912   9.744   1.00 65.48  ? 112 ILE A CG1 1 
ATOM   835  C  CG2 . ILE A 1 112 ? 2.366   6.459   12.197  1.00 72.53  ? 112 ILE A CG2 1 
ATOM   836  C  CD1 . ILE A 1 112 ? 3.678   6.903   9.758   1.00 76.23  ? 112 ILE A CD1 1 
ATOM   837  N  N   . GLU A 1 113 ? 0.502   3.835   12.627  1.00 70.61  ? 113 GLU A N   1 
ATOM   838  C  CA  . GLU A 1 113 ? 0.330   2.993   13.807  1.00 69.82  ? 113 GLU A CA  1 
ATOM   839  C  C   . GLU A 1 113 ? 0.779   1.564   13.528  1.00 67.66  ? 113 GLU A C   1 
ATOM   840  O  O   . GLU A 1 113 ? 1.602   1.002   14.264  1.00 67.90  ? 113 GLU A O   1 
ATOM   841  C  CB  . GLU A 1 113 ? -1.148  3.023   14.228  1.00 76.72  ? 113 GLU A CB  1 
ATOM   842  C  CG  . GLU A 1 113 ? -1.421  2.977   15.723  1.00 79.14  ? 113 GLU A CG  1 
ATOM   843  C  CD  . GLU A 1 113 ? -2.916  3.098   16.043  1.00 87.56  ? 113 GLU A CD  1 
ATOM   844  O  OE1 . GLU A 1 113 ? -3.722  3.330   15.101  1.00 80.67  ? 113 GLU A OE1 1 
ATOM   845  O  OE2 . GLU A 1 113 ? -3.289  2.954   17.241  1.00 91.47  ? 113 GLU A OE2 1 
ATOM   846  N  N   . GLN A 1 114 ? 0.249   0.970   12.450  1.00 67.34  ? 114 GLN A N   1 
ATOM   847  C  CA  . GLN A 1 114 ? 0.586   -0.404  12.085  1.00 67.23  ? 114 GLN A CA  1 
ATOM   848  C  C   . GLN A 1 114 ? 2.081   -0.558  11.834  1.00 67.21  ? 114 GLN A C   1 
ATOM   849  O  O   . GLN A 1 114 ? 2.689   -1.543  12.265  1.00 69.03  ? 114 GLN A O   1 
ATOM   850  C  CB  . GLN A 1 114 ? -0.200  -0.833  10.843  1.00 68.25  ? 114 GLN A CB  1 
ATOM   851  C  CG  . GLN A 1 114 ? -1.655  -1.296  11.084  1.00 71.30  ? 114 GLN A CG  1 
ATOM   852  C  CD  . GLN A 1 114 ? -1.792  -2.255  12.265  1.00 78.58  ? 114 GLN A CD  1 
ATOM   853  O  OE1 . GLN A 1 114 ? -1.392  -3.426  12.177  1.00 79.26  ? 114 GLN A OE1 1 
ATOM   854  N  NE2 . GLN A 1 114 ? -2.398  -1.776  13.357  1.00 77.73  ? 114 GLN A NE2 1 
ATOM   855  N  N   . LEU A 1 115 ? 2.692   0.427   11.157  1.00 64.51  ? 115 LEU A N   1 
ATOM   856  C  CA  . LEU A 1 115 ? 4.091   0.323   10.734  1.00 63.53  ? 115 LEU A CA  1 
ATOM   857  C  C   . LEU A 1 115 ? 5.068   0.614   11.879  1.00 69.25  ? 115 LEU A C   1 
ATOM   858  O  O   . LEU A 1 115 ? 6.204   0.118   11.873  1.00 68.01  ? 115 LEU A O   1 
ATOM   859  C  CB  . LEU A 1 115 ? 4.296   1.268   9.545   1.00 63.34  ? 115 LEU A CB  1 
ATOM   860  C  CG  . LEU A 1 115 ? 5.547   1.442   8.676   1.00 68.81  ? 115 LEU A CG  1 
ATOM   861  C  CD1 . LEU A 1 115 ? 5.197   2.394   7.522   1.00 66.24  ? 115 LEU A CD1 1 
ATOM   862  C  CD2 . LEU A 1 115 ? 6.738   1.980   9.432   1.00 71.78  ? 115 LEU A CD2 1 
ATOM   863  N  N   . ILE A 1 116 ? 4.659   1.422   12.862  1.00 71.34  ? 116 ILE A N   1 
ATOM   864  C  CA  . ILE A 1 116 ? 5.484   1.617   14.053  1.00 75.91  ? 116 ILE A CA  1 
ATOM   865  C  C   . ILE A 1 116 ? 5.665   0.299   14.803  1.00 73.23  ? 116 ILE A C   1 
ATOM   866  O  O   . ILE A 1 116 ? 6.696   0.078   15.457  1.00 76.79  ? 116 ILE A O   1 
ATOM   867  C  CB  . ILE A 1 116 ? 4.859   2.722   14.941  1.00 72.58  ? 116 ILE A CB  1 
ATOM   868  C  CG1 . ILE A 1 116 ? 5.339   4.090   14.485  1.00 74.25  ? 116 ILE A CG1 1 
ATOM   869  C  CG2 . ILE A 1 116 ? 5.162   2.539   16.430  1.00 66.38  ? 116 ILE A CG2 1 
ATOM   870  C  CD1 . ILE A 1 116 ? 4.962   5.189   15.431  1.00 77.92  ? 116 ILE A CD1 1 
ATOM   871  N  N   . LYS A 1 117 ? 4.687   -0.606  14.701  1.00 73.43  ? 117 LYS A N   1 
ATOM   872  C  CA  . LYS A 1 117 ? 4.784   -1.915  15.335  1.00 71.91  ? 117 LYS A CA  1 
ATOM   873  C  C   . LYS A 1 117 ? 5.813   -2.829  14.672  1.00 79.29  ? 117 LYS A C   1 
ATOM   874  O  O   . LYS A 1 117 ? 6.307   -3.762  15.313  1.00 77.44  ? 117 LYS A O   1 
ATOM   875  C  CB  . LYS A 1 117 ? 3.423   -2.612  15.306  1.00 79.01  ? 117 LYS A CB  1 
ATOM   876  C  CG  . LYS A 1 117 ? 2.343   -2.001  16.213  1.00 85.05  ? 117 LYS A CG  1 
ATOM   877  C  CD  . LYS A 1 117 ? 1.106   -2.918  16.299  1.00 84.16  ? 117 LYS A CD  1 
ATOM   878  C  CE  . LYS A 1 117 ? -0.209  -2.160  16.101  1.00 88.33  ? 117 LYS A CE  1 
ATOM   879  N  NZ  . LYS A 1 117 ? -0.149  -0.714  16.496  1.00 88.28  ? 117 LYS A NZ  1 
ATOM   880  N  N   . LYS A 1 118 ? 6.135   -2.604  13.401  1.00 76.38  ? 118 LYS A N   1 
ATOM   881  C  CA  . LYS A 1 118 ? 6.984   -3.537  12.682  1.00 71.03  ? 118 LYS A CA  1 
ATOM   882  C  C   . LYS A 1 118 ? 8.436   -3.431  13.144  1.00 72.61  ? 118 LYS A C   1 
ATOM   883  O  O   . LYS A 1 118 ? 8.889   -2.409  13.676  1.00 68.56  ? 118 LYS A O   1 
ATOM   884  C  CB  . LYS A 1 118 ? 6.898   -3.281  11.180  1.00 65.32  ? 118 LYS A CB  1 
ATOM   885  C  CG  . LYS A 1 118 ? 5.514   -3.480  10.569  1.00 66.79  ? 118 LYS A CG  1 
ATOM   886  C  CD  . LYS A 1 118 ? 5.062   -4.925  10.651  1.00 66.19  ? 118 LYS A CD  1 
ATOM   887  C  CE  . LYS A 1 118 ? 3.671   -5.092  10.076  1.00 57.52  ? 118 LYS A CE  1 
ATOM   888  N  NZ  . LYS A 1 118 ? 3.290   -6.534  10.052  1.00 58.35  ? 118 LYS A NZ  1 
ATOM   889  N  N   . GLU A 1 119 ? 9.173   -4.519  12.935  1.00 63.99  ? 119 GLU A N   1 
ATOM   890  C  CA  . GLU A 1 119 ? 10.610  -4.453  13.179  1.00 67.79  ? 119 GLU A CA  1 
ATOM   891  C  C   . GLU A 1 119 ? 11.345  -3.880  11.959  1.00 65.41  ? 119 GLU A C   1 
ATOM   892  O  O   . GLU A 1 119 ? 12.066  -2.882  12.080  1.00 68.01  ? 119 GLU A O   1 
ATOM   893  C  CB  . GLU A 1 119 ? 11.152  -5.840  13.577  1.00 62.92  ? 119 GLU A CB  1 
ATOM   894  C  CG  . GLU A 1 119 ? 12.638  -6.001  13.340  1.00 64.78  ? 119 GLU A CG  1 
ATOM   895  C  CD  . GLU A 1 119 ? 13.162  -7.403  13.576  1.00 69.93  ? 119 GLU A CD  1 
ATOM   896  O  OE1 . GLU A 1 119 ? 12.706  -8.348  12.904  1.00 73.11  ? 119 GLU A OE1 1 
ATOM   897  O  OE2 . GLU A 1 119 ? 14.126  -7.568  14.346  1.00 78.15  ? 119 GLU A OE2 1 
ATOM   898  N  N   . LYS A 1 120 ? 11.169  -4.479  10.772  1.00 59.87  ? 120 LYS A N   1 
ATOM   899  C  CA  . LYS A 1 120 ? 11.748  -3.934  9.536   1.00 64.29  ? 120 LYS A CA  1 
ATOM   900  C  C   . LYS A 1 120 ? 10.705  -3.915  8.417   1.00 60.13  ? 120 LYS A C   1 
ATOM   901  O  O   . LYS A 1 120 ? 10.064  -4.934  8.153   1.00 54.29  ? 120 LYS A O   1 
ATOM   902  C  CB  . LYS A 1 120 ? 12.971  -4.749  9.063   1.00 54.90  ? 120 LYS A CB  1 
ATOM   903  C  CG  . LYS A 1 120 ? 13.828  -5.358  10.159  1.00 59.82  ? 120 LYS A CG  1 
ATOM   904  C  CD  . LYS A 1 120 ? 15.214  -5.705  9.653   1.00 64.02  ? 120 LYS A CD  1 
ATOM   905  C  CE  . LYS A 1 120 ? 15.326  -7.211  9.392   1.00 68.80  ? 120 LYS A CE  1 
ATOM   906  N  NZ  . LYS A 1 120 ? 16.721  -7.609  8.989   1.00 70.99  ? 120 LYS A NZ  1 
ATOM   907  N  N   . VAL A 1 121 ? 10.558  -2.773  7.740   1.00 58.68  ? 121 VAL A N   1 
ATOM   908  C  CA  . VAL A 1 121 ? 9.703   -2.665  6.561   1.00 57.54  ? 121 VAL A CA  1 
ATOM   909  C  C   . VAL A 1 121 ? 10.529  -2.170  5.385   1.00 55.78  ? 121 VAL A C   1 
ATOM   910  O  O   . VAL A 1 121 ? 11.250  -1.174  5.506   1.00 63.13  ? 121 VAL A O   1 
ATOM   911  C  CB  . VAL A 1 121 ? 8.512   -1.718  6.779   1.00 60.02  ? 121 VAL A CB  1 
ATOM   912  C  CG1 . VAL A 1 121 ? 7.614   -1.763  5.540   1.00 59.52  ? 121 VAL A CG1 1 
ATOM   913  C  CG2 . VAL A 1 121 ? 7.745   -2.085  8.025   1.00 62.02  ? 121 VAL A CG2 1 
ATOM   914  N  N   . TYR A 1 122 ? 10.404  -2.855  4.251   1.00 55.83  ? 122 TYR A N   1 
ATOM   915  C  CA  . TYR A 1 122 ? 10.831  -2.348  2.953   1.00 58.73  ? 122 TYR A CA  1 
ATOM   916  C  C   . TYR A 1 122 ? 9.594   -1.931  2.147   1.00 53.86  ? 122 TYR A C   1 
ATOM   917  O  O   . TYR A 1 122 ? 8.724   -2.755  1.875   1.00 49.38  ? 122 TYR A O   1 
ATOM   918  C  CB  . TYR A 1 122 ? 11.641  -3.415  2.213   1.00 56.31  ? 122 TYR A CB  1 
ATOM   919  C  CG  . TYR A 1 122 ? 11.982  -3.051  0.780   1.00 57.87  ? 122 TYR A CG  1 
ATOM   920  C  CD1 . TYR A 1 122 ? 12.931  -2.076  0.501   1.00 59.61  ? 122 TYR A CD1 1 
ATOM   921  C  CD2 . TYR A 1 122 ? 11.370  -3.709  -0.302  1.00 55.97  ? 122 TYR A CD2 1 
ATOM   922  C  CE1 . TYR A 1 122 ? 13.259  -1.737  -0.813  1.00 56.27  ? 122 TYR A CE1 1 
ATOM   923  C  CE2 . TYR A 1 122 ? 11.680  -3.369  -1.616  1.00 54.18  ? 122 TYR A CE2 1 
ATOM   924  C  CZ  . TYR A 1 122 ? 12.632  -2.392  -1.867  1.00 58.90  ? 122 TYR A CZ  1 
ATOM   925  O  OH  . TYR A 1 122 ? 12.961  -2.058  -3.171  1.00 60.74  ? 122 TYR A OH  1 
ATOM   926  N  N   . LEU A 1 123 ? 9.522   -0.661  1.749   1.00 55.23  ? 123 LEU A N   1 
ATOM   927  C  CA  . LEU A 1 123 ? 8.412   -0.162  0.934   1.00 53.91  ? 123 LEU A CA  1 
ATOM   928  C  C   . LEU A 1 123 ? 8.986   0.428   -0.345  1.00 55.51  ? 123 LEU A C   1 
ATOM   929  O  O   . LEU A 1 123 ? 9.829   1.328   -0.289  1.00 61.96  ? 123 LEU A O   1 
ATOM   930  C  CB  . LEU A 1 123 ? 7.613   0.893   1.699   1.00 50.73  ? 123 LEU A CB  1 
ATOM   931  C  CG  . LEU A 1 123 ? 6.318   1.387   1.055   1.00 61.46  ? 123 LEU A CG  1 
ATOM   932  C  CD1 . LEU A 1 123 ? 5.387   0.282   0.532   1.00 54.40  ? 123 LEU A CD1 1 
ATOM   933  C  CD2 . LEU A 1 123 ? 5.600   2.387   1.961   1.00 53.22  ? 123 LEU A CD2 1 
ATOM   934  N  N   . ALA A 1 124 ? 8.553   -0.076  -1.495  1.00 52.17  ? 124 ALA A N   1 
ATOM   935  C  CA  . ALA A 1 124 ? 9.145   0.400   -2.733  1.00 55.66  ? 124 ALA A CA  1 
ATOM   936  C  C   . ALA A 1 124 ? 8.074   0.647   -3.784  1.00 55.80  ? 124 ALA A C   1 
ATOM   937  O  O   . ALA A 1 124 ? 7.034   -0.008  -3.787  1.00 59.40  ? 124 ALA A O   1 
ATOM   938  C  CB  . ALA A 1 124 ? 10.170  -0.583  -3.267  1.00 57.66  ? 124 ALA A CB  1 
ATOM   939  N  N   . TRP A 1 125 ? 8.341   1.604   -4.675  1.00 51.16  ? 125 TRP A N   1 
ATOM   940  C  CA  . TRP A 1 125 ? 7.456   1.916   -5.792  1.00 53.32  ? 125 TRP A CA  1 
ATOM   941  C  C   . TRP A 1 125 ? 7.942   1.242   -7.071  1.00 46.26  ? 125 TRP A C   1 
ATOM   942  O  O   . TRP A 1 125 ? 9.133   1.315   -7.394  1.00 60.07  ? 125 TRP A O   1 
ATOM   943  C  CB  . TRP A 1 125 ? 7.376   3.436   -6.004  1.00 57.38  ? 125 TRP A CB  1 
ATOM   944  C  CG  . TRP A 1 125 ? 6.560   3.797   -7.221  1.00 60.66  ? 125 TRP A CG  1 
ATOM   945  C  CD1 . TRP A 1 125 ? 5.196   3.778   -7.324  1.00 56.66  ? 125 TRP A CD1 1 
ATOM   946  C  CD2 . TRP A 1 125 ? 7.052   4.203   -8.506  1.00 58.43  ? 125 TRP A CD2 1 
ATOM   947  N  NE1 . TRP A 1 125 ? 4.810   4.142   -8.593  1.00 59.44  ? 125 TRP A NE1 1 
ATOM   948  C  CE2 . TRP A 1 125 ? 5.927   4.406   -9.340  1.00 65.66  ? 125 TRP A CE2 1 
ATOM   949  C  CE3 . TRP A 1 125 ? 8.328   4.402   -9.036  1.00 64.29  ? 125 TRP A CE3 1 
ATOM   950  C  CZ2 . TRP A 1 125 ? 6.046   4.820   -10.667 1.00 62.98  ? 125 TRP A CZ2 1 
ATOM   951  C  CZ3 . TRP A 1 125 ? 8.448   4.810   -10.356 1.00 65.12  ? 125 TRP A CZ3 1 
ATOM   952  C  CH2 . TRP A 1 125 ? 7.313   5.014   -11.157 1.00 66.22  ? 125 TRP A CH2 1 
ATOM   953  N  N   . VAL A 1 126 ? 7.037   0.588   -7.794  1.00 49.01  ? 126 VAL A N   1 
ATOM   954  C  CA  . VAL A 1 126 ? 7.267   0.183   -9.186  1.00 52.60  ? 126 VAL A CA  1 
ATOM   955  C  C   . VAL A 1 126 ? 6.155   0.750   -10.061 1.00 59.81  ? 126 VAL A C   1 
ATOM   956  O  O   . VAL A 1 126 ? 5.007   0.834   -9.611  1.00 58.50  ? 126 VAL A O   1 
ATOM   957  C  CB  . VAL A 1 126 ? 7.335   -1.343  -9.359  1.00 53.34  ? 126 VAL A CB  1 
ATOM   958  C  CG1 . VAL A 1 126 ? 8.142   -1.959  -8.259  1.00 60.65  ? 126 VAL A CG1 1 
ATOM   959  C  CG2 . VAL A 1 126 ? 5.942   -1.954  -9.419  1.00 56.89  ? 126 VAL A CG2 1 
ATOM   960  N  N   . PRO A 1 127 ? 6.429   1.152   -11.298 1.00 62.85  ? 127 PRO A N   1 
ATOM   961  C  CA  . PRO A 1 127 ? 5.342   1.621   -12.150 1.00 67.13  ? 127 PRO A CA  1 
ATOM   962  C  C   . PRO A 1 127 ? 4.456   0.459   -12.541 1.00 68.62  ? 127 PRO A C   1 
ATOM   963  O  O   . PRO A 1 127 ? 4.902   -0.693  -12.624 1.00 66.29  ? 127 PRO A O   1 
ATOM   964  C  CB  . PRO A 1 127 ? 6.060   2.215   -13.370 1.00 68.41  ? 127 PRO A CB  1 
ATOM   965  C  CG  . PRO A 1 127 ? 7.326   1.494   -13.436 1.00 64.12  ? 127 PRO A CG  1 
ATOM   966  C  CD  . PRO A 1 127 ? 7.725   1.202   -12.000 1.00 65.13  ? 127 PRO A CD  1 
ATOM   967  N  N   . ALA A 1 128 ? 3.177   0.773   -12.721 1.00 63.68  ? 128 ALA A N   1 
ATOM   968  C  CA  . ALA A 1 128 ? 2.254   -0.150  -13.345 1.00 77.65  ? 128 ALA A CA  1 
ATOM   969  C  C   . ALA A 1 128 ? 2.875   -0.674  -14.623 1.00 74.50  ? 128 ALA A C   1 
ATOM   970  O  O   . ALA A 1 128 ? 3.452   0.081   -15.406 1.00 80.51  ? 128 ALA A O   1 
ATOM   971  C  CB  . ALA A 1 128 ? 0.934   0.551   -13.642 1.00 111.12 ? 128 ALA A CB  1 
ATOM   972  N  N   . HIS A 1 129 ? 2.796   -1.978  -14.804 1.00 80.51  ? 129 HIS A N   1 
ATOM   973  C  CA  . HIS A 1 129 ? 3.411   -2.615  -15.958 1.00 83.70  ? 129 HIS A CA  1 
ATOM   974  C  C   . HIS A 1 129 ? 2.717   -3.951  -16.143 1.00 84.61  ? 129 HIS A C   1 
ATOM   975  O  O   . HIS A 1 129 ? 1.960   -4.399  -15.276 1.00 85.68  ? 129 HIS A O   1 
ATOM   976  C  CB  . HIS A 1 129 ? 4.918   -2.787  -15.766 1.00 74.48  ? 129 HIS A CB  1 
ATOM   977  C  CG  . HIS A 1 129 ? 5.271   -3.586  -14.551 1.00 71.64  ? 129 HIS A CG  1 
ATOM   978  N  ND1 . HIS A 1 129 ? 5.187   -3.074  -13.274 1.00 65.51  ? 129 HIS A ND1 1 
ATOM   979  C  CD2 . HIS A 1 129 ? 5.678   -4.874  -14.418 1.00 64.53  ? 129 HIS A CD2 1 
ATOM   980  C  CE1 . HIS A 1 129 ? 5.552   -4.005  -12.408 1.00 68.58  ? 129 HIS A CE1 1 
ATOM   981  N  NE2 . HIS A 1 129 ? 5.856   -5.103  -13.076 1.00 59.29  ? 129 HIS A NE2 1 
ATOM   982  N  N   . LYS A 1 130 ? 2.978   -4.582  -17.288 1.00 90.27  ? 130 LYS A N   1 
ATOM   983  C  CA  . LYS A 1 130 ? 2.400   -5.885  -17.580 1.00 93.22  ? 130 LYS A CA  1 
ATOM   984  C  C   . LYS A 1 130 ? 3.482   -6.960  -17.472 1.00 90.07  ? 130 LYS A C   1 
ATOM   985  O  O   . LYS A 1 130 ? 4.632   -6.697  -17.088 1.00 86.22  ? 130 LYS A O   1 
ATOM   986  C  CB  . LYS A 1 130 ? 1.705   -5.886  -18.947 1.00 104.62 ? 130 LYS A CB  1 
ATOM   987  C  CG  . LYS A 1 130 ? 0.248   -6.441  -18.940 1.00 110.61 ? 130 LYS A CG  1 
ATOM   988  C  CD  . LYS A 1 130 ? 0.088   -7.758  -18.157 1.00 96.42  ? 130 LYS A CD  1 
ATOM   989  C  CE  . LYS A 1 130 ? -0.537  -7.607  -16.760 1.00 93.92  ? 130 LYS A CE  1 
ATOM   990  N  NZ  . LYS A 1 130 ? -1.983  -7.964  -16.660 1.00 93.99  ? 130 LYS A NZ  1 
ATOM   991  N  N   . GLY A 1 131 ? 3.105   -8.174  -17.811 1.00 87.03  ? 131 GLY A N   1 
ATOM   992  C  CA  . GLY A 1 131 ? 3.820   -9.360  -17.425 1.00 86.20  ? 131 GLY A CA  1 
ATOM   993  C  C   . GLY A 1 131 ? 2.942   -10.220 -16.547 1.00 84.14  ? 131 GLY A C   1 
ATOM   994  O  O   . GLY A 1 131 ? 1.736   -9.992  -16.404 1.00 85.53  ? 131 GLY A O   1 
ATOM   995  N  N   . ILE A 1 132 ? 3.565   -11.225 -15.945 1.00 83.28  ? 132 ILE A N   1 
ATOM   996  C  CA  . ILE A 1 132 ? 2.849   -12.168 -15.102 1.00 79.59  ? 132 ILE A CA  1 
ATOM   997  C  C   . ILE A 1 132 ? 3.490   -12.133 -13.721 1.00 79.53  ? 132 ILE A C   1 
ATOM   998  O  O   . ILE A 1 132 ? 3.411   -13.101 -12.957 1.00 80.20  ? 132 ILE A O   1 
ATOM   999  C  CB  . ILE A 1 132 ? 2.863   -13.580 -15.716 1.00 85.73  ? 132 ILE A CB  1 
ATOM   1000 C  CG1 . ILE A 1 132 ? 4.283   -13.943 -16.170 1.00 89.89  ? 132 ILE A CG1 1 
ATOM   1001 C  CG2 . ILE A 1 132 ? 1.869   -13.669 -16.886 1.00 83.64  ? 132 ILE A CG2 1 
ATOM   1002 C  CD1 . ILE A 1 132 ? 4.421   -15.352 -16.727 1.00 90.95  ? 132 ILE A CD1 1 
ATOM   1003 N  N   . GLY A 1 133 ? 4.137   -11.013 -13.401 1.00 75.66  ? 133 GLY A N   1 
ATOM   1004 C  CA  . GLY A 1 133 ? 4.720   -10.806 -12.091 1.00 70.68  ? 133 GLY A CA  1 
ATOM   1005 C  C   . GLY A 1 133 ? 3.695   -10.349 -11.065 1.00 68.68  ? 133 GLY A C   1 
ATOM   1006 O  O   . GLY A 1 133 ? 2.490   -10.280 -11.326 1.00 63.68  ? 133 GLY A O   1 
ATOM   1007 N  N   . GLY A 1 134 ? 4.206   -9.994  -9.880  1.00 65.19  ? 134 GLY A N   1 
ATOM   1008 C  CA  . GLY A 1 134 ? 3.330   -9.745  -8.734  1.00 60.74  ? 134 GLY A CA  1 
ATOM   1009 C  C   . GLY A 1 134 ? 2.363   -8.585  -8.928  1.00 65.26  ? 134 GLY A C   1 
ATOM   1010 O  O   . GLY A 1 134 ? 1.148   -8.750  -8.761  1.00 62.86  ? 134 GLY A O   1 
ATOM   1011 N  N   . ASN A 1 135 ? 2.888   -7.382  -9.241  1.00 62.40  ? 135 ASN A N   1 
ATOM   1012 C  CA  . ASN A 1 135 ? 2.025   -6.204  -9.401  1.00 56.95  ? 135 ASN A CA  1 
ATOM   1013 C  C   . ASN A 1 135 ? 0.950   -6.426  -10.454 1.00 68.03  ? 135 ASN A C   1 
ATOM   1014 O  O   . ASN A 1 135 ? -0.142  -5.834  -10.372 1.00 65.75  ? 135 ASN A O   1 
ATOM   1015 C  CB  . ASN A 1 135 ? 2.850   -4.977  -9.789  1.00 64.97  ? 135 ASN A CB  1 
ATOM   1016 C  CG  . ASN A 1 135 ? 1.981   -3.773  -10.184 1.00 60.62  ? 135 ASN A CG  1 
ATOM   1017 O  OD1 . ASN A 1 135 ? 1.793   -3.471  -11.369 1.00 57.89  ? 135 ASN A OD1 1 
ATOM   1018 N  ND2 . ASN A 1 135 ? 1.453   -3.080  -9.176  1.00 58.02  ? 135 ASN A ND2 1 
ATOM   1019 N  N   . GLU A 1 136 ? 1.241   -7.267  -11.445 1.00 59.51  ? 136 GLU A N   1 
ATOM   1020 C  CA  . GLU A 1 136 ? 0.312   -7.496  -12.538 1.00 66.41  ? 136 GLU A CA  1 
ATOM   1021 C  C   . GLU A 1 136 ? -0.873  -8.348  -12.083 1.00 68.00  ? 136 GLU A C   1 
ATOM   1022 O  O   . GLU A 1 136 ? -2.010  -8.102  -12.505 1.00 69.40  ? 136 GLU A O   1 
ATOM   1023 C  CB  . GLU A 1 136 ? 1.058   -8.151  -13.709 1.00 76.15  ? 136 GLU A CB  1 
ATOM   1024 C  CG  . GLU A 1 136 ? 2.279   -7.355  -14.241 1.00 73.72  ? 136 GLU A CG  1 
ATOM   1025 C  CD  . GLU A 1 136 ? 3.637   -7.824  -13.679 1.00 72.54  ? 136 GLU A CD  1 
ATOM   1026 O  OE1 . GLU A 1 136 ? 3.847   -7.758  -12.446 1.00 61.31  ? 136 GLU A OE1 1 
ATOM   1027 O  OE2 . GLU A 1 136 ? 4.502   -8.253  -14.482 1.00 70.85  ? 136 GLU A OE2 1 
ATOM   1028 N  N   . GLN A 1 137 ? -0.628  -9.343  -11.208 1.00 58.51  ? 137 GLN A N   1 
ATOM   1029 C  CA  . GLN A 1 137 ? -1.719  -10.175 -10.699 1.00 67.78  ? 137 GLN A CA  1 
ATOM   1030 C  C   . GLN A 1 137 ? -2.657  -9.384  -9.793  1.00 62.90  ? 137 GLN A C   1 
ATOM   1031 O  O   . GLN A 1 137 ? -3.876  -9.463  -9.944  1.00 59.72  ? 137 GLN A O   1 
ATOM   1032 C  CB  . GLN A 1 137 ? -1.185  -11.385 -9.934  1.00 63.37  ? 137 GLN A CB  1 
ATOM   1033 C  CG  . GLN A 1 137 ? 0.174   -11.838 -10.345 1.00 75.32  ? 137 GLN A CG  1 
ATOM   1034 C  CD  . GLN A 1 137 ? 0.369   -13.327 -10.205 1.00 77.16  ? 137 GLN A CD  1 
ATOM   1035 O  OE1 . GLN A 1 137 ? -0.076  -13.937 -9.227  1.00 83.05  ? 137 GLN A OE1 1 
ATOM   1036 N  NE2 . GLN A 1 137 ? 1.053   -13.922 -11.176 1.00 77.79  ? 137 GLN A NE2 1 
ATOM   1037 N  N   . VAL A 1 138 ? -2.105  -8.637  -8.829  1.00 60.90  ? 138 VAL A N   1 
ATOM   1038 C  CA  . VAL A 1 138 ? -2.943  -7.845  -7.931  1.00 66.32  ? 138 VAL A CA  1 
ATOM   1039 C  C   . VAL A 1 138 ? -3.653  -6.698  -8.677  1.00 67.13  ? 138 VAL A C   1 
ATOM   1040 O  O   . VAL A 1 138 ? -4.773  -6.313  -8.299  1.00 70.14  ? 138 VAL A O   1 
ATOM   1041 C  CB  . VAL A 1 138 ? -2.119  -7.334  -6.730  1.00 63.38  ? 138 VAL A CB  1 
ATOM   1042 C  CG1 . VAL A 1 138 ? -1.052  -6.280  -7.149  1.00 53.80  ? 138 VAL A CG1 1 
ATOM   1043 C  CG2 . VAL A 1 138 ? -3.063  -6.796  -5.649  1.00 56.09  ? 138 VAL A CG2 1 
ATOM   1044 N  N   . ASP A 1 139 ? -3.041  -6.141  -9.730  1.00 61.87  ? 139 ASP A N   1 
ATOM   1045 C  CA  . ASP A 1 139 ? -3.732  -5.141  -10.551 1.00 70.92  ? 139 ASP A CA  1 
ATOM   1046 C  C   . ASP A 1 139 ? -5.068  -5.655  -11.070 1.00 72.01  ? 139 ASP A C   1 
ATOM   1047 O  O   . ASP A 1 139 ? -6.104  -5.005  -10.899 1.00 62.22  ? 139 ASP A O   1 
ATOM   1048 C  CB  . ASP A 1 139 ? -2.907  -4.721  -11.761 1.00 69.31  ? 139 ASP A CB  1 
ATOM   1049 C  CG  . ASP A 1 139 ? -3.507  -3.523  -12.470 1.00 87.79  ? 139 ASP A CG  1 
ATOM   1050 O  OD1 . ASP A 1 139 ? -3.923  -2.557  -11.798 1.00 96.15  ? 139 ASP A OD1 1 
ATOM   1051 O  OD2 . ASP A 1 139 ? -3.673  -3.595  -13.708 1.00 103.69 ? 139 ASP A OD2 1 
ATOM   1052 N  N   . LYS A 1 140 ? -5.041  -6.791  -11.778 1.00 72.72  ? 140 LYS A N   1 
ATOM   1053 C  CA  . LYS A 1 140 ? -6.257  -7.285  -12.411 1.00 74.30  ? 140 LYS A CA  1 
ATOM   1054 C  C   . LYS A 1 140 ? -7.231  -7.838  -11.386 1.00 73.17  ? 140 LYS A C   1 
ATOM   1055 O  O   . LYS A 1 140 ? -8.441  -7.842  -11.642 1.00 68.86  ? 140 LYS A O   1 
ATOM   1056 C  CB  . LYS A 1 140 ? -5.935  -8.343  -13.475 1.00 76.61  ? 140 LYS A CB  1 
ATOM   1057 C  CG  . LYS A 1 140 ? -6.439  -7.908  -14.848 1.00 90.31  ? 140 LYS A CG  1 
ATOM   1058 C  CD  . LYS A 1 140 ? -6.524  -9.025  -15.867 1.00 91.12  ? 140 LYS A CD  1 
ATOM   1059 C  CE  . LYS A 1 140 ? -5.926  -8.600  -17.204 1.00 97.47  ? 140 LYS A CE  1 
ATOM   1060 N  NZ  . LYS A 1 140 ? -6.008  -9.683  -18.236 1.00 95.42  ? 140 LYS A NZ  1 
ATOM   1061 N  N   . LEU A 1 141 ? -6.729  -8.288  -10.230 1.00 63.47  ? 141 LEU A N   1 
ATOM   1062 C  CA  . LEU A 1 141 ? -7.609  -8.718  -9.145  1.00 70.27  ? 141 LEU A CA  1 
ATOM   1063 C  C   . LEU A 1 141 ? -8.424  -7.546  -8.588  1.00 66.29  ? 141 LEU A C   1 
ATOM   1064 O  O   . LEU A 1 141 ? -9.623  -7.680  -8.322  1.00 67.55  ? 141 LEU A O   1 
ATOM   1065 C  CB  . LEU A 1 141 ? -6.772  -9.378  -8.045  1.00 65.76  ? 141 LEU A CB  1 
ATOM   1066 C  CG  . LEU A 1 141 ? -7.268  -10.665 -7.389  1.00 71.51  ? 141 LEU A CG  1 
ATOM   1067 C  CD1 . LEU A 1 141 ? -7.525  -11.716 -8.445  1.00 70.78  ? 141 LEU A CD1 1 
ATOM   1068 C  CD2 . LEU A 1 141 ? -6.249  -11.178 -6.386  1.00 67.28  ? 141 LEU A CD2 1 
ATOM   1069 N  N   . VAL A 1 142 ? -7.799  -6.384  -8.406  1.00 66.67  ? 142 VAL A N   1 
ATOM   1070 C  CA  . VAL A 1 142 ? -8.550  -5.245  -7.887  1.00 70.89  ? 142 VAL A CA  1 
ATOM   1071 C  C   . VAL A 1 142 ? -9.217  -4.459  -9.004  1.00 66.30  ? 142 VAL A C   1 
ATOM   1072 O  O   . VAL A 1 142 ? -10.159 -3.705  -8.729  1.00 61.55  ? 142 VAL A O   1 
ATOM   1073 C  CB  . VAL A 1 142 ? -7.671  -4.310  -7.033  1.00 60.71  ? 142 VAL A CB  1 
ATOM   1074 C  CG1 . VAL A 1 142 ? -6.983  -5.102  -5.923  1.00 56.14  ? 142 VAL A CG1 1 
ATOM   1075 C  CG2 . VAL A 1 142 ? -6.669  -3.547  -7.901  1.00 59.58  ? 142 VAL A CG2 1 
ATOM   1076 N  N   . SER A 1 143 ? -8.771  -4.629  -10.258 1.00 65.01  ? 143 SER A N   1 
ATOM   1077 C  CA  . SER A 1 143 ? -9.422  -3.981  -11.397 1.00 72.15  ? 143 SER A CA  1 
ATOM   1078 C  C   . SER A 1 143 ? -10.726 -4.675  -11.808 1.00 68.53  ? 143 SER A C   1 
ATOM   1079 O  O   . SER A 1 143 ? -11.487 -4.107  -12.606 1.00 62.11  ? 143 SER A O   1 
ATOM   1080 C  CB  . SER A 1 143 ? -8.464  -3.901  -12.601 1.00 71.92  ? 143 SER A CB  1 
ATOM   1081 O  OG  . SER A 1 143 ? -7.469  -2.883  -12.441 1.00 75.92  ? 143 SER A OG  1 
ATOM   1082 N  N   . ALA A 1 144 ? -11.007 -5.862  -11.267 1.00 64.55  ? 144 ALA A N   1 
ATOM   1083 C  CA  . ALA A 1 144 ? -12.161 -6.650  -11.696 1.00 68.94  ? 144 ALA A CA  1 
ATOM   1084 C  C   . ALA A 1 144 ? -13.458 -5.943  -11.314 1.00 65.49  ? 144 ALA A C   1 
ATOM   1085 O  O   . ALA A 1 144 ? -13.749 -5.767  -10.125 1.00 62.84  ? 144 ALA A O   1 
ATOM   1086 C  CB  . ALA A 1 144 ? -12.111 -8.051  -11.080 1.00 62.73  ? 144 ALA A CB  1 
ATOM   1087 N  N   . GLY A 1 145 ? -14.236 -5.544  -12.326 1.00 65.05  ? 145 GLY A N   1 
ATOM   1088 C  CA  . GLY A 1 145 ? -15.491 -4.847  -12.117 1.00 70.44  ? 145 GLY A CA  1 
ATOM   1089 C  C   . GLY A 1 145 ? -15.340 -3.396  -11.720 1.00 69.02  ? 145 GLY A C   1 
ATOM   1090 O  O   . GLY A 1 145 ? -16.345 -2.739  -11.435 1.00 64.52  ? 145 GLY A O   1 
ATOM   1091 N  N   . ILE A 1 146 ? -14.115 -2.882  -11.697 1.00 64.96  ? 146 ILE A N   1 
ATOM   1092 C  CA  . ILE A 1 146 ? -13.834 -1.508  -11.313 1.00 66.39  ? 146 ILE A CA  1 
ATOM   1093 C  C   . ILE A 1 146 ? -13.395 -0.671  -12.515 1.00 67.04  ? 146 ILE A C   1 
ATOM   1094 O  O   . ILE A 1 146 ? -13.901 0.431   -12.722 1.00 69.98  ? 146 ILE A O   1 
ATOM   1095 C  CB  . ILE A 1 146 ? -12.783 -1.453  -10.182 1.00 60.48  ? 146 ILE A CB  1 
ATOM   1096 C  CG1 . ILE A 1 146 ? -13.192 -2.344  -9.001  1.00 56.61  ? 146 ILE A CG1 1 
ATOM   1097 C  CG2 . ILE A 1 146 ? -12.591 -0.014  -9.733  1.00 60.87  ? 146 ILE A CG2 1 
ATOM   1098 C  CD1 . ILE A 1 146 ? -14.447 -1.864  -8.230  1.00 59.03  ? 146 ILE A CD1 1 
ATOM   1099 N  N   . ARG A 1 147 ? -12.453 -1.182  -13.319 1.00 70.69  ? 147 ARG A N   1 
ATOM   1100 C  CA  . ARG A 1 147 ? -12.006 -0.513  -14.541 1.00 76.61  ? 147 ARG A CA  1 
ATOM   1101 C  C   . ARG A 1 147 ? -11.680 -1.549  -15.612 1.00 80.01  ? 147 ARG A C   1 
ATOM   1102 O  O   . ARG A 1 147 ? -11.351 -2.697  -15.299 1.00 80.01  ? 147 ARG A O   1 
ATOM   1103 C  CB  . ARG A 1 147 ? -10.760 0.326   -14.302 1.00 80.35  ? 147 ARG A CB  1 
ATOM   1104 C  CG  . ARG A 1 147 ? -9.782  -0.386  -13.385 1.00 82.72  ? 147 ARG A CG  1 
ATOM   1105 C  CD  . ARG A 1 147 ? -8.552  0.451   -13.062 1.00 92.03  ? 147 ARG A CD  1 
ATOM   1106 N  NE  . ARG A 1 147 ? -8.894  1.660   -12.321 1.00 88.72  ? 147 ARG A NE  1 
ATOM   1107 C  CZ  . ARG A 1 147 ? -8.122  2.208   -11.391 1.00 92.23  ? 147 ARG A CZ  1 
ATOM   1108 N  NH1 . ARG A 1 147 ? -6.973  1.648   -11.023 1.00 90.57  ? 147 ARG A NH1 1 
ATOM   1109 N  NH2 . ARG A 1 147 ? -8.507  3.345   -10.812 1.00 83.80  ? 147 ARG A NH2 1 
ATOM   1110 N  N   . LYS A 1 148 ? -11.762 -1.131  -16.880 1.00 84.21  ? 148 LYS A N   1 
ATOM   1111 C  CA  . LYS A 1 148 ? -11.248 -1.949  -17.976 1.00 86.99  ? 148 LYS A CA  1 
ATOM   1112 C  C   . LYS A 1 148 ? -9.729  -1.799  -18.079 1.00 92.81  ? 148 LYS A C   1 
ATOM   1113 O  O   . LYS A 1 148 ? -9.197  -0.686  -17.994 1.00 86.08  ? 148 LYS A O   1 
ATOM   1114 C  CB  . LYS A 1 148 ? -11.898 -1.558  -19.309 1.00 84.58  ? 148 LYS A CB  1 
ATOM   1115 C  CG  . LYS A 1 148 ? -11.551 -2.503  -20.484 1.00 91.05  ? 148 LYS A CG  1 
ATOM   1116 C  CD  . LYS A 1 148 ? -12.579 -2.452  -21.607 1.00 90.37  ? 148 LYS A CD  1 
ATOM   1117 C  CE  . LYS A 1 148 ? -12.075 -1.599  -22.761 1.00 91.70  ? 148 LYS A CE  1 
ATOM   1118 N  NZ  . LYS A 1 148 ? -13.174 -0.909  -23.490 1.00 95.74  ? 148 LYS A NZ  1 
ATOM   1119 N  N   . VAL A 1 149 ? -9.033  -2.929  -18.273 1.00 95.81  ? 149 VAL A N   1 
ATOM   1120 C  CA  . VAL A 1 149 ? -7.564  -2.944  -18.364 1.00 102.70 ? 149 VAL A CA  1 
ATOM   1121 C  C   . VAL A 1 149 ? -7.071  -3.622  -19.651 1.00 97.84  ? 149 VAL A C   1 
ATOM   1122 O  O   . VAL A 1 149 ? -7.702  -3.531  -20.707 1.00 90.98  ? 149 VAL A O   1 
ATOM   1123 C  CB  . VAL A 1 149 ? -6.922  -3.633  -17.112 1.00 107.54 ? 149 VAL A CB  1 
ATOM   1124 C  CG1 . VAL A 1 149 ? -6.674  -2.619  -15.987 1.00 107.17 ? 149 VAL A CG1 1 
ATOM   1125 C  CG2 . VAL A 1 149 ? -7.773  -4.799  -16.624 1.00 96.75  ? 149 VAL A CG2 1 
HETATM 1126 MN MN  . MN  B 2 .   ? -2.202  0.808   -8.273  1.00 51.77  ? 201 MN  A MN  1 
HETATM 1127 MN MN  . MN  C 2 .   ? -2.356  -1.341  -10.494 1.00 87.38  ? 202 MN  A MN  1 
HETATM 1128 N  N   . V96 D 3 .   ? -0.289  -2.504  -16.903 1.00 200.32 ? 203 V96 A N   1 
HETATM 1129 C  CA  . V96 D 3 .   ? -1.591  -3.029  -17.346 1.00 201.76 ? 203 V96 A CA  1 
HETATM 1130 C  C   . V96 D 3 .   ? -1.815  -2.599  -18.799 1.00 201.80 ? 203 V96 A C   1 
HETATM 1131 O  O   . V96 D 3 .   ? -0.834  -2.130  -19.412 1.00 200.08 ? 203 V96 A O   1 
HETATM 1132 C  CB  . V96 D 3 .   ? -2.720  -2.537  -16.413 1.00 202.15 ? 203 V96 A CB  1 
HETATM 1133 C  CG  . V96 D 3 .   ? -2.816  -1.140  -16.309 1.00 204.60 ? 203 V96 A CG  1 
HETATM 1134 C  CD1 . V96 D 3 .   ? -2.595  -0.547  -15.061 1.00 202.71 ? 203 V96 A CD1 1 
HETATM 1135 C  CD2 . V96 D 3 .   ? -3.170  -0.341  -17.386 1.00 202.75 ? 203 V96 A CD2 1 
HETATM 1136 O  OXT . V96 D 3 .   ? -2.970  -2.741  -19.259 1.00 201.89 ? 203 V96 A OXT 1 
HETATM 1137 C  CAA . V96 D 3 .   ? -0.290  7.033   -8.927  1.00 195.75 ? 203 V96 A CAA 1 
HETATM 1138 C  CAB . V96 D 3 .   ? -0.496  6.079   -7.951  1.00 194.13 ? 203 V96 A CAB 1 
HETATM 1139 C  CAC . V96 D 3 .   ? -0.897  4.801   -8.245  1.00 195.27 ? 203 V96 A CAC 1 
HETATM 1140 C  CAD . V96 D 3 .   ? -1.108  4.423   -9.552  1.00 195.32 ? 203 V96 A CAD 1 
HETATM 1141 C  CAE . V96 D 3 .   ? -0.953  5.308   -10.622 1.00 210.26 ? 203 V96 A CAE 1 
HETATM 1142 C  CAF . V96 D 3 .   ? -0.498  6.667   -10.313 1.00 210.10 ? 203 V96 A CAF 1 
HETATM 1143 C  CAG . V96 D 3 .   ? -1.504  3.108   -9.701  1.00 197.12 ? 203 V96 A CAG 1 
HETATM 1144 C  CAH . V96 D 3 .   ? -1.768  2.546   -10.928 1.00 197.57 ? 203 V96 A CAH 1 
HETATM 1145 C  CAI . V96 D 3 .   ? -1.630  3.333   -12.036 1.00 210.77 ? 203 V96 A CAI 1 
HETATM 1146 C  CAJ . V96 D 3 .   ? -1.223  4.684   -11.898 1.00 214.28 ? 203 V96 A CAJ 1 
HETATM 1147 C  CAK . V96 D 3 .   ? -2.169  1.225   -11.093 1.00 199.36 ? 203 V96 A CAK 1 
HETATM 1148 C  CAL . V96 D 3 .   ? -2.397  0.647   -12.334 1.00 199.79 ? 203 V96 A CAL 1 
HETATM 1149 C  CAM . V96 D 3 .   ? -2.371  1.407   -13.521 1.00 207.56 ? 203 V96 A CAM 1 
HETATM 1150 C  CAN . V96 D 3 .   ? -1.904  2.740   -13.293 1.00 215.12 ? 203 V96 A CAN 1 
HETATM 1151 C  CAQ . V96 D 3 .   ? -0.326  7.655   -11.321 1.00 211.39 ? 203 V96 A CAQ 1 
HETATM 1152 C  CAT . V96 D 3 .   ? 0.112   8.245   -8.291  1.00 193.02 ? 203 V96 A CAT 1 
HETATM 1153 C  CBA . V96 D 3 .   ? -2.571  0.840   -14.835 1.00 208.40 ? 203 V96 A CBA 1 
HETATM 1154 C  CBE . V96 D 3 .   ? -3.237  1.025   -17.210 1.00 202.86 ? 203 V96 A CBE 1 
HETATM 1155 C  CBF . V96 D 3 .   ? -2.979  1.587   -15.963 1.00 214.77 ? 203 V96 A CBF 1 
HETATM 1156 O  OAO . V96 D 3 .   ? -1.749  3.564   -14.360 1.00 219.22 ? 203 V96 A OAO 1 
HETATM 1157 O  OAP . V96 D 3 .   ? -1.132  5.284   -12.959 1.00 219.80 ? 203 V96 A OAP 1 
HETATM 1158 O  OAR . V96 D 3 .   ? 0.139   8.782   -11.097 1.00 202.10 ? 203 V96 A OAR 1 
HETATM 1159 O  OAS . V96 D 3 .   ? -0.810  7.541   -12.453 1.00 218.01 ? 203 V96 A OAS 1 
HETATM 1160 O  OAU . V96 D 3 .   ? 0.369   9.320   -8.858  1.00 193.19 ? 203 V96 A OAU 1 
HETATM 1161 O  OAV . V96 D 3 .   ? 0.286   8.252   -7.054  1.00 193.77 ? 203 V96 A OAV 1 
HETATM 1162 O  OAW . V96 D 3 .   ? -0.285  6.480   -6.668  1.00 194.50 ? 203 V96 A OAW 1 
HETATM 1163 O  OAX . V96 D 3 .   ? -1.611  2.435   -8.701  1.00 198.51 ? 203 V96 A OAX 1 
HETATM 1164 O  OAY . V96 D 3 .   ? -2.309  0.437   -10.004 1.00 200.22 ? 203 V96 A OAY 1 
HETATM 1165 O  OAZ . V96 D 3 .   ? -2.819  -0.651  -12.312 1.00 201.14 ? 203 V96 A OAZ 1 
HETATM 1166 O  OBM . V96 D 3 .   ? -3.070  2.933   -15.850 1.00 219.12 ? 203 V96 A OBM 1 
HETATM 1167 ZN ZN  . ZN  E 4 .   ? 5.821   -7.233  -12.246 1.00 56.30  ? 204 ZN  A ZN  1 
HETATM 1168 ZN ZN  . ZN  F 4 .   ? 13.377  -9.987  12.573  1.00 63.25  ? 205 ZN  A ZN  1 
HETATM 1169 O  O   . HOH G 5 .   ? 0.320   -0.747  -5.532  1.00 59.79  ? 301 HOH A O   1 
HETATM 1170 O  O   . HOH G 5 .   ? 6.585   8.466   -3.898  1.00 63.16  ? 302 HOH A O   1 
HETATM 1171 O  O   . HOH G 5 .   ? 6.916   -9.965  -9.705  1.00 60.03  ? 303 HOH A O   1 
HETATM 1172 O  O   . HOH G 5 .   ? 18.382  -1.171  4.744   1.00 70.21  ? 304 HOH A O   1 
HETATM 1173 O  O   . HOH G 5 .   ? 13.055  -0.840  8.662   1.00 65.11  ? 305 HOH A O   1 
HETATM 1174 O  O   . HOH G 5 .   ? 18.468  -6.829  -0.379  1.00 63.71  ? 306 HOH A O   1 
HETATM 1175 O  O   . HOH G 5 .   ? 11.742  1.036   2.064   1.00 64.96  ? 307 HOH A O   1 
HETATM 1176 O  O   . HOH G 5 .   ? 14.894  -9.984  10.935  1.00 53.43  ? 308 HOH A O   1 
HETATM 1177 O  O   . HOH G 5 .   ? 5.990   -6.763  -10.061 1.00 48.88  ? 309 HOH A O   1 
HETATM 1178 O  O   . HOH G 5 .   ? -5.292  1.215   13.072  1.00 76.36  ? 310 HOH A O   1 
HETATM 1179 O  O   . HOH G 5 .   ? -7.873  9.797   -6.241  1.00 60.92  ? 311 HOH A O   1 
# 
